data_7YZV
# 
_entry.id   7YZV 
# 
_audit_conform.dict_name       mmcif_pdbx.dic 
_audit_conform.dict_version    5.398 
_audit_conform.dict_location   http://mmcif.pdb.org/dictionaries/ascii/mmcif_pdbx.dic 
# 
loop_
_database_2.database_id 
_database_2.database_code 
_database_2.pdbx_database_accession 
_database_2.pdbx_DOI 
PDB   7YZV         pdb_00007yzv 10.2210/pdb7yzv/pdb 
WWPDB D_1292121295 ?            ?                   
# 
loop_
_pdbx_audit_revision_history.ordinal 
_pdbx_audit_revision_history.data_content_type 
_pdbx_audit_revision_history.major_revision 
_pdbx_audit_revision_history.minor_revision 
_pdbx_audit_revision_history.revision_date 
1 'Structure model' 1 0 2022-03-02 
2 'Structure model' 1 1 2023-04-05 
3 'Structure model' 1 2 2024-02-07 
4 'Structure model' 1 3 2024-11-06 
# 
_pdbx_audit_revision_details.ordinal             1 
_pdbx_audit_revision_details.revision_ordinal    1 
_pdbx_audit_revision_details.data_content_type   'Structure model' 
_pdbx_audit_revision_details.provider            repository 
_pdbx_audit_revision_details.type                'Initial release' 
_pdbx_audit_revision_details.description         ? 
_pdbx_audit_revision_details.details             ? 
# 
loop_
_pdbx_audit_revision_group.ordinal 
_pdbx_audit_revision_group.revision_ordinal 
_pdbx_audit_revision_group.data_content_type 
_pdbx_audit_revision_group.group 
1 2 'Structure model' 'Database references'    
2 3 'Structure model' 'Data collection'        
3 3 'Structure model' 'Refinement description' 
4 4 'Structure model' 'Structure summary'      
# 
loop_
_pdbx_audit_revision_category.ordinal 
_pdbx_audit_revision_category.revision_ordinal 
_pdbx_audit_revision_category.data_content_type 
_pdbx_audit_revision_category.category 
1 2 'Structure model' citation                      
2 2 'Structure model' citation_author               
3 3 'Structure model' chem_comp_atom                
4 3 'Structure model' chem_comp_bond                
5 3 'Structure model' pdbx_initial_refinement_model 
6 4 'Structure model' pdbx_entry_details            
7 4 'Structure model' pdbx_modification_feature     
# 
loop_
_pdbx_audit_revision_item.ordinal 
_pdbx_audit_revision_item.revision_ordinal 
_pdbx_audit_revision_item.data_content_type 
_pdbx_audit_revision_item.item 
1 2 'Structure model' '_citation.country'                 
2 2 'Structure model' '_citation.journal_abbrev'          
3 2 'Structure model' '_citation.journal_id_CSD'          
4 2 'Structure model' '_citation.journal_id_ISSN'         
5 2 'Structure model' '_citation.journal_volume'          
6 2 'Structure model' '_citation.pdbx_database_id_DOI'    
7 2 'Structure model' '_citation.pdbx_database_id_PubMed' 
8 2 'Structure model' '_citation.title'                   
9 2 'Structure model' '_citation.year'                    
# 
_pdbx_database_status.status_code                     REL 
_pdbx_database_status.status_code_sf                  REL 
_pdbx_database_status.status_code_mr                  ? 
_pdbx_database_status.entry_id                        7YZV 
_pdbx_database_status.recvd_initial_deposition_date   2022-02-21 
_pdbx_database_status.SG_entry                        N 
_pdbx_database_status.deposit_site                    PDBE 
_pdbx_database_status.process_site                    PDBE 
_pdbx_database_status.status_code_cs                  ? 
_pdbx_database_status.status_code_nmr_data            ? 
_pdbx_database_status.methods_development_category    ? 
_pdbx_database_status.pdb_format_compatible           Y 
# 
loop_
_pdbx_database_related.db_name 
_pdbx_database_related.details 
_pdbx_database_related.db_id 
_pdbx_database_related.content_type 
PDB 'native protein fused with VPg' 6FF0 unspecified 
PDB 'native protein'                6FEZ unspecified 
# 
_pdbx_contact_author.id                 2 
_pdbx_contact_author.email              gints@biomed.lu.lv 
_pdbx_contact_author.name_first         Gints 
_pdbx_contact_author.name_last          Kalnins 
_pdbx_contact_author.name_mi            ? 
_pdbx_contact_author.role               'principal investigator/group leader' 
_pdbx_contact_author.identifier_ORCID   0000-0002-9593-6308 
# 
_audit_author.name               'Kalnins, G.' 
_audit_author.pdbx_ordinal       1 
_audit_author.identifier_ORCID   0000-0002-9593-6308 
# 
_citation.abstract                  ? 
_citation.abstract_id_CAS           ? 
_citation.book_id_ISBN              ? 
_citation.book_publisher            ? 
_citation.book_publisher_city       ? 
_citation.book_title                ? 
_citation.coordinate_linkage        ? 
_citation.country                   CH 
_citation.database_id_Medline       ? 
_citation.details                   ? 
_citation.id                        primary 
_citation.journal_abbrev            'Int J Mol Sci' 
_citation.journal_id_ASTM           ? 
_citation.journal_id_CSD            ? 
_citation.journal_id_ISSN           1422-0067 
_citation.journal_full              ? 
_citation.journal_issue             ? 
_citation.journal_volume            24 
_citation.language                  ? 
_citation.page_first                ? 
_citation.page_last                 ? 
_citation.title                     'VPg Impact on Ryegrass Mottle Virus Serine-like 3C Protease Proteolysis and Structure.' 
_citation.year                      2023 
_citation.database_id_CSD           ? 
_citation.pdbx_database_id_DOI      10.3390/ijms24065347 
_citation.pdbx_database_id_PubMed   36982419 
_citation.pdbx_database_id_patent   ? 
_citation.unpublished_flag          ? 
# 
loop_
_citation_author.citation_id 
_citation_author.name 
_citation_author.ordinal 
_citation_author.identifier_ORCID 
primary 'Kalnins, G.'   1 ?                   
primary 'Ludviga, R.'   2 ?                   
primary 'Kalnciema, I.' 3 ?                   
primary 'Resevica, G.'  4 ?                   
primary 'Zeltina, V.'   5 ?                   
primary 'Bogans, J.'    6 ?                   
primary 'Tars, K.'      7 ?                   
primary 'Zeltins, A.'   8 ?                   
primary 'Balke, I.'     9 0000-0002-5171-7744 
# 
loop_
_entity.id 
_entity.type 
_entity.src_method 
_entity.pdbx_description 
_entity.formula_weight 
_entity.pdbx_number_of_molecules 
_entity.pdbx_ec 
_entity.pdbx_mutation 
_entity.pdbx_fragment 
_entity.details 
1 polymer man 'RNA-directed RNA polymerase' 20867.982 1  2.7.7.48 S159A ? ? 
2 water   nat water                         18.015    99 ?        ?     ? ? 
# 
_entity_poly.entity_id                      1 
_entity_poly.type                           'polypeptide(L)' 
_entity_poly.nstd_linkage                   no 
_entity_poly.nstd_monomer                   no 
_entity_poly.pdbx_seq_one_letter_code       
;AVANSIVSSVAPGKEPGSLVCIQAKDGKVIGMGARVHCGPATVLVTAGHVLKKGMIADLYLAKYSVSSKEGKRVLMDPTW
KIEYGSLNKEADVISVQVPAAVWSRLGVTAARVRKPTVKVPVLAYGGEASGLLQSSQGFATPDGNMSVAHSCSTRPGWAG
TPLYAGSDIVAIHRRWEDIGVKNLATNLSIFHANCESSE
;
_entity_poly.pdbx_seq_one_letter_code_can   
;AVANSIVSSVAPGKEPGSLVCIQAKDGKVIGMGARVHCGPATVLVTAGHVLKKGMIADLYLAKYSVSSKEGKRVLMDPTW
KIEYGSLNKEADVISVQVPAAVWSRLGVTAARVRKPTVKVPVLAYGGEASGLLQSSQGFATPDGNMSVAHSCSTRPGWAG
TPLYAGSDIVAIHRRWEDIGVKNLATNLSIFHANCESSE
;
_entity_poly.pdbx_strand_id                 A 
_entity_poly.pdbx_target_identifier         ? 
# 
_pdbx_entity_nonpoly.entity_id   2 
_pdbx_entity_nonpoly.name        water 
_pdbx_entity_nonpoly.comp_id     HOH 
# 
loop_
_entity_poly_seq.entity_id 
_entity_poly_seq.num 
_entity_poly_seq.mon_id 
_entity_poly_seq.hetero 
1 1   ALA n 
1 2   VAL n 
1 3   ALA n 
1 4   ASN n 
1 5   SER n 
1 6   ILE n 
1 7   VAL n 
1 8   SER n 
1 9   SER n 
1 10  VAL n 
1 11  ALA n 
1 12  PRO n 
1 13  GLY n 
1 14  LYS n 
1 15  GLU n 
1 16  PRO n 
1 17  GLY n 
1 18  SER n 
1 19  LEU n 
1 20  VAL n 
1 21  CYS n 
1 22  ILE n 
1 23  GLN n 
1 24  ALA n 
1 25  LYS n 
1 26  ASP n 
1 27  GLY n 
1 28  LYS n 
1 29  VAL n 
1 30  ILE n 
1 31  GLY n 
1 32  MET n 
1 33  GLY n 
1 34  ALA n 
1 35  ARG n 
1 36  VAL n 
1 37  HIS n 
1 38  CYS n 
1 39  GLY n 
1 40  PRO n 
1 41  ALA n 
1 42  THR n 
1 43  VAL n 
1 44  LEU n 
1 45  VAL n 
1 46  THR n 
1 47  ALA n 
1 48  GLY n 
1 49  HIS n 
1 50  VAL n 
1 51  LEU n 
1 52  LYS n 
1 53  LYS n 
1 54  GLY n 
1 55  MET n 
1 56  ILE n 
1 57  ALA n 
1 58  ASP n 
1 59  LEU n 
1 60  TYR n 
1 61  LEU n 
1 62  ALA n 
1 63  LYS n 
1 64  TYR n 
1 65  SER n 
1 66  VAL n 
1 67  SER n 
1 68  SER n 
1 69  LYS n 
1 70  GLU n 
1 71  GLY n 
1 72  LYS n 
1 73  ARG n 
1 74  VAL n 
1 75  LEU n 
1 76  MET n 
1 77  ASP n 
1 78  PRO n 
1 79  THR n 
1 80  TRP n 
1 81  LYS n 
1 82  ILE n 
1 83  GLU n 
1 84  TYR n 
1 85  GLY n 
1 86  SER n 
1 87  LEU n 
1 88  ASN n 
1 89  LYS n 
1 90  GLU n 
1 91  ALA n 
1 92  ASP n 
1 93  VAL n 
1 94  ILE n 
1 95  SER n 
1 96  VAL n 
1 97  GLN n 
1 98  VAL n 
1 99  PRO n 
1 100 ALA n 
1 101 ALA n 
1 102 VAL n 
1 103 TRP n 
1 104 SER n 
1 105 ARG n 
1 106 LEU n 
1 107 GLY n 
1 108 VAL n 
1 109 THR n 
1 110 ALA n 
1 111 ALA n 
1 112 ARG n 
1 113 VAL n 
1 114 ARG n 
1 115 LYS n 
1 116 PRO n 
1 117 THR n 
1 118 VAL n 
1 119 LYS n 
1 120 VAL n 
1 121 PRO n 
1 122 VAL n 
1 123 LEU n 
1 124 ALA n 
1 125 TYR n 
1 126 GLY n 
1 127 GLY n 
1 128 GLU n 
1 129 ALA n 
1 130 SER n 
1 131 GLY n 
1 132 LEU n 
1 133 LEU n 
1 134 GLN n 
1 135 SER n 
1 136 SER n 
1 137 GLN n 
1 138 GLY n 
1 139 PHE n 
1 140 ALA n 
1 141 THR n 
1 142 PRO n 
1 143 ASP n 
1 144 GLY n 
1 145 ASN n 
1 146 MET n 
1 147 SER n 
1 148 VAL n 
1 149 ALA n 
1 150 HIS n 
1 151 SER n 
1 152 CYS n 
1 153 SER n 
1 154 THR n 
1 155 ARG n 
1 156 PRO n 
1 157 GLY n 
1 158 TRP n 
1 159 ALA n 
1 160 GLY n 
1 161 THR n 
1 162 PRO n 
1 163 LEU n 
1 164 TYR n 
1 165 ALA n 
1 166 GLY n 
1 167 SER n 
1 168 ASP n 
1 169 ILE n 
1 170 VAL n 
1 171 ALA n 
1 172 ILE n 
1 173 HIS n 
1 174 ARG n 
1 175 ARG n 
1 176 TRP n 
1 177 GLU n 
1 178 ASP n 
1 179 ILE n 
1 180 GLY n 
1 181 VAL n 
1 182 LYS n 
1 183 ASN n 
1 184 LEU n 
1 185 ALA n 
1 186 THR n 
1 187 ASN n 
1 188 LEU n 
1 189 SER n 
1 190 ILE n 
1 191 PHE n 
1 192 HIS n 
1 193 ALA n 
1 194 ASN n 
1 195 CYS n 
1 196 GLU n 
1 197 SER n 
1 198 SER n 
1 199 GLU n 
# 
_entity_src_gen.entity_id                          1 
_entity_src_gen.pdbx_src_id                        1 
_entity_src_gen.pdbx_alt_source_flag               sample 
_entity_src_gen.pdbx_seq_type                      'Biological sequence' 
_entity_src_gen.pdbx_beg_seq_num                   1 
_entity_src_gen.pdbx_end_seq_num                   199 
_entity_src_gen.gene_src_common_name               ? 
_entity_src_gen.gene_src_genus                     ? 
_entity_src_gen.pdbx_gene_src_gene                 ? 
_entity_src_gen.gene_src_species                   ? 
_entity_src_gen.gene_src_strain                    ? 
_entity_src_gen.gene_src_tissue                    ? 
_entity_src_gen.gene_src_tissue_fraction           ? 
_entity_src_gen.gene_src_details                   ? 
_entity_src_gen.pdbx_gene_src_fragment             ? 
_entity_src_gen.pdbx_gene_src_scientific_name      'Ryegrass mottle virus' 
_entity_src_gen.pdbx_gene_src_ncbi_taxonomy_id     119910 
_entity_src_gen.pdbx_gene_src_variant              ? 
_entity_src_gen.pdbx_gene_src_cell_line            ? 
_entity_src_gen.pdbx_gene_src_atcc                 ? 
_entity_src_gen.pdbx_gene_src_organ                ? 
_entity_src_gen.pdbx_gene_src_organelle            ? 
_entity_src_gen.pdbx_gene_src_cell                 ? 
_entity_src_gen.pdbx_gene_src_cellular_location    ? 
_entity_src_gen.host_org_common_name               ? 
_entity_src_gen.pdbx_host_org_scientific_name      'Escherichia coli BL21(DE3)' 
_entity_src_gen.pdbx_host_org_ncbi_taxonomy_id     469008 
_entity_src_gen.host_org_genus                     ? 
_entity_src_gen.pdbx_host_org_gene                 ? 
_entity_src_gen.pdbx_host_org_organ                ? 
_entity_src_gen.host_org_species                   ? 
_entity_src_gen.pdbx_host_org_tissue               ? 
_entity_src_gen.pdbx_host_org_tissue_fraction      ? 
_entity_src_gen.pdbx_host_org_strain               ? 
_entity_src_gen.pdbx_host_org_variant              ? 
_entity_src_gen.pdbx_host_org_cell_line            ? 
_entity_src_gen.pdbx_host_org_atcc                 ? 
_entity_src_gen.pdbx_host_org_culture_collection   ? 
_entity_src_gen.pdbx_host_org_cell                 ? 
_entity_src_gen.pdbx_host_org_organelle            ? 
_entity_src_gen.pdbx_host_org_cellular_location    ? 
_entity_src_gen.pdbx_host_org_vector_type          ? 
_entity_src_gen.pdbx_host_org_vector               ? 
_entity_src_gen.host_org_details                   ? 
_entity_src_gen.expression_system_id               ? 
_entity_src_gen.plasmid_name                       ? 
_entity_src_gen.plasmid_details                    ? 
_entity_src_gen.pdbx_description                   ? 
# 
loop_
_chem_comp.id 
_chem_comp.type 
_chem_comp.mon_nstd_flag 
_chem_comp.name 
_chem_comp.pdbx_synonyms 
_chem_comp.formula 
_chem_comp.formula_weight 
ALA 'L-peptide linking' y ALANINE         ? 'C3 H7 N O2'     89.093  
ARG 'L-peptide linking' y ARGININE        ? 'C6 H15 N4 O2 1' 175.209 
ASN 'L-peptide linking' y ASPARAGINE      ? 'C4 H8 N2 O3'    132.118 
ASP 'L-peptide linking' y 'ASPARTIC ACID' ? 'C4 H7 N O4'     133.103 
CYS 'L-peptide linking' y CYSTEINE        ? 'C3 H7 N O2 S'   121.158 
GLN 'L-peptide linking' y GLUTAMINE       ? 'C5 H10 N2 O3'   146.144 
GLU 'L-peptide linking' y 'GLUTAMIC ACID' ? 'C5 H9 N O4'     147.129 
GLY 'peptide linking'   y GLYCINE         ? 'C2 H5 N O2'     75.067  
HIS 'L-peptide linking' y HISTIDINE       ? 'C6 H10 N3 O2 1' 156.162 
HOH non-polymer         . WATER           ? 'H2 O'           18.015  
ILE 'L-peptide linking' y ISOLEUCINE      ? 'C6 H13 N O2'    131.173 
LEU 'L-peptide linking' y LEUCINE         ? 'C6 H13 N O2'    131.173 
LYS 'L-peptide linking' y LYSINE          ? 'C6 H15 N2 O2 1' 147.195 
MET 'L-peptide linking' y METHIONINE      ? 'C5 H11 N O2 S'  149.211 
PHE 'L-peptide linking' y PHENYLALANINE   ? 'C9 H11 N O2'    165.189 
PRO 'L-peptide linking' y PROLINE         ? 'C5 H9 N O2'     115.130 
SER 'L-peptide linking' y SERINE          ? 'C3 H7 N O3'     105.093 
THR 'L-peptide linking' y THREONINE       ? 'C4 H9 N O3'     119.119 
TRP 'L-peptide linking' y TRYPTOPHAN      ? 'C11 H12 N2 O2'  204.225 
TYR 'L-peptide linking' y TYROSINE        ? 'C9 H11 N O3'    181.189 
VAL 'L-peptide linking' y VALINE          ? 'C5 H11 N O2'    117.146 
# 
loop_
_pdbx_poly_seq_scheme.asym_id 
_pdbx_poly_seq_scheme.entity_id 
_pdbx_poly_seq_scheme.seq_id 
_pdbx_poly_seq_scheme.mon_id 
_pdbx_poly_seq_scheme.ndb_seq_num 
_pdbx_poly_seq_scheme.pdb_seq_num 
_pdbx_poly_seq_scheme.auth_seq_num 
_pdbx_poly_seq_scheme.pdb_mon_id 
_pdbx_poly_seq_scheme.auth_mon_id 
_pdbx_poly_seq_scheme.pdb_strand_id 
_pdbx_poly_seq_scheme.pdb_ins_code 
_pdbx_poly_seq_scheme.hetero 
A 1 1   ALA 1   1   ?   ?   ?   A . n 
A 1 2   VAL 2   2   ?   ?   ?   A . n 
A 1 3   ALA 3   3   ?   ?   ?   A . n 
A 1 4   ASN 4   4   ?   ?   ?   A . n 
A 1 5   SER 5   5   5   SER SER A . n 
A 1 6   ILE 6   6   6   ILE ILE A . n 
A 1 7   VAL 7   7   7   VAL VAL A . n 
A 1 8   SER 8   8   8   SER SER A . n 
A 1 9   SER 9   9   9   SER SER A . n 
A 1 10  VAL 10  10  10  VAL VAL A . n 
A 1 11  ALA 11  11  11  ALA ALA A . n 
A 1 12  PRO 12  12  12  PRO PRO A . n 
A 1 13  GLY 13  13  13  GLY GLY A . n 
A 1 14  LYS 14  14  14  LYS LYS A . n 
A 1 15  GLU 15  15  15  GLU GLU A . n 
A 1 16  PRO 16  16  16  PRO PRO A . n 
A 1 17  GLY 17  17  17  GLY GLY A . n 
A 1 18  SER 18  18  18  SER SER A . n 
A 1 19  LEU 19  19  19  LEU LEU A . n 
A 1 20  VAL 20  20  20  VAL VAL A . n 
A 1 21  CYS 21  21  21  CYS CYS A . n 
A 1 22  ILE 22  22  22  ILE ILE A . n 
A 1 23  GLN 23  23  23  GLN GLN A . n 
A 1 24  ALA 24  24  24  ALA ALA A . n 
A 1 25  LYS 25  25  25  LYS LYS A . n 
A 1 26  ASP 26  26  26  ASP ASP A . n 
A 1 27  GLY 27  27  27  GLY GLY A . n 
A 1 28  LYS 28  28  28  LYS LYS A . n 
A 1 29  VAL 29  29  29  VAL VAL A . n 
A 1 30  ILE 30  30  30  ILE ILE A . n 
A 1 31  GLY 31  31  31  GLY GLY A . n 
A 1 32  MET 32  32  32  MET MET A . n 
A 1 33  GLY 33  33  33  GLY GLY A . n 
A 1 34  ALA 34  34  34  ALA ALA A . n 
A 1 35  ARG 35  35  35  ARG ARG A . n 
A 1 36  VAL 36  36  36  VAL VAL A . n 
A 1 37  HIS 37  37  37  HIS HIS A . n 
A 1 38  CYS 38  38  38  CYS CYS A . n 
A 1 39  GLY 39  39  39  GLY GLY A . n 
A 1 40  PRO 40  40  40  PRO PRO A . n 
A 1 41  ALA 41  41  41  ALA ALA A . n 
A 1 42  THR 42  42  42  THR THR A . n 
A 1 43  VAL 43  43  43  VAL VAL A . n 
A 1 44  LEU 44  44  44  LEU LEU A . n 
A 1 45  VAL 45  45  45  VAL VAL A . n 
A 1 46  THR 46  46  46  THR THR A . n 
A 1 47  ALA 47  47  47  ALA ALA A . n 
A 1 48  GLY 48  48  48  GLY GLY A . n 
A 1 49  HIS 49  49  49  HIS HIS A . n 
A 1 50  VAL 50  50  50  VAL VAL A . n 
A 1 51  LEU 51  51  51  LEU LEU A . n 
A 1 52  LYS 52  52  52  LYS LYS A . n 
A 1 53  LYS 53  53  53  LYS LYS A . n 
A 1 54  GLY 54  54  54  GLY GLY A . n 
A 1 55  MET 55  55  55  MET MET A . n 
A 1 56  ILE 56  56  56  ILE ILE A . n 
A 1 57  ALA 57  57  57  ALA ALA A . n 
A 1 58  ASP 58  58  58  ASP ASP A . n 
A 1 59  LEU 59  59  59  LEU LEU A . n 
A 1 60  TYR 60  60  60  TYR TYR A . n 
A 1 61  LEU 61  61  61  LEU LEU A . n 
A 1 62  ALA 62  62  62  ALA ALA A . n 
A 1 63  LYS 63  63  63  LYS LYS A . n 
A 1 64  TYR 64  64  64  TYR TYR A . n 
A 1 65  SER 65  65  65  SER SER A . n 
A 1 66  VAL 66  66  66  VAL VAL A . n 
A 1 67  SER 67  67  67  SER SER A . n 
A 1 68  SER 68  68  68  SER SER A . n 
A 1 69  LYS 69  69  69  LYS LYS A . n 
A 1 70  GLU 70  70  70  GLU GLU A . n 
A 1 71  GLY 71  71  71  GLY GLY A . n 
A 1 72  LYS 72  72  72  LYS LYS A . n 
A 1 73  ARG 73  73  73  ARG ARG A . n 
A 1 74  VAL 74  74  74  VAL VAL A . n 
A 1 75  LEU 75  75  75  LEU LEU A . n 
A 1 76  MET 76  76  76  MET MET A . n 
A 1 77  ASP 77  77  77  ASP ASP A . n 
A 1 78  PRO 78  78  78  PRO PRO A . n 
A 1 79  THR 79  79  79  THR THR A . n 
A 1 80  TRP 80  80  80  TRP TRP A . n 
A 1 81  LYS 81  81  81  LYS LYS A . n 
A 1 82  ILE 82  82  82  ILE ILE A . n 
A 1 83  GLU 83  83  83  GLU GLU A . n 
A 1 84  TYR 84  84  84  TYR TYR A . n 
A 1 85  GLY 85  85  85  GLY GLY A . n 
A 1 86  SER 86  86  86  SER SER A . n 
A 1 87  LEU 87  87  87  LEU LEU A . n 
A 1 88  ASN 88  88  88  ASN ASN A . n 
A 1 89  LYS 89  89  89  LYS LYS A . n 
A 1 90  GLU 90  90  90  GLU GLU A . n 
A 1 91  ALA 91  91  91  ALA ALA A . n 
A 1 92  ASP 92  92  92  ASP ASP A . n 
A 1 93  VAL 93  93  93  VAL VAL A . n 
A 1 94  ILE 94  94  94  ILE ILE A . n 
A 1 95  SER 95  95  95  SER SER A . n 
A 1 96  VAL 96  96  96  VAL VAL A . n 
A 1 97  GLN 97  97  97  GLN GLN A . n 
A 1 98  VAL 98  98  98  VAL VAL A . n 
A 1 99  PRO 99  99  99  PRO PRO A . n 
A 1 100 ALA 100 100 100 ALA ALA A . n 
A 1 101 ALA 101 101 101 ALA ALA A . n 
A 1 102 VAL 102 102 102 VAL VAL A . n 
A 1 103 TRP 103 103 103 TRP TRP A . n 
A 1 104 SER 104 104 104 SER SER A . n 
A 1 105 ARG 105 105 105 ARG ARG A . n 
A 1 106 LEU 106 106 106 LEU LEU A . n 
A 1 107 GLY 107 107 107 GLY GLY A . n 
A 1 108 VAL 108 108 108 VAL VAL A . n 
A 1 109 THR 109 109 109 THR THR A . n 
A 1 110 ALA 110 110 110 ALA ALA A . n 
A 1 111 ALA 111 111 111 ALA ALA A . n 
A 1 112 ARG 112 112 112 ARG ARG A . n 
A 1 113 VAL 113 113 113 VAL VAL A . n 
A 1 114 ARG 114 114 114 ARG ARG A . n 
A 1 115 LYS 115 115 115 LYS LYS A . n 
A 1 116 PRO 116 116 116 PRO PRO A . n 
A 1 117 THR 117 117 117 THR THR A . n 
A 1 118 VAL 118 118 118 VAL VAL A . n 
A 1 119 LYS 119 119 119 LYS LYS A . n 
A 1 120 VAL 120 120 120 VAL VAL A . n 
A 1 121 PRO 121 121 121 PRO PRO A . n 
A 1 122 VAL 122 122 122 VAL VAL A . n 
A 1 123 LEU 123 123 123 LEU LEU A . n 
A 1 124 ALA 124 124 124 ALA ALA A . n 
A 1 125 TYR 125 125 125 TYR TYR A . n 
A 1 126 GLY 126 126 126 GLY GLY A . n 
A 1 127 GLY 127 127 127 GLY GLY A . n 
A 1 128 GLU 128 128 128 GLU GLU A . n 
A 1 129 ALA 129 129 129 ALA ALA A . n 
A 1 130 SER 130 130 130 SER SER A . n 
A 1 131 GLY 131 131 131 GLY GLY A . n 
A 1 132 LEU 132 132 132 LEU LEU A . n 
A 1 133 LEU 133 133 133 LEU LEU A . n 
A 1 134 GLN 134 134 134 GLN GLN A . n 
A 1 135 SER 135 135 135 SER SER A . n 
A 1 136 SER 136 136 136 SER SER A . n 
A 1 137 GLN 137 137 137 GLN GLN A . n 
A 1 138 GLY 138 138 138 GLY GLY A . n 
A 1 139 PHE 139 139 139 PHE PHE A . n 
A 1 140 ALA 140 140 140 ALA ALA A . n 
A 1 141 THR 141 141 141 THR THR A . n 
A 1 142 PRO 142 142 142 PRO PRO A . n 
A 1 143 ASP 143 143 143 ASP ASP A . n 
A 1 144 GLY 144 144 144 GLY GLY A . n 
A 1 145 ASN 145 145 145 ASN ASN A . n 
A 1 146 MET 146 146 146 MET MET A . n 
A 1 147 SER 147 147 147 SER SER A . n 
A 1 148 VAL 148 148 148 VAL VAL A . n 
A 1 149 ALA 149 149 149 ALA ALA A . n 
A 1 150 HIS 150 150 150 HIS HIS A . n 
A 1 151 SER 151 151 151 SER SER A . n 
A 1 152 CYS 152 152 152 CYS CYS A . n 
A 1 153 SER 153 153 153 SER SER A . n 
A 1 154 THR 154 154 154 THR THR A . n 
A 1 155 ARG 155 155 155 ARG ARG A . n 
A 1 156 PRO 156 156 156 PRO PRO A . n 
A 1 157 GLY 157 157 157 GLY GLY A . n 
A 1 158 TRP 158 158 158 TRP TRP A . n 
A 1 159 ALA 159 159 159 ALA ALA A . n 
A 1 160 GLY 160 160 160 GLY GLY A . n 
A 1 161 THR 161 161 161 THR THR A . n 
A 1 162 PRO 162 162 162 PRO PRO A . n 
A 1 163 LEU 163 163 163 LEU LEU A . n 
A 1 164 TYR 164 164 164 TYR TYR A . n 
A 1 165 ALA 165 165 165 ALA ALA A . n 
A 1 166 GLY 166 166 166 GLY GLY A . n 
A 1 167 SER 167 167 167 SER SER A . n 
A 1 168 ASP 168 168 168 ASP ASP A . n 
A 1 169 ILE 169 169 169 ILE ILE A . n 
A 1 170 VAL 170 170 170 VAL VAL A . n 
A 1 171 ALA 171 171 171 ALA ALA A . n 
A 1 172 ILE 172 172 172 ILE ILE A . n 
A 1 173 HIS 173 173 173 HIS HIS A . n 
A 1 174 ARG 174 174 174 ARG ARG A . n 
A 1 175 ARG 175 175 175 ARG ARG A . n 
A 1 176 TRP 176 176 176 TRP TRP A . n 
A 1 177 GLU 177 177 ?   ?   ?   A . n 
A 1 178 ASP 178 178 ?   ?   ?   A . n 
A 1 179 ILE 179 179 ?   ?   ?   A . n 
A 1 180 GLY 180 180 ?   ?   ?   A . n 
A 1 181 VAL 181 181 ?   ?   ?   A . n 
A 1 182 LYS 182 182 ?   ?   ?   A . n 
A 1 183 ASN 183 183 183 ASN ASN A . n 
A 1 184 LEU 184 184 184 LEU LEU A . n 
A 1 185 ALA 185 185 185 ALA ALA A . n 
A 1 186 THR 186 186 186 THR THR A . n 
A 1 187 ASN 187 187 187 ASN ASN A . n 
A 1 188 LEU 188 188 188 LEU LEU A . n 
A 1 189 SER 189 189 189 SER SER A . n 
A 1 190 ILE 190 190 190 ILE ILE A . n 
A 1 191 PHE 191 191 191 PHE PHE A . n 
A 1 192 HIS 192 192 192 HIS HIS A . n 
A 1 193 ALA 193 193 193 ALA ALA A . n 
A 1 194 ASN 194 194 194 ASN ASN A . n 
A 1 195 CYS 195 195 195 CYS CYS A . n 
A 1 196 GLU 196 196 ?   ?   ?   A . n 
A 1 197 SER 197 197 ?   ?   ?   A . n 
A 1 198 SER 198 198 ?   ?   ?   A . n 
A 1 199 GLU 199 199 ?   ?   ?   A . n 
# 
loop_
_pdbx_nonpoly_scheme.asym_id 
_pdbx_nonpoly_scheme.entity_id 
_pdbx_nonpoly_scheme.mon_id 
_pdbx_nonpoly_scheme.ndb_seq_num 
_pdbx_nonpoly_scheme.pdb_seq_num 
_pdbx_nonpoly_scheme.auth_seq_num 
_pdbx_nonpoly_scheme.pdb_mon_id 
_pdbx_nonpoly_scheme.auth_mon_id 
_pdbx_nonpoly_scheme.pdb_strand_id 
_pdbx_nonpoly_scheme.pdb_ins_code 
B 2 HOH 1  201 47 HOH HOH A . 
B 2 HOH 2  202 36 HOH HOH A . 
B 2 HOH 3  203 7  HOH HOH A . 
B 2 HOH 4  204 9  HOH HOH A . 
B 2 HOH 5  205 37 HOH HOH A . 
B 2 HOH 6  206 10 HOH HOH A . 
B 2 HOH 7  207 31 HOH HOH A . 
B 2 HOH 8  208 74 HOH HOH A . 
B 2 HOH 9  209 80 HOH HOH A . 
B 2 HOH 10 210 82 HOH HOH A . 
B 2 HOH 11 211 12 HOH HOH A . 
B 2 HOH 12 212 1  HOH HOH A . 
B 2 HOH 13 213 98 HOH HOH A . 
B 2 HOH 14 214 26 HOH HOH A . 
B 2 HOH 15 215 49 HOH HOH A . 
B 2 HOH 16 216 91 HOH HOH A . 
B 2 HOH 17 217 48 HOH HOH A . 
B 2 HOH 18 218 39 HOH HOH A . 
B 2 HOH 19 219 96 HOH HOH A . 
B 2 HOH 20 220 25 HOH HOH A . 
B 2 HOH 21 221 15 HOH HOH A . 
B 2 HOH 22 222 51 HOH HOH A . 
B 2 HOH 23 223 50 HOH HOH A . 
B 2 HOH 24 224 77 HOH HOH A . 
B 2 HOH 25 225 38 HOH HOH A . 
B 2 HOH 26 226 34 HOH HOH A . 
B 2 HOH 27 227 66 HOH HOH A . 
B 2 HOH 28 228 5  HOH HOH A . 
B 2 HOH 29 229 42 HOH HOH A . 
B 2 HOH 30 230 4  HOH HOH A . 
B 2 HOH 31 231 71 HOH HOH A . 
B 2 HOH 32 232 84 HOH HOH A . 
B 2 HOH 33 233 28 HOH HOH A . 
B 2 HOH 34 234 17 HOH HOH A . 
B 2 HOH 35 235 30 HOH HOH A . 
B 2 HOH 36 236 23 HOH HOH A . 
B 2 HOH 37 237 67 HOH HOH A . 
B 2 HOH 38 238 2  HOH HOH A . 
B 2 HOH 39 239 60 HOH HOH A . 
B 2 HOH 40 240 52 HOH HOH A . 
B 2 HOH 41 241 21 HOH HOH A . 
B 2 HOH 42 242 29 HOH HOH A . 
B 2 HOH 43 243 76 HOH HOH A . 
B 2 HOH 44 244 24 HOH HOH A . 
B 2 HOH 45 245 11 HOH HOH A . 
B 2 HOH 46 246 83 HOH HOH A . 
B 2 HOH 47 247 78 HOH HOH A . 
B 2 HOH 48 248 20 HOH HOH A . 
B 2 HOH 49 249 87 HOH HOH A . 
B 2 HOH 50 250 16 HOH HOH A . 
B 2 HOH 51 251 43 HOH HOH A . 
B 2 HOH 52 252 13 HOH HOH A . 
B 2 HOH 53 253 62 HOH HOH A . 
B 2 HOH 54 254 95 HOH HOH A . 
B 2 HOH 55 255 44 HOH HOH A . 
B 2 HOH 56 256 56 HOH HOH A . 
B 2 HOH 57 257 33 HOH HOH A . 
B 2 HOH 58 258 6  HOH HOH A . 
B 2 HOH 59 259 75 HOH HOH A . 
B 2 HOH 60 260 53 HOH HOH A . 
B 2 HOH 61 261 46 HOH HOH A . 
B 2 HOH 62 262 32 HOH HOH A . 
B 2 HOH 63 263 54 HOH HOH A . 
B 2 HOH 64 264 68 HOH HOH A . 
B 2 HOH 65 265 81 HOH HOH A . 
B 2 HOH 66 266 63 HOH HOH A . 
B 2 HOH 67 267 18 HOH HOH A . 
B 2 HOH 68 268 85 HOH HOH A . 
B 2 HOH 69 269 19 HOH HOH A . 
B 2 HOH 70 270 70 HOH HOH A . 
B 2 HOH 71 271 35 HOH HOH A . 
B 2 HOH 72 272 58 HOH HOH A . 
B 2 HOH 73 273 40 HOH HOH A . 
B 2 HOH 74 274 55 HOH HOH A . 
B 2 HOH 75 275 8  HOH HOH A . 
B 2 HOH 76 276 3  HOH HOH A . 
B 2 HOH 77 277 64 HOH HOH A . 
B 2 HOH 78 278 61 HOH HOH A . 
B 2 HOH 79 279 94 HOH HOH A . 
B 2 HOH 80 280 27 HOH HOH A . 
B 2 HOH 81 281 99 HOH HOH A . 
B 2 HOH 82 282 69 HOH HOH A . 
B 2 HOH 83 283 57 HOH HOH A . 
B 2 HOH 84 284 59 HOH HOH A . 
B 2 HOH 85 285 45 HOH HOH A . 
B 2 HOH 86 286 65 HOH HOH A . 
B 2 HOH 87 287 79 HOH HOH A . 
B 2 HOH 88 288 41 HOH HOH A . 
B 2 HOH 89 289 93 HOH HOH A . 
B 2 HOH 90 290 72 HOH HOH A . 
B 2 HOH 91 291 22 HOH HOH A . 
B 2 HOH 92 292 14 HOH HOH A . 
B 2 HOH 93 293 86 HOH HOH A . 
B 2 HOH 94 294 88 HOH HOH A . 
B 2 HOH 95 295 92 HOH HOH A . 
B 2 HOH 96 296 89 HOH HOH A . 
B 2 HOH 97 297 90 HOH HOH A . 
B 2 HOH 98 298 73 HOH HOH A . 
B 2 HOH 99 299 97 HOH HOH A . 
# 
loop_
_pdbx_unobs_or_zero_occ_atoms.id 
_pdbx_unobs_or_zero_occ_atoms.PDB_model_num 
_pdbx_unobs_or_zero_occ_atoms.polymer_flag 
_pdbx_unobs_or_zero_occ_atoms.occupancy_flag 
_pdbx_unobs_or_zero_occ_atoms.auth_asym_id 
_pdbx_unobs_or_zero_occ_atoms.auth_comp_id 
_pdbx_unobs_or_zero_occ_atoms.auth_seq_id 
_pdbx_unobs_or_zero_occ_atoms.PDB_ins_code 
_pdbx_unobs_or_zero_occ_atoms.auth_atom_id 
_pdbx_unobs_or_zero_occ_atoms.label_alt_id 
_pdbx_unobs_or_zero_occ_atoms.label_asym_id 
_pdbx_unobs_or_zero_occ_atoms.label_comp_id 
_pdbx_unobs_or_zero_occ_atoms.label_seq_id 
_pdbx_unobs_or_zero_occ_atoms.label_atom_id 
1 1 Y 1 A TRP 176 ? CG  ? A TRP 176 CG  
2 1 Y 1 A TRP 176 ? CD1 ? A TRP 176 CD1 
3 1 Y 1 A TRP 176 ? CD2 ? A TRP 176 CD2 
4 1 Y 1 A TRP 176 ? NE1 ? A TRP 176 NE1 
5 1 Y 1 A TRP 176 ? CE2 ? A TRP 176 CE2 
6 1 Y 1 A TRP 176 ? CE3 ? A TRP 176 CE3 
7 1 Y 1 A TRP 176 ? CZ2 ? A TRP 176 CZ2 
8 1 Y 1 A TRP 176 ? CZ3 ? A TRP 176 CZ3 
9 1 Y 1 A TRP 176 ? CH2 ? A TRP 176 CH2 
# 
loop_
_software.citation_id 
_software.classification 
_software.compiler_name 
_software.compiler_version 
_software.contact_author 
_software.contact_author_email 
_software.date 
_software.description 
_software.dependencies 
_software.hardware 
_software.language 
_software.location 
_software.mods 
_software.name 
_software.os 
_software.os_version 
_software.type 
_software.version 
_software.pdbx_ordinal 
? refinement       ? ? ? ? ? ? ? ? ? ? ? REFMAC ? ? ? 5.8.0267    1 
? refinement       ? ? ? ? ? ? ? ? ? ? ? PHENIX ? ? ? 1.17.1_3660 2 
? 'data scaling'   ? ? ? ? ? ? ? ? ? ? ? SCALA  ? ? ? .           3 
? 'data reduction' ? ? ? ? ? ? ? ? ? ? ? MOSFLM ? ? ? .           4 
? phasing          ? ? ? ? ? ? ? ? ? ? ? MOLREP ? ? ? .           5 
# 
_cell.angle_alpha                  90.000 
_cell.angle_alpha_esd              ? 
_cell.angle_beta                   126.291 
_cell.angle_beta_esd               ? 
_cell.angle_gamma                  90.000 
_cell.angle_gamma_esd              ? 
_cell.entry_id                     7YZV 
_cell.details                      ? 
_cell.formula_units_Z              ? 
_cell.length_a                     112.222 
_cell.length_a_esd                 ? 
_cell.length_b                     36.950 
_cell.length_b_esd                 ? 
_cell.length_c                     69.498 
_cell.length_c_esd                 ? 
_cell.volume                       232276.850 
_cell.volume_esd                   ? 
_cell.Z_PDB                        4 
_cell.reciprocal_angle_alpha       ? 
_cell.reciprocal_angle_beta        ? 
_cell.reciprocal_angle_gamma       ? 
_cell.reciprocal_angle_alpha_esd   ? 
_cell.reciprocal_angle_beta_esd    ? 
_cell.reciprocal_angle_gamma_esd   ? 
_cell.reciprocal_length_a          ? 
_cell.reciprocal_length_b          ? 
_cell.reciprocal_length_c          ? 
_cell.reciprocal_length_a_esd      ? 
_cell.reciprocal_length_b_esd      ? 
_cell.reciprocal_length_c_esd      ? 
_cell.pdbx_unique_axis             ? 
# 
_symmetry.entry_id                         7YZV 
_symmetry.cell_setting                     ? 
_symmetry.Int_Tables_number                5 
_symmetry.space_group_name_Hall            'C 2y' 
_symmetry.space_group_name_H-M             'C 1 2 1' 
_symmetry.pdbx_full_space_group_name_H-M   ? 
# 
_exptl.absorpt_coefficient_mu     ? 
_exptl.absorpt_correction_T_max   ? 
_exptl.absorpt_correction_T_min   ? 
_exptl.absorpt_correction_type    ? 
_exptl.absorpt_process_details    ? 
_exptl.entry_id                   7YZV 
_exptl.crystals_number            1 
_exptl.details                    ? 
_exptl.method                     'X-RAY DIFFRACTION' 
_exptl.method_details             ? 
# 
_exptl_crystal.colour                      ? 
_exptl_crystal.density_diffrn              ? 
_exptl_crystal.density_Matthews            2.78 
_exptl_crystal.density_method              ? 
_exptl_crystal.density_percent_sol         55.85 
_exptl_crystal.description                 Needle-like 
_exptl_crystal.F_000                       ? 
_exptl_crystal.id                          1 
_exptl_crystal.preparation                 ? 
_exptl_crystal.size_max                    ? 
_exptl_crystal.size_mid                    ? 
_exptl_crystal.size_min                    ? 
_exptl_crystal.size_rad                    ? 
_exptl_crystal.colour_lustre               ? 
_exptl_crystal.colour_modifier             ? 
_exptl_crystal.colour_primary              ? 
_exptl_crystal.density_meas                ? 
_exptl_crystal.density_meas_esd            ? 
_exptl_crystal.density_meas_gt             ? 
_exptl_crystal.density_meas_lt             ? 
_exptl_crystal.density_meas_temp           ? 
_exptl_crystal.density_meas_temp_esd       ? 
_exptl_crystal.density_meas_temp_gt        ? 
_exptl_crystal.density_meas_temp_lt        ? 
_exptl_crystal.pdbx_crystal_image_url      ? 
_exptl_crystal.pdbx_crystal_image_format   ? 
_exptl_crystal.pdbx_mosaicity              ? 
_exptl_crystal.pdbx_mosaicity_esd          ? 
# 
_exptl_crystal_grow.apparatus       ? 
_exptl_crystal_grow.atmosphere      ? 
_exptl_crystal_grow.crystal_id      1 
_exptl_crystal_grow.details         ? 
_exptl_crystal_grow.method          'VAPOR DIFFUSION, SITTING DROP' 
_exptl_crystal_grow.method_ref      ? 
_exptl_crystal_grow.pH              6.5 
_exptl_crystal_grow.pressure        ? 
_exptl_crystal_grow.pressure_esd    ? 
_exptl_crystal_grow.seeding         ? 
_exptl_crystal_grow.seeding_ref     ? 
_exptl_crystal_grow.temp            293 
_exptl_crystal_grow.temp_details    ? 
_exptl_crystal_grow.temp_esd        ? 
_exptl_crystal_grow.time            ? 
_exptl_crystal_grow.pdbx_details    '0.18 M ammonium sulfate, 22% PEG 8000, 0.1 M sodium cacodylate (pH 6.5)' 
_exptl_crystal_grow.pdbx_pH_range   ? 
# 
_diffrn.ambient_environment              ? 
_diffrn.ambient_temp                     90 
_diffrn.ambient_temp_details             ? 
_diffrn.ambient_temp_esd                 ? 
_diffrn.crystal_id                       1 
_diffrn.crystal_support                  ? 
_diffrn.crystal_treatment                ? 
_diffrn.details                          ? 
_diffrn.id                               1 
_diffrn.ambient_pressure                 ? 
_diffrn.ambient_pressure_esd             ? 
_diffrn.ambient_pressure_gt              ? 
_diffrn.ambient_pressure_lt              ? 
_diffrn.ambient_temp_gt                  ? 
_diffrn.ambient_temp_lt                  ? 
_diffrn.pdbx_serial_crystal_experiment   N 
# 
_diffrn_detector.details                      ? 
_diffrn_detector.detector                     PIXEL 
_diffrn_detector.diffrn_id                    1 
_diffrn_detector.type                         'DECTRIS PILATUS 6M' 
_diffrn_detector.area_resol_mean              ? 
_diffrn_detector.dtime                        ? 
_diffrn_detector.pdbx_frames_total            ? 
_diffrn_detector.pdbx_collection_time_total   ? 
_diffrn_detector.pdbx_collection_date         2020-03-10 
_diffrn_detector.pdbx_frequency               ? 
# 
_diffrn_radiation.collimation                      ? 
_diffrn_radiation.diffrn_id                        1 
_diffrn_radiation.filter_edge                      ? 
_diffrn_radiation.inhomogeneity                    ? 
_diffrn_radiation.monochromator                    ? 
_diffrn_radiation.polarisn_norm                    ? 
_diffrn_radiation.polarisn_ratio                   ? 
_diffrn_radiation.probe                            ? 
_diffrn_radiation.type                             ? 
_diffrn_radiation.xray_symbol                      ? 
_diffrn_radiation.wavelength_id                    1 
_diffrn_radiation.pdbx_monochromatic_or_laue_m_l   M 
_diffrn_radiation.pdbx_wavelength_list             ? 
_diffrn_radiation.pdbx_wavelength                  ? 
_diffrn_radiation.pdbx_diffrn_protocol             'SINGLE WAVELENGTH' 
_diffrn_radiation.pdbx_analyzer                    ? 
_diffrn_radiation.pdbx_scattering_type             x-ray 
# 
_diffrn_radiation_wavelength.id           1 
_diffrn_radiation_wavelength.wavelength   0.9184 
_diffrn_radiation_wavelength.wt           1.0 
# 
_diffrn_source.current                     ? 
_diffrn_source.details                     ? 
_diffrn_source.diffrn_id                   1 
_diffrn_source.power                       ? 
_diffrn_source.size                        ? 
_diffrn_source.source                      SYNCHROTRON 
_diffrn_source.target                      ? 
_diffrn_source.type                        'BESSY BEAMLINE 14.1' 
_diffrn_source.voltage                     ? 
_diffrn_source.take-off_angle              ? 
_diffrn_source.pdbx_wavelength_list        0.9184 
_diffrn_source.pdbx_wavelength             ? 
_diffrn_source.pdbx_synchrotron_beamline   14.1 
_diffrn_source.pdbx_synchrotron_site       BESSY 
# 
_reflns.B_iso_Wilson_estimate                          15.04 
_reflns.entry_id                                       7YZV 
_reflns.data_reduction_details                         ? 
_reflns.data_reduction_method                          ? 
_reflns.d_resolution_high                              1.60 
_reflns.d_resolution_low                               56.02 
_reflns.details                                        ? 
_reflns.limit_h_max                                    ? 
_reflns.limit_h_min                                    ? 
_reflns.limit_k_max                                    ? 
_reflns.limit_k_min                                    ? 
_reflns.limit_l_max                                    ? 
_reflns.limit_l_min                                    ? 
_reflns.number_all                                     ? 
_reflns.number_obs                                     29492 
_reflns.observed_criterion                             ? 
_reflns.observed_criterion_F_max                       ? 
_reflns.observed_criterion_F_min                       ? 
_reflns.observed_criterion_I_max                       ? 
_reflns.observed_criterion_I_min                       ? 
_reflns.observed_criterion_sigma_F                     ? 
_reflns.observed_criterion_sigma_I                     ? 
_reflns.percent_possible_obs                           95.9 
_reflns.R_free_details                                 ? 
_reflns.Rmerge_F_all                                   ? 
_reflns.Rmerge_F_obs                                   ? 
_reflns.Friedel_coverage                               ? 
_reflns.number_gt                                      ? 
_reflns.threshold_expression                           ? 
_reflns.pdbx_redundancy                                5.7 
_reflns.pdbx_Rmerge_I_obs                              0.148 
_reflns.pdbx_Rmerge_I_all                              ? 
_reflns.pdbx_Rsym_value                                ? 
_reflns.pdbx_netI_over_av_sigmaI                       ? 
_reflns.pdbx_netI_over_sigmaI                          6.7 
_reflns.pdbx_res_netI_over_av_sigmaI_2                 ? 
_reflns.pdbx_res_netI_over_sigmaI_2                    ? 
_reflns.pdbx_chi_squared                               ? 
_reflns.pdbx_scaling_rejects                           ? 
_reflns.pdbx_d_res_high_opt                            ? 
_reflns.pdbx_d_res_low_opt                             ? 
_reflns.pdbx_d_res_opt_method                          ? 
_reflns.phase_calculation_details                      ? 
_reflns.pdbx_Rrim_I_all                                ? 
_reflns.pdbx_Rpim_I_all                                ? 
_reflns.pdbx_d_opt                                     ? 
_reflns.pdbx_number_measured_all                       ? 
_reflns.pdbx_diffrn_id                                 1 
_reflns.pdbx_ordinal                                   1 
_reflns.pdbx_CC_half                                   0.986 
_reflns.pdbx_CC_star                                   ? 
_reflns.pdbx_R_split                                   ? 
_reflns.pdbx_aniso_diffraction_limit_axis_1_ortho[1]   ? 
_reflns.pdbx_aniso_diffraction_limit_axis_1_ortho[2]   ? 
_reflns.pdbx_aniso_diffraction_limit_axis_1_ortho[3]   ? 
_reflns.pdbx_aniso_diffraction_limit_axis_2_ortho[1]   ? 
_reflns.pdbx_aniso_diffraction_limit_axis_2_ortho[2]   ? 
_reflns.pdbx_aniso_diffraction_limit_axis_2_ortho[3]   ? 
_reflns.pdbx_aniso_diffraction_limit_axis_3_ortho[1]   ? 
_reflns.pdbx_aniso_diffraction_limit_axis_3_ortho[2]   ? 
_reflns.pdbx_aniso_diffraction_limit_axis_3_ortho[3]   ? 
_reflns.pdbx_aniso_diffraction_limit_1                 ? 
_reflns.pdbx_aniso_diffraction_limit_2                 ? 
_reflns.pdbx_aniso_diffraction_limit_3                 ? 
_reflns.pdbx_aniso_B_tensor_eigenvector_1_ortho[1]     ? 
_reflns.pdbx_aniso_B_tensor_eigenvector_1_ortho[2]     ? 
_reflns.pdbx_aniso_B_tensor_eigenvector_1_ortho[3]     ? 
_reflns.pdbx_aniso_B_tensor_eigenvector_2_ortho[1]     ? 
_reflns.pdbx_aniso_B_tensor_eigenvector_2_ortho[2]     ? 
_reflns.pdbx_aniso_B_tensor_eigenvector_2_ortho[3]     ? 
_reflns.pdbx_aniso_B_tensor_eigenvector_3_ortho[1]     ? 
_reflns.pdbx_aniso_B_tensor_eigenvector_3_ortho[2]     ? 
_reflns.pdbx_aniso_B_tensor_eigenvector_3_ortho[3]     ? 
_reflns.pdbx_aniso_B_tensor_eigenvalue_1               ? 
_reflns.pdbx_aniso_B_tensor_eigenvalue_2               ? 
_reflns.pdbx_aniso_B_tensor_eigenvalue_3               ? 
_reflns.pdbx_orthogonalization_convention              ? 
_reflns.pdbx_percent_possible_ellipsoidal              ? 
_reflns.pdbx_percent_possible_spherical                ? 
_reflns.pdbx_percent_possible_ellipsoidal_anomalous    ? 
_reflns.pdbx_percent_possible_spherical_anomalous      ? 
_reflns.pdbx_redundancy_anomalous                      ? 
_reflns.pdbx_CC_half_anomalous                         ? 
_reflns.pdbx_absDiff_over_sigma_anomalous              ? 
_reflns.pdbx_percent_possible_anomalous                ? 
_reflns.pdbx_observed_signal_threshold                 ? 
_reflns.pdbx_signal_type                               ? 
_reflns.pdbx_signal_details                            ? 
_reflns.pdbx_signal_software_id                        ? 
# 
_reflns_shell.d_res_high                                    1.60 
_reflns_shell.d_res_low                                     1.68 
_reflns_shell.meanI_over_sigI_all                           ? 
_reflns_shell.meanI_over_sigI_obs                           2.2 
_reflns_shell.number_measured_all                           ? 
_reflns_shell.number_measured_obs                           ? 
_reflns_shell.number_possible                               ? 
_reflns_shell.number_unique_all                             ? 
_reflns_shell.number_unique_obs                             4334 
_reflns_shell.percent_possible_all                          97.0 
_reflns_shell.percent_possible_obs                          ? 
_reflns_shell.Rmerge_F_all                                  ? 
_reflns_shell.Rmerge_F_obs                                  ? 
_reflns_shell.Rmerge_I_all                                  ? 
_reflns_shell.Rmerge_I_obs                                  0.660 
_reflns_shell.meanI_over_sigI_gt                            ? 
_reflns_shell.meanI_over_uI_all                             ? 
_reflns_shell.meanI_over_uI_gt                              ? 
_reflns_shell.number_measured_gt                            ? 
_reflns_shell.number_unique_gt                              ? 
_reflns_shell.percent_possible_gt                           ? 
_reflns_shell.Rmerge_F_gt                                   ? 
_reflns_shell.Rmerge_I_gt                                   ? 
_reflns_shell.pdbx_redundancy                               5.8 
_reflns_shell.pdbx_Rsym_value                               ? 
_reflns_shell.pdbx_chi_squared                              ? 
_reflns_shell.pdbx_netI_over_sigmaI_all                     ? 
_reflns_shell.pdbx_netI_over_sigmaI_obs                     ? 
_reflns_shell.pdbx_Rrim_I_all                               ? 
_reflns_shell.pdbx_Rpim_I_all                               ? 
_reflns_shell.pdbx_rejects                                  ? 
_reflns_shell.pdbx_ordinal                                  1 
_reflns_shell.pdbx_diffrn_id                                1 
_reflns_shell.pdbx_CC_half                                  0.724 
_reflns_shell.pdbx_CC_star                                  ? 
_reflns_shell.pdbx_R_split                                  ? 
_reflns_shell.pdbx_percent_possible_ellipsoidal             ? 
_reflns_shell.pdbx_percent_possible_spherical               ? 
_reflns_shell.pdbx_percent_possible_ellipsoidal_anomalous   ? 
_reflns_shell.pdbx_percent_possible_spherical_anomalous     ? 
_reflns_shell.pdbx_redundancy_anomalous                     ? 
_reflns_shell.pdbx_CC_half_anomalous                        ? 
_reflns_shell.pdbx_absDiff_over_sigma_anomalous             ? 
_reflns_shell.pdbx_percent_possible_anomalous               ? 
# 
_refine.aniso_B[1][1]                            ? 
_refine.aniso_B[1][2]                            ? 
_refine.aniso_B[1][3]                            ? 
_refine.aniso_B[2][2]                            ? 
_refine.aniso_B[2][3]                            ? 
_refine.aniso_B[3][3]                            ? 
_refine.B_iso_max                                ? 
_refine.B_iso_mean                               18.13 
_refine.B_iso_min                                ? 
_refine.correlation_coeff_Fo_to_Fc               ? 
_refine.correlation_coeff_Fo_to_Fc_free          ? 
_refine.details                                  ? 
_refine.diff_density_max                         ? 
_refine.diff_density_max_esd                     ? 
_refine.diff_density_min                         ? 
_refine.diff_density_min_esd                     ? 
_refine.diff_density_rms                         ? 
_refine.diff_density_rms_esd                     ? 
_refine.entry_id                                 7YZV 
_refine.pdbx_refine_id                           'X-RAY DIFFRACTION' 
_refine.ls_abs_structure_details                 ? 
_refine.ls_abs_structure_Flack                   ? 
_refine.ls_abs_structure_Flack_esd               ? 
_refine.ls_abs_structure_Rogers                  ? 
_refine.ls_abs_structure_Rogers_esd              ? 
_refine.ls_d_res_high                            1.60 
_refine.ls_d_res_low                             56.02 
_refine.ls_extinction_coef                       ? 
_refine.ls_extinction_coef_esd                   ? 
_refine.ls_extinction_expression                 ? 
_refine.ls_extinction_method                     ? 
_refine.ls_goodness_of_fit_all                   ? 
_refine.ls_goodness_of_fit_all_esd               ? 
_refine.ls_goodness_of_fit_obs                   ? 
_refine.ls_goodness_of_fit_obs_esd               ? 
_refine.ls_hydrogen_treatment                    ? 
_refine.ls_matrix_type                           ? 
_refine.ls_number_constraints                    ? 
_refine.ls_number_parameters                     ? 
_refine.ls_number_reflns_all                     ? 
_refine.ls_number_reflns_obs                     29467 
_refine.ls_number_reflns_R_free                  1399 
_refine.ls_number_reflns_R_work                  28068 
_refine.ls_number_restraints                     ? 
_refine.ls_percent_reflns_obs                    95.41 
_refine.ls_percent_reflns_R_free                 4.75 
_refine.ls_R_factor_all                          ? 
_refine.ls_R_factor_obs                          0.2240 
_refine.ls_R_factor_R_free                       0.2627 
_refine.ls_R_factor_R_free_error                 ? 
_refine.ls_R_factor_R_free_error_details         ? 
_refine.ls_R_factor_R_work                       0.2221 
_refine.ls_R_Fsqd_factor_obs                     ? 
_refine.ls_R_I_factor_obs                        ? 
_refine.ls_redundancy_reflns_all                 ? 
_refine.ls_redundancy_reflns_obs                 ? 
_refine.ls_restrained_S_all                      ? 
_refine.ls_restrained_S_obs                      ? 
_refine.ls_shift_over_esd_max                    ? 
_refine.ls_shift_over_esd_mean                   ? 
_refine.ls_structure_factor_coef                 ? 
_refine.ls_weighting_details                     ? 
_refine.ls_weighting_scheme                      ? 
_refine.ls_wR_factor_all                         ? 
_refine.ls_wR_factor_obs                         ? 
_refine.ls_wR_factor_R_free                      ? 
_refine.ls_wR_factor_R_work                      ? 
_refine.occupancy_max                            ? 
_refine.occupancy_min                            ? 
_refine.solvent_model_details                    'FLAT BULK SOLVENT MODEL' 
_refine.solvent_model_param_bsol                 ? 
_refine.solvent_model_param_ksol                 ? 
_refine.pdbx_R_complete                          ? 
_refine.ls_R_factor_gt                           ? 
_refine.ls_goodness_of_fit_gt                    ? 
_refine.ls_goodness_of_fit_ref                   ? 
_refine.ls_shift_over_su_max                     ? 
_refine.ls_shift_over_su_max_lt                  ? 
_refine.ls_shift_over_su_mean                    ? 
_refine.ls_shift_over_su_mean_lt                 ? 
_refine.pdbx_ls_sigma_I                          ? 
_refine.pdbx_ls_sigma_F                          1.34 
_refine.pdbx_ls_sigma_Fsqd                       ? 
_refine.pdbx_data_cutoff_high_absF               ? 
_refine.pdbx_data_cutoff_high_rms_absF           ? 
_refine.pdbx_data_cutoff_low_absF                ? 
_refine.pdbx_isotropic_thermal_model             ? 
_refine.pdbx_ls_cross_valid_method               'FREE R-VALUE' 
_refine.pdbx_method_to_determine_struct          'MOLECULAR REPLACEMENT' 
_refine.pdbx_starting_model                      6FF0 
_refine.pdbx_stereochemistry_target_values       'GeoStd + Monomer Library + CDL v1.2' 
_refine.pdbx_R_Free_selection_details            ? 
_refine.pdbx_stereochem_target_val_spec_case     ? 
_refine.pdbx_overall_ESU_R                       ? 
_refine.pdbx_overall_ESU_R_Free                  ? 
_refine.pdbx_solvent_vdw_probe_radii             1.1100 
_refine.pdbx_solvent_ion_probe_radii             ? 
_refine.pdbx_solvent_shrinkage_radii             0.9000 
_refine.pdbx_real_space_R                        ? 
_refine.pdbx_density_correlation                 ? 
_refine.pdbx_pd_number_of_powder_patterns        ? 
_refine.pdbx_pd_number_of_points                 ? 
_refine.pdbx_pd_meas_number_of_points            ? 
_refine.pdbx_pd_proc_ls_prof_R_factor            ? 
_refine.pdbx_pd_proc_ls_prof_wR_factor           ? 
_refine.pdbx_pd_Marquardt_correlation_coeff      ? 
_refine.pdbx_pd_Fsqrd_R_factor                   ? 
_refine.pdbx_pd_ls_matrix_band_width             ? 
_refine.pdbx_overall_phase_error                 26.4834 
_refine.pdbx_overall_SU_R_free_Cruickshank_DPI   ? 
_refine.pdbx_overall_SU_R_free_Blow_DPI          ? 
_refine.pdbx_overall_SU_R_Blow_DPI               ? 
_refine.pdbx_TLS_residual_ADP_flag               ? 
_refine.pdbx_diffrn_id                           1 
_refine.overall_SU_B                             ? 
_refine.overall_SU_ML                            0.2133 
_refine.overall_SU_R_Cruickshank_DPI             ? 
_refine.overall_SU_R_free                        ? 
_refine.overall_FOM_free_R_set                   ? 
_refine.overall_FOM_work_R_set                   ? 
_refine.pdbx_average_fsc_overall                 ? 
_refine.pdbx_average_fsc_work                    ? 
_refine.pdbx_average_fsc_free                    ? 
# 
_refine_hist.pdbx_refine_id                   'X-RAY DIFFRACTION' 
_refine_hist.cycle_id                         LAST 
_refine_hist.details                          ? 
_refine_hist.d_res_high                       1.60 
_refine_hist.d_res_low                        56.02 
_refine_hist.number_atoms_solvent             99 
_refine_hist.number_atoms_total               1452 
_refine_hist.number_reflns_all                ? 
_refine_hist.number_reflns_obs                ? 
_refine_hist.number_reflns_R_free             ? 
_refine_hist.number_reflns_R_work             ? 
_refine_hist.R_factor_all                     ? 
_refine_hist.R_factor_obs                     ? 
_refine_hist.R_factor_R_free                  ? 
_refine_hist.R_factor_R_work                  ? 
_refine_hist.pdbx_number_residues_total       ? 
_refine_hist.pdbx_B_iso_mean_ligand           ? 
_refine_hist.pdbx_B_iso_mean_solvent          ? 
_refine_hist.pdbx_number_atoms_protein        1353 
_refine_hist.pdbx_number_atoms_nucleic_acid   0 
_refine_hist.pdbx_number_atoms_ligand         0 
_refine_hist.pdbx_number_atoms_lipid          ? 
_refine_hist.pdbx_number_atoms_carb           ? 
_refine_hist.pdbx_pseudo_atom_details         ? 
# 
loop_
_refine_ls_restr.pdbx_refine_id 
_refine_ls_restr.criterion 
_refine_ls_restr.dev_ideal 
_refine_ls_restr.dev_ideal_target 
_refine_ls_restr.number 
_refine_ls_restr.rejects 
_refine_ls_restr.type 
_refine_ls_restr.weight 
_refine_ls_restr.pdbx_restraint_function 
'X-RAY DIFFRACTION' ? 0.0053  ? 1379 ? f_bond_d           ? ? 
'X-RAY DIFFRACTION' ? 0.7979  ? 1871 ? f_angle_d          ? ? 
'X-RAY DIFFRACTION' ? 0.0583  ? 219  ? f_chiral_restr     ? ? 
'X-RAY DIFFRACTION' ? 0.0057  ? 236  ? f_plane_restr      ? ? 
'X-RAY DIFFRACTION' ? 29.2978 ? 196  ? f_dihedral_angle_d ? ? 
# 
loop_
_refine_ls_shell.pdbx_refine_id 
_refine_ls_shell.d_res_high 
_refine_ls_shell.d_res_low 
_refine_ls_shell.number_reflns_all 
_refine_ls_shell.number_reflns_obs 
_refine_ls_shell.number_reflns_R_free 
_refine_ls_shell.number_reflns_R_work 
_refine_ls_shell.percent_reflns_obs 
_refine_ls_shell.percent_reflns_R_free 
_refine_ls_shell.R_factor_all 
_refine_ls_shell.R_factor_obs 
_refine_ls_shell.R_factor_R_free 
_refine_ls_shell.R_factor_R_free_error 
_refine_ls_shell.R_factor_R_work 
_refine_ls_shell.redundancy_reflns_all 
_refine_ls_shell.redundancy_reflns_obs 
_refine_ls_shell.wR_factor_all 
_refine_ls_shell.wR_factor_obs 
_refine_ls_shell.wR_factor_R_free 
_refine_ls_shell.wR_factor_R_work 
_refine_ls_shell.pdbx_R_complete 
_refine_ls_shell.pdbx_total_number_of_bins_used 
_refine_ls_shell.pdbx_phase_error 
_refine_ls_shell.pdbx_fsc_work 
_refine_ls_shell.pdbx_fsc_free 
'X-RAY DIFFRACTION' 1.60 1.65  . . 123 2813 96.71 . . . 0.2770 . 0.2633 . . . . . . . . . . . 
'X-RAY DIFFRACTION' 1.65 1.72  . . 137 2821 96.54 . . . 0.2759 . 0.2531 . . . . . . . . . . . 
'X-RAY DIFFRACTION' 1.72 1.80  . . 133 2723 93.12 . . . 0.2909 . 0.2346 . . . . . . . . . . . 
'X-RAY DIFFRACTION' 1.80 1.89  . . 148 2811 96.48 . . . 0.2668 . 0.2357 . . . . . . . . . . . 
'X-RAY DIFFRACTION' 1.89 2.01  . . 152 2792 95.96 . . . 0.3131 . 0.2546 . . . . . . . . . . . 
'X-RAY DIFFRACTION' 2.01 2.17  . . 150 2758 93.93 . . . 0.2621 . 0.2342 . . . . . . . . . . . 
'X-RAY DIFFRACTION' 2.17 2.38  . . 151 2792 96.02 . . . 0.2989 . 0.2304 . . . . . . . . . . . 
'X-RAY DIFFRACTION' 2.38 2.73  . . 134 2841 96.50 . . . 0.2647 . 0.2243 . . . . . . . . . . . 
'X-RAY DIFFRACTION' 2.73 3.44  . . 126 2866 95.47 . . . 0.2320 . 0.2179 . . . . . . . . . . . 
'X-RAY DIFFRACTION' 3.44 56.02 . . 145 2851 93.51 . . . 0.2404 . 0.1916 . . . . . . . . . . . 
# 
_struct.entry_id                     7YZV 
_struct.title                        'Ryegrass mottle virus serine protease domain S159A mutant' 
_struct.pdbx_model_details           ? 
_struct.pdbx_formula_weight          ? 
_struct.pdbx_formula_weight_method   ? 
_struct.pdbx_model_type_details      ? 
_struct.pdbx_CASP_flag               N 
# 
_struct_keywords.entry_id        7YZV 
_struct_keywords.text            'serine protease, viral protease, viral polypeptide, viral genome-linked protein, VIRAL PROTEIN' 
_struct_keywords.pdbx_keywords   'VIRAL PROTEIN' 
# 
loop_
_struct_asym.id 
_struct_asym.pdbx_blank_PDB_chainid_flag 
_struct_asym.pdbx_modified 
_struct_asym.entity_id 
_struct_asym.details 
A N N 1 ? 
B N N 2 ? 
# 
_struct_ref.id                         1 
_struct_ref.db_name                    UNP 
_struct_ref.db_code                    A0MCW0_9VIRU 
_struct_ref.pdbx_db_accession          A0MCW0 
_struct_ref.pdbx_db_isoform            ? 
_struct_ref.entity_id                  1 
_struct_ref.pdbx_seq_one_letter_code   
;AVANSIVSSVAPGKEPGSLVCIQAKDGKVIGMGARVHCGPATVLVTAGHVLKKGMIADLYLAKYSVSSKEGKRVLMDPTW
KIEYGSLNKEADVISVQVPAAVWSRLGVTAARVRKPTVKVPVLAYGGEASGLLQSSQGFATPDGNMSVAHSCSTRPGWSG
TPLYAGSDIVAIHRRWEDIGVKNLATNLSIFHANCESSE
;
_struct_ref.pdbx_align_begin           119 
# 
_struct_ref_seq.align_id                      1 
_struct_ref_seq.ref_id                        1 
_struct_ref_seq.pdbx_PDB_id_code              7YZV 
_struct_ref_seq.pdbx_strand_id                A 
_struct_ref_seq.seq_align_beg                 1 
_struct_ref_seq.pdbx_seq_align_beg_ins_code   ? 
_struct_ref_seq.seq_align_end                 199 
_struct_ref_seq.pdbx_seq_align_end_ins_code   ? 
_struct_ref_seq.pdbx_db_accession             A0MCW0 
_struct_ref_seq.db_align_beg                  119 
_struct_ref_seq.pdbx_db_align_beg_ins_code    ? 
_struct_ref_seq.db_align_end                  317 
_struct_ref_seq.pdbx_db_align_end_ins_code    ? 
_struct_ref_seq.pdbx_auth_seq_align_beg       1 
_struct_ref_seq.pdbx_auth_seq_align_end       199 
# 
_struct_ref_seq_dif.align_id                     1 
_struct_ref_seq_dif.pdbx_pdb_id_code             7YZV 
_struct_ref_seq_dif.mon_id                       ALA 
_struct_ref_seq_dif.pdbx_pdb_strand_id           A 
_struct_ref_seq_dif.seq_num                      159 
_struct_ref_seq_dif.pdbx_pdb_ins_code            ? 
_struct_ref_seq_dif.pdbx_seq_db_name             UNP 
_struct_ref_seq_dif.pdbx_seq_db_accession_code   A0MCW0 
_struct_ref_seq_dif.db_mon_id                    SER 
_struct_ref_seq_dif.pdbx_seq_db_seq_num          277 
_struct_ref_seq_dif.details                      'engineered mutation' 
_struct_ref_seq_dif.pdbx_auth_seq_num            159 
_struct_ref_seq_dif.pdbx_ordinal                 1 
# 
_pdbx_struct_assembly.id                   1 
_pdbx_struct_assembly.details              author_defined_assembly 
_pdbx_struct_assembly.method_details       ? 
_pdbx_struct_assembly.oligomeric_details   monomeric 
_pdbx_struct_assembly.oligomeric_count     1 
# 
_pdbx_struct_assembly_gen.assembly_id       1 
_pdbx_struct_assembly_gen.oper_expression   1 
_pdbx_struct_assembly_gen.asym_id_list      A,B 
# 
_pdbx_struct_assembly_auth_evidence.id                     1 
_pdbx_struct_assembly_auth_evidence.assembly_id            1 
_pdbx_struct_assembly_auth_evidence.experimental_support   'gel filtration' 
_pdbx_struct_assembly_auth_evidence.details                ? 
# 
_pdbx_struct_oper_list.id                   1 
_pdbx_struct_oper_list.type                 'identity operation' 
_pdbx_struct_oper_list.name                 1_555 
_pdbx_struct_oper_list.symmetry_operation   x,y,z 
_pdbx_struct_oper_list.matrix[1][1]         1.0000000000 
_pdbx_struct_oper_list.matrix[1][2]         0.0000000000 
_pdbx_struct_oper_list.matrix[1][3]         0.0000000000 
_pdbx_struct_oper_list.vector[1]            0.0000000000 
_pdbx_struct_oper_list.matrix[2][1]         0.0000000000 
_pdbx_struct_oper_list.matrix[2][2]         1.0000000000 
_pdbx_struct_oper_list.matrix[2][3]         0.0000000000 
_pdbx_struct_oper_list.vector[2]            0.0000000000 
_pdbx_struct_oper_list.matrix[3][1]         0.0000000000 
_pdbx_struct_oper_list.matrix[3][2]         0.0000000000 
_pdbx_struct_oper_list.matrix[3][3]         1.0000000000 
_pdbx_struct_oper_list.vector[3]            0.0000000000 
# 
loop_
_struct_conf.conf_type_id 
_struct_conf.id 
_struct_conf.pdbx_PDB_helix_id 
_struct_conf.beg_label_comp_id 
_struct_conf.beg_label_asym_id 
_struct_conf.beg_label_seq_id 
_struct_conf.pdbx_beg_PDB_ins_code 
_struct_conf.end_label_comp_id 
_struct_conf.end_label_asym_id 
_struct_conf.end_label_seq_id 
_struct_conf.pdbx_end_PDB_ins_code 
_struct_conf.beg_auth_comp_id 
_struct_conf.beg_auth_asym_id 
_struct_conf.beg_auth_seq_id 
_struct_conf.end_auth_comp_id 
_struct_conf.end_auth_asym_id 
_struct_conf.end_auth_seq_id 
_struct_conf.pdbx_PDB_helix_class 
_struct_conf.details 
_struct_conf.pdbx_PDB_helix_length 
HELX_P HELX_P1 AA1 GLY A 48  ? GLY A 54  ? GLY A 48  GLY A 54  1 ? 7 
HELX_P HELX_P2 AA2 PRO A 99  ? GLY A 107 ? PRO A 99  GLY A 107 1 ? 9 
HELX_P HELX_P3 AA3 LEU A 188 ? ALA A 193 ? LEU A 188 ALA A 193 1 ? 6 
# 
_struct_conf_type.id          HELX_P 
_struct_conf_type.criteria    ? 
_struct_conf_type.reference   ? 
# 
_struct_conn.id                            disulf1 
_struct_conn.conn_type_id                  disulf 
_struct_conn.pdbx_leaving_atom_flag        ? 
_struct_conn.pdbx_PDB_id                   ? 
_struct_conn.ptnr1_label_asym_id           A 
_struct_conn.ptnr1_label_comp_id           CYS 
_struct_conn.ptnr1_label_seq_id            38 
_struct_conn.ptnr1_label_atom_id           SG 
_struct_conn.pdbx_ptnr1_label_alt_id       ? 
_struct_conn.pdbx_ptnr1_PDB_ins_code       ? 
_struct_conn.pdbx_ptnr1_standard_comp_id   ? 
_struct_conn.ptnr1_symmetry                1_555 
_struct_conn.ptnr2_label_asym_id           A 
_struct_conn.ptnr2_label_comp_id           CYS 
_struct_conn.ptnr2_label_seq_id            195 
_struct_conn.ptnr2_label_atom_id           SG 
_struct_conn.pdbx_ptnr2_label_alt_id       ? 
_struct_conn.pdbx_ptnr2_PDB_ins_code       ? 
_struct_conn.ptnr1_auth_asym_id            A 
_struct_conn.ptnr1_auth_comp_id            CYS 
_struct_conn.ptnr1_auth_seq_id             38 
_struct_conn.ptnr2_auth_asym_id            A 
_struct_conn.ptnr2_auth_comp_id            CYS 
_struct_conn.ptnr2_auth_seq_id             195 
_struct_conn.ptnr2_symmetry                1_555 
_struct_conn.pdbx_ptnr3_label_atom_id      ? 
_struct_conn.pdbx_ptnr3_label_seq_id       ? 
_struct_conn.pdbx_ptnr3_label_comp_id      ? 
_struct_conn.pdbx_ptnr3_label_asym_id      ? 
_struct_conn.pdbx_ptnr3_label_alt_id       ? 
_struct_conn.pdbx_ptnr3_PDB_ins_code       ? 
_struct_conn.details                       ? 
_struct_conn.pdbx_dist_value               2.071 
_struct_conn.pdbx_value_order              ? 
_struct_conn.pdbx_role                     ? 
# 
_struct_conn_type.id          disulf 
_struct_conn_type.criteria    ? 
_struct_conn_type.reference   ? 
# 
_pdbx_modification_feature.ordinal                            1 
_pdbx_modification_feature.label_comp_id                      CYS 
_pdbx_modification_feature.label_asym_id                      A 
_pdbx_modification_feature.label_seq_id                       38 
_pdbx_modification_feature.label_alt_id                       ? 
_pdbx_modification_feature.modified_residue_label_comp_id     CYS 
_pdbx_modification_feature.modified_residue_label_asym_id     A 
_pdbx_modification_feature.modified_residue_label_seq_id      195 
_pdbx_modification_feature.modified_residue_label_alt_id      ? 
_pdbx_modification_feature.auth_comp_id                       CYS 
_pdbx_modification_feature.auth_asym_id                       A 
_pdbx_modification_feature.auth_seq_id                        38 
_pdbx_modification_feature.PDB_ins_code                       ? 
_pdbx_modification_feature.symmetry                           1_555 
_pdbx_modification_feature.modified_residue_auth_comp_id      CYS 
_pdbx_modification_feature.modified_residue_auth_asym_id      A 
_pdbx_modification_feature.modified_residue_auth_seq_id       195 
_pdbx_modification_feature.modified_residue_PDB_ins_code      ? 
_pdbx_modification_feature.modified_residue_symmetry          1_555 
_pdbx_modification_feature.comp_id_linking_atom               SG 
_pdbx_modification_feature.modified_residue_id_linking_atom   SG 
_pdbx_modification_feature.modified_residue_id                . 
_pdbx_modification_feature.ref_pcm_id                         . 
_pdbx_modification_feature.ref_comp_id                        . 
_pdbx_modification_feature.type                               None 
_pdbx_modification_feature.category                           'Disulfide bridge' 
# 
loop_
_struct_sheet.id 
_struct_sheet.type 
_struct_sheet.number_strands 
_struct_sheet.details 
AA1 ? 8 ? 
AA2 ? 7 ? 
# 
loop_
_struct_sheet_order.sheet_id 
_struct_sheet_order.range_id_1 
_struct_sheet_order.range_id_2 
_struct_sheet_order.offset 
_struct_sheet_order.sense 
AA1 1 2 ? anti-parallel 
AA1 2 3 ? anti-parallel 
AA1 3 4 ? anti-parallel 
AA1 4 5 ? anti-parallel 
AA1 5 6 ? anti-parallel 
AA1 6 7 ? anti-parallel 
AA1 7 8 ? anti-parallel 
AA2 1 2 ? anti-parallel 
AA2 2 3 ? anti-parallel 
AA2 3 4 ? anti-parallel 
AA2 4 5 ? anti-parallel 
AA2 5 6 ? anti-parallel 
AA2 6 7 ? anti-parallel 
# 
loop_
_struct_sheet_range.sheet_id 
_struct_sheet_range.id 
_struct_sheet_range.beg_label_comp_id 
_struct_sheet_range.beg_label_asym_id 
_struct_sheet_range.beg_label_seq_id 
_struct_sheet_range.pdbx_beg_PDB_ins_code 
_struct_sheet_range.end_label_comp_id 
_struct_sheet_range.end_label_asym_id 
_struct_sheet_range.end_label_seq_id 
_struct_sheet_range.pdbx_end_PDB_ins_code 
_struct_sheet_range.beg_auth_comp_id 
_struct_sheet_range.beg_auth_asym_id 
_struct_sheet_range.beg_auth_seq_id 
_struct_sheet_range.end_auth_comp_id 
_struct_sheet_range.end_auth_asym_id 
_struct_sheet_range.end_auth_seq_id 
AA1 1 VAL A 7   ? SER A 9   ? VAL A 7   SER A 9   
AA1 2 LEU A 133 ? PRO A 142 ? LEU A 133 PRO A 142 
AA1 3 SER A 147 ? HIS A 150 ? SER A 147 HIS A 150 
AA1 4 LEU A 184 ? ASN A 187 ? LEU A 184 ASN A 187 
AA1 5 ASP A 168 ? ILE A 172 ? ASP A 168 ILE A 172 
AA1 6 PRO A 162 ? ALA A 165 ? PRO A 162 ALA A 165 
AA1 7 VAL A 120 ? GLY A 127 ? VAL A 120 GLY A 127 
AA1 8 LEU A 133 ? PRO A 142 ? LEU A 133 PRO A 142 
AA2 1 GLU A 70  ? LEU A 75  ? GLU A 70  LEU A 75  
AA2 2 LEU A 59  ? SER A 65  ? LEU A 59  SER A 65  
AA2 3 LEU A 19  ? ALA A 24  ? LEU A 19  ALA A 24  
AA2 4 VAL A 29  ? CYS A 38  ? VAL A 29  CYS A 38  
AA2 5 ALA A 41  ? ALA A 47  ? ALA A 41  ALA A 47  
AA2 6 VAL A 93  ? VAL A 96  ? VAL A 93  VAL A 96  
AA2 7 ILE A 82  ? GLY A 85  ? ILE A 82  GLY A 85  
# 
loop_
_pdbx_struct_sheet_hbond.sheet_id 
_pdbx_struct_sheet_hbond.range_id_1 
_pdbx_struct_sheet_hbond.range_id_2 
_pdbx_struct_sheet_hbond.range_1_label_atom_id 
_pdbx_struct_sheet_hbond.range_1_label_comp_id 
_pdbx_struct_sheet_hbond.range_1_label_asym_id 
_pdbx_struct_sheet_hbond.range_1_label_seq_id 
_pdbx_struct_sheet_hbond.range_1_PDB_ins_code 
_pdbx_struct_sheet_hbond.range_1_auth_atom_id 
_pdbx_struct_sheet_hbond.range_1_auth_comp_id 
_pdbx_struct_sheet_hbond.range_1_auth_asym_id 
_pdbx_struct_sheet_hbond.range_1_auth_seq_id 
_pdbx_struct_sheet_hbond.range_2_label_atom_id 
_pdbx_struct_sheet_hbond.range_2_label_comp_id 
_pdbx_struct_sheet_hbond.range_2_label_asym_id 
_pdbx_struct_sheet_hbond.range_2_label_seq_id 
_pdbx_struct_sheet_hbond.range_2_PDB_ins_code 
_pdbx_struct_sheet_hbond.range_2_auth_atom_id 
_pdbx_struct_sheet_hbond.range_2_auth_comp_id 
_pdbx_struct_sheet_hbond.range_2_auth_asym_id 
_pdbx_struct_sheet_hbond.range_2_auth_seq_id 
AA1 1 2 N SER A 8   ? N SER A 8   O SER A 135 ? O SER A 135 
AA1 2 3 N THR A 141 ? N THR A 141 O ALA A 149 ? O ALA A 149 
AA1 3 4 N VAL A 148 ? N VAL A 148 O ALA A 185 ? O ALA A 185 
AA1 4 5 O THR A 186 ? O THR A 186 N ILE A 172 ? N ILE A 172 
AA1 5 6 O ASP A 168 ? O ASP A 168 N ALA A 165 ? N ALA A 165 
AA1 6 7 O TYR A 164 ? O TYR A 164 N LEU A 123 ? N LEU A 123 
AA1 7 8 N GLY A 126 ? N GLY A 126 O GLN A 134 ? O GLN A 134 
AA2 1 2 O GLU A 70  ? O GLU A 70  N SER A 65  ? N SER A 65  
AA2 2 3 O ALA A 62  ? O ALA A 62  N CYS A 21  ? N CYS A 21  
AA2 3 4 N ILE A 22  ? N ILE A 22  O GLY A 31  ? O GLY A 31  
AA2 4 5 N CYS A 38  ? N CYS A 38  O ALA A 41  ? O ALA A 41  
AA2 5 6 N LEU A 44  ? N LEU A 44  O VAL A 96  ? O VAL A 96  
AA2 6 7 O SER A 95  ? O SER A 95  N GLU A 83  ? N GLU A 83  
# 
_pdbx_entry_details.entry_id                   7YZV 
_pdbx_entry_details.compound_details           ? 
_pdbx_entry_details.source_details             ? 
_pdbx_entry_details.nonpolymer_details         ? 
_pdbx_entry_details.sequence_details           ? 
_pdbx_entry_details.has_ligand_of_interest     ? 
_pdbx_entry_details.has_protein_modification   Y 
# 
loop_
_pdbx_validate_torsion.id 
_pdbx_validate_torsion.PDB_model_num 
_pdbx_validate_torsion.auth_comp_id 
_pdbx_validate_torsion.auth_asym_id 
_pdbx_validate_torsion.auth_seq_id 
_pdbx_validate_torsion.PDB_ins_code 
_pdbx_validate_torsion.label_alt_id 
_pdbx_validate_torsion.phi 
_pdbx_validate_torsion.psi 
1 1 ALA A 41  ? ? -121.19 -162.01 
2 1 ASN A 145 ? ? -125.52 -96.92  
3 1 ARG A 174 ? ? -95.51  -61.34  
# 
_pdbx_struct_special_symmetry.id              1 
_pdbx_struct_special_symmetry.PDB_model_num   1 
_pdbx_struct_special_symmetry.auth_asym_id    A 
_pdbx_struct_special_symmetry.auth_comp_id    HOH 
_pdbx_struct_special_symmetry.auth_seq_id     261 
_pdbx_struct_special_symmetry.PDB_ins_code    ? 
_pdbx_struct_special_symmetry.label_asym_id   B 
_pdbx_struct_special_symmetry.label_comp_id   HOH 
_pdbx_struct_special_symmetry.label_seq_id    . 
# 
loop_
_space_group_symop.id 
_space_group_symop.operation_xyz 
1 x,y,z           
2 -x,y,-z         
3 x+1/2,y+1/2,z   
4 -x+1/2,y+1/2,-z 
# 
loop_
_pdbx_unobs_or_zero_occ_residues.id 
_pdbx_unobs_or_zero_occ_residues.PDB_model_num 
_pdbx_unobs_or_zero_occ_residues.polymer_flag 
_pdbx_unobs_or_zero_occ_residues.occupancy_flag 
_pdbx_unobs_or_zero_occ_residues.auth_asym_id 
_pdbx_unobs_or_zero_occ_residues.auth_comp_id 
_pdbx_unobs_or_zero_occ_residues.auth_seq_id 
_pdbx_unobs_or_zero_occ_residues.PDB_ins_code 
_pdbx_unobs_or_zero_occ_residues.label_asym_id 
_pdbx_unobs_or_zero_occ_residues.label_comp_id 
_pdbx_unobs_or_zero_occ_residues.label_seq_id 
1  1 Y 1 A ALA 1   ? A ALA 1   
2  1 Y 1 A VAL 2   ? A VAL 2   
3  1 Y 1 A ALA 3   ? A ALA 3   
4  1 Y 1 A ASN 4   ? A ASN 4   
5  1 Y 1 A GLU 177 ? A GLU 177 
6  1 Y 1 A ASP 178 ? A ASP 178 
7  1 Y 1 A ILE 179 ? A ILE 179 
8  1 Y 1 A GLY 180 ? A GLY 180 
9  1 Y 1 A VAL 181 ? A VAL 181 
10 1 Y 1 A LYS 182 ? A LYS 182 
11 1 Y 1 A GLU 196 ? A GLU 196 
12 1 Y 1 A SER 197 ? A SER 197 
13 1 Y 1 A SER 198 ? A SER 198 
14 1 Y 1 A GLU 199 ? A GLU 199 
# 
loop_
_chem_comp_atom.comp_id 
_chem_comp_atom.atom_id 
_chem_comp_atom.type_symbol 
_chem_comp_atom.pdbx_aromatic_flag 
_chem_comp_atom.pdbx_stereo_config 
_chem_comp_atom.pdbx_ordinal 
ALA N    N N N 1   
ALA CA   C N S 2   
ALA C    C N N 3   
ALA O    O N N 4   
ALA CB   C N N 5   
ALA OXT  O N N 6   
ALA H    H N N 7   
ALA H2   H N N 8   
ALA HA   H N N 9   
ALA HB1  H N N 10  
ALA HB2  H N N 11  
ALA HB3  H N N 12  
ALA HXT  H N N 13  
ARG N    N N N 14  
ARG CA   C N S 15  
ARG C    C N N 16  
ARG O    O N N 17  
ARG CB   C N N 18  
ARG CG   C N N 19  
ARG CD   C N N 20  
ARG NE   N N N 21  
ARG CZ   C N N 22  
ARG NH1  N N N 23  
ARG NH2  N N N 24  
ARG OXT  O N N 25  
ARG H    H N N 26  
ARG H2   H N N 27  
ARG HA   H N N 28  
ARG HB2  H N N 29  
ARG HB3  H N N 30  
ARG HG2  H N N 31  
ARG HG3  H N N 32  
ARG HD2  H N N 33  
ARG HD3  H N N 34  
ARG HE   H N N 35  
ARG HH11 H N N 36  
ARG HH12 H N N 37  
ARG HH21 H N N 38  
ARG HH22 H N N 39  
ARG HXT  H N N 40  
ASN N    N N N 41  
ASN CA   C N S 42  
ASN C    C N N 43  
ASN O    O N N 44  
ASN CB   C N N 45  
ASN CG   C N N 46  
ASN OD1  O N N 47  
ASN ND2  N N N 48  
ASN OXT  O N N 49  
ASN H    H N N 50  
ASN H2   H N N 51  
ASN HA   H N N 52  
ASN HB2  H N N 53  
ASN HB3  H N N 54  
ASN HD21 H N N 55  
ASN HD22 H N N 56  
ASN HXT  H N N 57  
ASP N    N N N 58  
ASP CA   C N S 59  
ASP C    C N N 60  
ASP O    O N N 61  
ASP CB   C N N 62  
ASP CG   C N N 63  
ASP OD1  O N N 64  
ASP OD2  O N N 65  
ASP OXT  O N N 66  
ASP H    H N N 67  
ASP H2   H N N 68  
ASP HA   H N N 69  
ASP HB2  H N N 70  
ASP HB3  H N N 71  
ASP HD2  H N N 72  
ASP HXT  H N N 73  
CYS N    N N N 74  
CYS CA   C N R 75  
CYS C    C N N 76  
CYS O    O N N 77  
CYS CB   C N N 78  
CYS SG   S N N 79  
CYS OXT  O N N 80  
CYS H    H N N 81  
CYS H2   H N N 82  
CYS HA   H N N 83  
CYS HB2  H N N 84  
CYS HB3  H N N 85  
CYS HG   H N N 86  
CYS HXT  H N N 87  
GLN N    N N N 88  
GLN CA   C N S 89  
GLN C    C N N 90  
GLN O    O N N 91  
GLN CB   C N N 92  
GLN CG   C N N 93  
GLN CD   C N N 94  
GLN OE1  O N N 95  
GLN NE2  N N N 96  
GLN OXT  O N N 97  
GLN H    H N N 98  
GLN H2   H N N 99  
GLN HA   H N N 100 
GLN HB2  H N N 101 
GLN HB3  H N N 102 
GLN HG2  H N N 103 
GLN HG3  H N N 104 
GLN HE21 H N N 105 
GLN HE22 H N N 106 
GLN HXT  H N N 107 
GLU N    N N N 108 
GLU CA   C N S 109 
GLU C    C N N 110 
GLU O    O N N 111 
GLU CB   C N N 112 
GLU CG   C N N 113 
GLU CD   C N N 114 
GLU OE1  O N N 115 
GLU OE2  O N N 116 
GLU OXT  O N N 117 
GLU H    H N N 118 
GLU H2   H N N 119 
GLU HA   H N N 120 
GLU HB2  H N N 121 
GLU HB3  H N N 122 
GLU HG2  H N N 123 
GLU HG3  H N N 124 
GLU HE2  H N N 125 
GLU HXT  H N N 126 
GLY N    N N N 127 
GLY CA   C N N 128 
GLY C    C N N 129 
GLY O    O N N 130 
GLY OXT  O N N 131 
GLY H    H N N 132 
GLY H2   H N N 133 
GLY HA2  H N N 134 
GLY HA3  H N N 135 
GLY HXT  H N N 136 
HIS N    N N N 137 
HIS CA   C N S 138 
HIS C    C N N 139 
HIS O    O N N 140 
HIS CB   C N N 141 
HIS CG   C Y N 142 
HIS ND1  N Y N 143 
HIS CD2  C Y N 144 
HIS CE1  C Y N 145 
HIS NE2  N Y N 146 
HIS OXT  O N N 147 
HIS H    H N N 148 
HIS H2   H N N 149 
HIS HA   H N N 150 
HIS HB2  H N N 151 
HIS HB3  H N N 152 
HIS HD1  H N N 153 
HIS HD2  H N N 154 
HIS HE1  H N N 155 
HIS HE2  H N N 156 
HIS HXT  H N N 157 
HOH O    O N N 158 
HOH H1   H N N 159 
HOH H2   H N N 160 
ILE N    N N N 161 
ILE CA   C N S 162 
ILE C    C N N 163 
ILE O    O N N 164 
ILE CB   C N S 165 
ILE CG1  C N N 166 
ILE CG2  C N N 167 
ILE CD1  C N N 168 
ILE OXT  O N N 169 
ILE H    H N N 170 
ILE H2   H N N 171 
ILE HA   H N N 172 
ILE HB   H N N 173 
ILE HG12 H N N 174 
ILE HG13 H N N 175 
ILE HG21 H N N 176 
ILE HG22 H N N 177 
ILE HG23 H N N 178 
ILE HD11 H N N 179 
ILE HD12 H N N 180 
ILE HD13 H N N 181 
ILE HXT  H N N 182 
LEU N    N N N 183 
LEU CA   C N S 184 
LEU C    C N N 185 
LEU O    O N N 186 
LEU CB   C N N 187 
LEU CG   C N N 188 
LEU CD1  C N N 189 
LEU CD2  C N N 190 
LEU OXT  O N N 191 
LEU H    H N N 192 
LEU H2   H N N 193 
LEU HA   H N N 194 
LEU HB2  H N N 195 
LEU HB3  H N N 196 
LEU HG   H N N 197 
LEU HD11 H N N 198 
LEU HD12 H N N 199 
LEU HD13 H N N 200 
LEU HD21 H N N 201 
LEU HD22 H N N 202 
LEU HD23 H N N 203 
LEU HXT  H N N 204 
LYS N    N N N 205 
LYS CA   C N S 206 
LYS C    C N N 207 
LYS O    O N N 208 
LYS CB   C N N 209 
LYS CG   C N N 210 
LYS CD   C N N 211 
LYS CE   C N N 212 
LYS NZ   N N N 213 
LYS OXT  O N N 214 
LYS H    H N N 215 
LYS H2   H N N 216 
LYS HA   H N N 217 
LYS HB2  H N N 218 
LYS HB3  H N N 219 
LYS HG2  H N N 220 
LYS HG3  H N N 221 
LYS HD2  H N N 222 
LYS HD3  H N N 223 
LYS HE2  H N N 224 
LYS HE3  H N N 225 
LYS HZ1  H N N 226 
LYS HZ2  H N N 227 
LYS HZ3  H N N 228 
LYS HXT  H N N 229 
MET N    N N N 230 
MET CA   C N S 231 
MET C    C N N 232 
MET O    O N N 233 
MET CB   C N N 234 
MET CG   C N N 235 
MET SD   S N N 236 
MET CE   C N N 237 
MET OXT  O N N 238 
MET H    H N N 239 
MET H2   H N N 240 
MET HA   H N N 241 
MET HB2  H N N 242 
MET HB3  H N N 243 
MET HG2  H N N 244 
MET HG3  H N N 245 
MET HE1  H N N 246 
MET HE2  H N N 247 
MET HE3  H N N 248 
MET HXT  H N N 249 
PHE N    N N N 250 
PHE CA   C N S 251 
PHE C    C N N 252 
PHE O    O N N 253 
PHE CB   C N N 254 
PHE CG   C Y N 255 
PHE CD1  C Y N 256 
PHE CD2  C Y N 257 
PHE CE1  C Y N 258 
PHE CE2  C Y N 259 
PHE CZ   C Y N 260 
PHE OXT  O N N 261 
PHE H    H N N 262 
PHE H2   H N N 263 
PHE HA   H N N 264 
PHE HB2  H N N 265 
PHE HB3  H N N 266 
PHE HD1  H N N 267 
PHE HD2  H N N 268 
PHE HE1  H N N 269 
PHE HE2  H N N 270 
PHE HZ   H N N 271 
PHE HXT  H N N 272 
PRO N    N N N 273 
PRO CA   C N S 274 
PRO C    C N N 275 
PRO O    O N N 276 
PRO CB   C N N 277 
PRO CG   C N N 278 
PRO CD   C N N 279 
PRO OXT  O N N 280 
PRO H    H N N 281 
PRO HA   H N N 282 
PRO HB2  H N N 283 
PRO HB3  H N N 284 
PRO HG2  H N N 285 
PRO HG3  H N N 286 
PRO HD2  H N N 287 
PRO HD3  H N N 288 
PRO HXT  H N N 289 
SER N    N N N 290 
SER CA   C N S 291 
SER C    C N N 292 
SER O    O N N 293 
SER CB   C N N 294 
SER OG   O N N 295 
SER OXT  O N N 296 
SER H    H N N 297 
SER H2   H N N 298 
SER HA   H N N 299 
SER HB2  H N N 300 
SER HB3  H N N 301 
SER HG   H N N 302 
SER HXT  H N N 303 
THR N    N N N 304 
THR CA   C N S 305 
THR C    C N N 306 
THR O    O N N 307 
THR CB   C N R 308 
THR OG1  O N N 309 
THR CG2  C N N 310 
THR OXT  O N N 311 
THR H    H N N 312 
THR H2   H N N 313 
THR HA   H N N 314 
THR HB   H N N 315 
THR HG1  H N N 316 
THR HG21 H N N 317 
THR HG22 H N N 318 
THR HG23 H N N 319 
THR HXT  H N N 320 
TRP N    N N N 321 
TRP CA   C N S 322 
TRP C    C N N 323 
TRP O    O N N 324 
TRP CB   C N N 325 
TRP CG   C Y N 326 
TRP CD1  C Y N 327 
TRP CD2  C Y N 328 
TRP NE1  N Y N 329 
TRP CE2  C Y N 330 
TRP CE3  C Y N 331 
TRP CZ2  C Y N 332 
TRP CZ3  C Y N 333 
TRP CH2  C Y N 334 
TRP OXT  O N N 335 
TRP H    H N N 336 
TRP H2   H N N 337 
TRP HA   H N N 338 
TRP HB2  H N N 339 
TRP HB3  H N N 340 
TRP HD1  H N N 341 
TRP HE1  H N N 342 
TRP HE3  H N N 343 
TRP HZ2  H N N 344 
TRP HZ3  H N N 345 
TRP HH2  H N N 346 
TRP HXT  H N N 347 
TYR N    N N N 348 
TYR CA   C N S 349 
TYR C    C N N 350 
TYR O    O N N 351 
TYR CB   C N N 352 
TYR CG   C Y N 353 
TYR CD1  C Y N 354 
TYR CD2  C Y N 355 
TYR CE1  C Y N 356 
TYR CE2  C Y N 357 
TYR CZ   C Y N 358 
TYR OH   O N N 359 
TYR OXT  O N N 360 
TYR H    H N N 361 
TYR H2   H N N 362 
TYR HA   H N N 363 
TYR HB2  H N N 364 
TYR HB3  H N N 365 
TYR HD1  H N N 366 
TYR HD2  H N N 367 
TYR HE1  H N N 368 
TYR HE2  H N N 369 
TYR HH   H N N 370 
TYR HXT  H N N 371 
VAL N    N N N 372 
VAL CA   C N S 373 
VAL C    C N N 374 
VAL O    O N N 375 
VAL CB   C N N 376 
VAL CG1  C N N 377 
VAL CG2  C N N 378 
VAL OXT  O N N 379 
VAL H    H N N 380 
VAL H2   H N N 381 
VAL HA   H N N 382 
VAL HB   H N N 383 
VAL HG11 H N N 384 
VAL HG12 H N N 385 
VAL HG13 H N N 386 
VAL HG21 H N N 387 
VAL HG22 H N N 388 
VAL HG23 H N N 389 
VAL HXT  H N N 390 
# 
loop_
_chem_comp_bond.comp_id 
_chem_comp_bond.atom_id_1 
_chem_comp_bond.atom_id_2 
_chem_comp_bond.value_order 
_chem_comp_bond.pdbx_aromatic_flag 
_chem_comp_bond.pdbx_stereo_config 
_chem_comp_bond.pdbx_ordinal 
ALA N   CA   sing N N 1   
ALA N   H    sing N N 2   
ALA N   H2   sing N N 3   
ALA CA  C    sing N N 4   
ALA CA  CB   sing N N 5   
ALA CA  HA   sing N N 6   
ALA C   O    doub N N 7   
ALA C   OXT  sing N N 8   
ALA CB  HB1  sing N N 9   
ALA CB  HB2  sing N N 10  
ALA CB  HB3  sing N N 11  
ALA OXT HXT  sing N N 12  
ARG N   CA   sing N N 13  
ARG N   H    sing N N 14  
ARG N   H2   sing N N 15  
ARG CA  C    sing N N 16  
ARG CA  CB   sing N N 17  
ARG CA  HA   sing N N 18  
ARG C   O    doub N N 19  
ARG C   OXT  sing N N 20  
ARG CB  CG   sing N N 21  
ARG CB  HB2  sing N N 22  
ARG CB  HB3  sing N N 23  
ARG CG  CD   sing N N 24  
ARG CG  HG2  sing N N 25  
ARG CG  HG3  sing N N 26  
ARG CD  NE   sing N N 27  
ARG CD  HD2  sing N N 28  
ARG CD  HD3  sing N N 29  
ARG NE  CZ   sing N N 30  
ARG NE  HE   sing N N 31  
ARG CZ  NH1  sing N N 32  
ARG CZ  NH2  doub N N 33  
ARG NH1 HH11 sing N N 34  
ARG NH1 HH12 sing N N 35  
ARG NH2 HH21 sing N N 36  
ARG NH2 HH22 sing N N 37  
ARG OXT HXT  sing N N 38  
ASN N   CA   sing N N 39  
ASN N   H    sing N N 40  
ASN N   H2   sing N N 41  
ASN CA  C    sing N N 42  
ASN CA  CB   sing N N 43  
ASN CA  HA   sing N N 44  
ASN C   O    doub N N 45  
ASN C   OXT  sing N N 46  
ASN CB  CG   sing N N 47  
ASN CB  HB2  sing N N 48  
ASN CB  HB3  sing N N 49  
ASN CG  OD1  doub N N 50  
ASN CG  ND2  sing N N 51  
ASN ND2 HD21 sing N N 52  
ASN ND2 HD22 sing N N 53  
ASN OXT HXT  sing N N 54  
ASP N   CA   sing N N 55  
ASP N   H    sing N N 56  
ASP N   H2   sing N N 57  
ASP CA  C    sing N N 58  
ASP CA  CB   sing N N 59  
ASP CA  HA   sing N N 60  
ASP C   O    doub N N 61  
ASP C   OXT  sing N N 62  
ASP CB  CG   sing N N 63  
ASP CB  HB2  sing N N 64  
ASP CB  HB3  sing N N 65  
ASP CG  OD1  doub N N 66  
ASP CG  OD2  sing N N 67  
ASP OD2 HD2  sing N N 68  
ASP OXT HXT  sing N N 69  
CYS N   CA   sing N N 70  
CYS N   H    sing N N 71  
CYS N   H2   sing N N 72  
CYS CA  C    sing N N 73  
CYS CA  CB   sing N N 74  
CYS CA  HA   sing N N 75  
CYS C   O    doub N N 76  
CYS C   OXT  sing N N 77  
CYS CB  SG   sing N N 78  
CYS CB  HB2  sing N N 79  
CYS CB  HB3  sing N N 80  
CYS SG  HG   sing N N 81  
CYS OXT HXT  sing N N 82  
GLN N   CA   sing N N 83  
GLN N   H    sing N N 84  
GLN N   H2   sing N N 85  
GLN CA  C    sing N N 86  
GLN CA  CB   sing N N 87  
GLN CA  HA   sing N N 88  
GLN C   O    doub N N 89  
GLN C   OXT  sing N N 90  
GLN CB  CG   sing N N 91  
GLN CB  HB2  sing N N 92  
GLN CB  HB3  sing N N 93  
GLN CG  CD   sing N N 94  
GLN CG  HG2  sing N N 95  
GLN CG  HG3  sing N N 96  
GLN CD  OE1  doub N N 97  
GLN CD  NE2  sing N N 98  
GLN NE2 HE21 sing N N 99  
GLN NE2 HE22 sing N N 100 
GLN OXT HXT  sing N N 101 
GLU N   CA   sing N N 102 
GLU N   H    sing N N 103 
GLU N   H2   sing N N 104 
GLU CA  C    sing N N 105 
GLU CA  CB   sing N N 106 
GLU CA  HA   sing N N 107 
GLU C   O    doub N N 108 
GLU C   OXT  sing N N 109 
GLU CB  CG   sing N N 110 
GLU CB  HB2  sing N N 111 
GLU CB  HB3  sing N N 112 
GLU CG  CD   sing N N 113 
GLU CG  HG2  sing N N 114 
GLU CG  HG3  sing N N 115 
GLU CD  OE1  doub N N 116 
GLU CD  OE2  sing N N 117 
GLU OE2 HE2  sing N N 118 
GLU OXT HXT  sing N N 119 
GLY N   CA   sing N N 120 
GLY N   H    sing N N 121 
GLY N   H2   sing N N 122 
GLY CA  C    sing N N 123 
GLY CA  HA2  sing N N 124 
GLY CA  HA3  sing N N 125 
GLY C   O    doub N N 126 
GLY C   OXT  sing N N 127 
GLY OXT HXT  sing N N 128 
HIS N   CA   sing N N 129 
HIS N   H    sing N N 130 
HIS N   H2   sing N N 131 
HIS CA  C    sing N N 132 
HIS CA  CB   sing N N 133 
HIS CA  HA   sing N N 134 
HIS C   O    doub N N 135 
HIS C   OXT  sing N N 136 
HIS CB  CG   sing N N 137 
HIS CB  HB2  sing N N 138 
HIS CB  HB3  sing N N 139 
HIS CG  ND1  sing Y N 140 
HIS CG  CD2  doub Y N 141 
HIS ND1 CE1  doub Y N 142 
HIS ND1 HD1  sing N N 143 
HIS CD2 NE2  sing Y N 144 
HIS CD2 HD2  sing N N 145 
HIS CE1 NE2  sing Y N 146 
HIS CE1 HE1  sing N N 147 
HIS NE2 HE2  sing N N 148 
HIS OXT HXT  sing N N 149 
HOH O   H1   sing N N 150 
HOH O   H2   sing N N 151 
ILE N   CA   sing N N 152 
ILE N   H    sing N N 153 
ILE N   H2   sing N N 154 
ILE CA  C    sing N N 155 
ILE CA  CB   sing N N 156 
ILE CA  HA   sing N N 157 
ILE C   O    doub N N 158 
ILE C   OXT  sing N N 159 
ILE CB  CG1  sing N N 160 
ILE CB  CG2  sing N N 161 
ILE CB  HB   sing N N 162 
ILE CG1 CD1  sing N N 163 
ILE CG1 HG12 sing N N 164 
ILE CG1 HG13 sing N N 165 
ILE CG2 HG21 sing N N 166 
ILE CG2 HG22 sing N N 167 
ILE CG2 HG23 sing N N 168 
ILE CD1 HD11 sing N N 169 
ILE CD1 HD12 sing N N 170 
ILE CD1 HD13 sing N N 171 
ILE OXT HXT  sing N N 172 
LEU N   CA   sing N N 173 
LEU N   H    sing N N 174 
LEU N   H2   sing N N 175 
LEU CA  C    sing N N 176 
LEU CA  CB   sing N N 177 
LEU CA  HA   sing N N 178 
LEU C   O    doub N N 179 
LEU C   OXT  sing N N 180 
LEU CB  CG   sing N N 181 
LEU CB  HB2  sing N N 182 
LEU CB  HB3  sing N N 183 
LEU CG  CD1  sing N N 184 
LEU CG  CD2  sing N N 185 
LEU CG  HG   sing N N 186 
LEU CD1 HD11 sing N N 187 
LEU CD1 HD12 sing N N 188 
LEU CD1 HD13 sing N N 189 
LEU CD2 HD21 sing N N 190 
LEU CD2 HD22 sing N N 191 
LEU CD2 HD23 sing N N 192 
LEU OXT HXT  sing N N 193 
LYS N   CA   sing N N 194 
LYS N   H    sing N N 195 
LYS N   H2   sing N N 196 
LYS CA  C    sing N N 197 
LYS CA  CB   sing N N 198 
LYS CA  HA   sing N N 199 
LYS C   O    doub N N 200 
LYS C   OXT  sing N N 201 
LYS CB  CG   sing N N 202 
LYS CB  HB2  sing N N 203 
LYS CB  HB3  sing N N 204 
LYS CG  CD   sing N N 205 
LYS CG  HG2  sing N N 206 
LYS CG  HG3  sing N N 207 
LYS CD  CE   sing N N 208 
LYS CD  HD2  sing N N 209 
LYS CD  HD3  sing N N 210 
LYS CE  NZ   sing N N 211 
LYS CE  HE2  sing N N 212 
LYS CE  HE3  sing N N 213 
LYS NZ  HZ1  sing N N 214 
LYS NZ  HZ2  sing N N 215 
LYS NZ  HZ3  sing N N 216 
LYS OXT HXT  sing N N 217 
MET N   CA   sing N N 218 
MET N   H    sing N N 219 
MET N   H2   sing N N 220 
MET CA  C    sing N N 221 
MET CA  CB   sing N N 222 
MET CA  HA   sing N N 223 
MET C   O    doub N N 224 
MET C   OXT  sing N N 225 
MET CB  CG   sing N N 226 
MET CB  HB2  sing N N 227 
MET CB  HB3  sing N N 228 
MET CG  SD   sing N N 229 
MET CG  HG2  sing N N 230 
MET CG  HG3  sing N N 231 
MET SD  CE   sing N N 232 
MET CE  HE1  sing N N 233 
MET CE  HE2  sing N N 234 
MET CE  HE3  sing N N 235 
MET OXT HXT  sing N N 236 
PHE N   CA   sing N N 237 
PHE N   H    sing N N 238 
PHE N   H2   sing N N 239 
PHE CA  C    sing N N 240 
PHE CA  CB   sing N N 241 
PHE CA  HA   sing N N 242 
PHE C   O    doub N N 243 
PHE C   OXT  sing N N 244 
PHE CB  CG   sing N N 245 
PHE CB  HB2  sing N N 246 
PHE CB  HB3  sing N N 247 
PHE CG  CD1  doub Y N 248 
PHE CG  CD2  sing Y N 249 
PHE CD1 CE1  sing Y N 250 
PHE CD1 HD1  sing N N 251 
PHE CD2 CE2  doub Y N 252 
PHE CD2 HD2  sing N N 253 
PHE CE1 CZ   doub Y N 254 
PHE CE1 HE1  sing N N 255 
PHE CE2 CZ   sing Y N 256 
PHE CE2 HE2  sing N N 257 
PHE CZ  HZ   sing N N 258 
PHE OXT HXT  sing N N 259 
PRO N   CA   sing N N 260 
PRO N   CD   sing N N 261 
PRO N   H    sing N N 262 
PRO CA  C    sing N N 263 
PRO CA  CB   sing N N 264 
PRO CA  HA   sing N N 265 
PRO C   O    doub N N 266 
PRO C   OXT  sing N N 267 
PRO CB  CG   sing N N 268 
PRO CB  HB2  sing N N 269 
PRO CB  HB3  sing N N 270 
PRO CG  CD   sing N N 271 
PRO CG  HG2  sing N N 272 
PRO CG  HG3  sing N N 273 
PRO CD  HD2  sing N N 274 
PRO CD  HD3  sing N N 275 
PRO OXT HXT  sing N N 276 
SER N   CA   sing N N 277 
SER N   H    sing N N 278 
SER N   H2   sing N N 279 
SER CA  C    sing N N 280 
SER CA  CB   sing N N 281 
SER CA  HA   sing N N 282 
SER C   O    doub N N 283 
SER C   OXT  sing N N 284 
SER CB  OG   sing N N 285 
SER CB  HB2  sing N N 286 
SER CB  HB3  sing N N 287 
SER OG  HG   sing N N 288 
SER OXT HXT  sing N N 289 
THR N   CA   sing N N 290 
THR N   H    sing N N 291 
THR N   H2   sing N N 292 
THR CA  C    sing N N 293 
THR CA  CB   sing N N 294 
THR CA  HA   sing N N 295 
THR C   O    doub N N 296 
THR C   OXT  sing N N 297 
THR CB  OG1  sing N N 298 
THR CB  CG2  sing N N 299 
THR CB  HB   sing N N 300 
THR OG1 HG1  sing N N 301 
THR CG2 HG21 sing N N 302 
THR CG2 HG22 sing N N 303 
THR CG2 HG23 sing N N 304 
THR OXT HXT  sing N N 305 
TRP N   CA   sing N N 306 
TRP N   H    sing N N 307 
TRP N   H2   sing N N 308 
TRP CA  C    sing N N 309 
TRP CA  CB   sing N N 310 
TRP CA  HA   sing N N 311 
TRP C   O    doub N N 312 
TRP C   OXT  sing N N 313 
TRP CB  CG   sing N N 314 
TRP CB  HB2  sing N N 315 
TRP CB  HB3  sing N N 316 
TRP CG  CD1  doub Y N 317 
TRP CG  CD2  sing Y N 318 
TRP CD1 NE1  sing Y N 319 
TRP CD1 HD1  sing N N 320 
TRP CD2 CE2  doub Y N 321 
TRP CD2 CE3  sing Y N 322 
TRP NE1 CE2  sing Y N 323 
TRP NE1 HE1  sing N N 324 
TRP CE2 CZ2  sing Y N 325 
TRP CE3 CZ3  doub Y N 326 
TRP CE3 HE3  sing N N 327 
TRP CZ2 CH2  doub Y N 328 
TRP CZ2 HZ2  sing N N 329 
TRP CZ3 CH2  sing Y N 330 
TRP CZ3 HZ3  sing N N 331 
TRP CH2 HH2  sing N N 332 
TRP OXT HXT  sing N N 333 
TYR N   CA   sing N N 334 
TYR N   H    sing N N 335 
TYR N   H2   sing N N 336 
TYR CA  C    sing N N 337 
TYR CA  CB   sing N N 338 
TYR CA  HA   sing N N 339 
TYR C   O    doub N N 340 
TYR C   OXT  sing N N 341 
TYR CB  CG   sing N N 342 
TYR CB  HB2  sing N N 343 
TYR CB  HB3  sing N N 344 
TYR CG  CD1  doub Y N 345 
TYR CG  CD2  sing Y N 346 
TYR CD1 CE1  sing Y N 347 
TYR CD1 HD1  sing N N 348 
TYR CD2 CE2  doub Y N 349 
TYR CD2 HD2  sing N N 350 
TYR CE1 CZ   doub Y N 351 
TYR CE1 HE1  sing N N 352 
TYR CE2 CZ   sing Y N 353 
TYR CE2 HE2  sing N N 354 
TYR CZ  OH   sing N N 355 
TYR OH  HH   sing N N 356 
TYR OXT HXT  sing N N 357 
VAL N   CA   sing N N 358 
VAL N   H    sing N N 359 
VAL N   H2   sing N N 360 
VAL CA  C    sing N N 361 
VAL CA  CB   sing N N 362 
VAL CA  HA   sing N N 363 
VAL C   O    doub N N 364 
VAL C   OXT  sing N N 365 
VAL CB  CG1  sing N N 366 
VAL CB  CG2  sing N N 367 
VAL CB  HB   sing N N 368 
VAL CG1 HG11 sing N N 369 
VAL CG1 HG12 sing N N 370 
VAL CG1 HG13 sing N N 371 
VAL CG2 HG21 sing N N 372 
VAL CG2 HG22 sing N N 373 
VAL CG2 HG23 sing N N 374 
VAL OXT HXT  sing N N 375 
# 
_pdbx_audit_support.funding_organization   'European Regional Development Fund' 
_pdbx_audit_support.country                'European Union' 
_pdbx_audit_support.grant_number           1.1.1.2/VIAA/3/19/462 
_pdbx_audit_support.ordinal                1 
# 
_pdbx_initial_refinement_model.id               1 
_pdbx_initial_refinement_model.entity_id_list   ? 
_pdbx_initial_refinement_model.type             'experimental model' 
_pdbx_initial_refinement_model.source_name      PDB 
_pdbx_initial_refinement_model.accession_code   6FF0 
_pdbx_initial_refinement_model.details          ? 
# 
_space_group.name_H-M_alt     'C 1 2 1' 
_space_group.name_Hall        'C 2y' 
_space_group.IT_number        5 
_space_group.crystal_system   monoclinic 
_space_group.id               1 
# 
_atom_sites.entry_id                    7YZV 
_atom_sites.Cartn_transf_matrix[1][1]   ? 
_atom_sites.Cartn_transf_matrix[1][2]   ? 
_atom_sites.Cartn_transf_matrix[1][3]   ? 
_atom_sites.Cartn_transf_matrix[2][1]   ? 
_atom_sites.Cartn_transf_matrix[2][2]   ? 
_atom_sites.Cartn_transf_matrix[2][3]   ? 
_atom_sites.Cartn_transf_matrix[3][1]   ? 
_atom_sites.Cartn_transf_matrix[3][2]   ? 
_atom_sites.Cartn_transf_matrix[3][3]   ? 
_atom_sites.Cartn_transf_vector[1]      ? 
_atom_sites.Cartn_transf_vector[2]      ? 
_atom_sites.Cartn_transf_vector[3]      ? 
_atom_sites.fract_transf_matrix[1][1]   -0.00875150 
_atom_sites.fract_transf_matrix[1][2]   -0.00390762 
_atom_sites.fract_transf_matrix[1][3]   -0.00551103 
_atom_sites.fract_transf_matrix[2][1]   -0.01618012 
_atom_sites.fract_transf_matrix[2][2]   0.01669088 
_atom_sites.fract_transf_matrix[2][3]   0.01385924 
_atom_sites.fract_transf_matrix[3][1]   -0.00654535 
_atom_sites.fract_transf_matrix[3][2]   0.00638591 
_atom_sites.fract_transf_matrix[3][3]   -0.01533208 
_atom_sites.fract_transf_vector[1]      0.058772 
_atom_sites.fract_transf_vector[2]      -0.005527 
_atom_sites.fract_transf_vector[3]      0.308095 
_atom_sites.solution_primary            ? 
_atom_sites.solution_secondary          ? 
_atom_sites.solution_hydrogens          ? 
_atom_sites.special_details             ? 
# 
loop_
_atom_type.symbol 
_atom_type.scat_dispersion_real 
_atom_type.scat_dispersion_imag 
_atom_type.scat_Cromer_Mann_a1 
_atom_type.scat_Cromer_Mann_a2 
_atom_type.scat_Cromer_Mann_a3 
_atom_type.scat_Cromer_Mann_a4 
_atom_type.scat_Cromer_Mann_b1 
_atom_type.scat_Cromer_Mann_b2 
_atom_type.scat_Cromer_Mann_b3 
_atom_type.scat_Cromer_Mann_b4 
_atom_type.scat_Cromer_Mann_c 
_atom_type.scat_source 
_atom_type.scat_dispersion_source 
C ? ? 3.54356 2.42580 ? ? 25.62398 1.50364  ? ? 0.0 
;2-Gaussian fit: Grosse-Kunstleve RW, Sauter NK, Adams PD: Newsletter of the IUCr Commission on Crystallographic Computing 2004, 3, 22-31.
;
? 
N ? ? 4.01032 2.96436 ? ? 19.97189 1.75589  ? ? 0.0 
;2-Gaussian fit: Grosse-Kunstleve RW, Sauter NK, Adams PD: Newsletter of the IUCr Commission on Crystallographic Computing 2004, 3, 22-31.
;
? 
O ? ? 4.49882 3.47563 ? ? 15.80542 1.70748  ? ? 0.0 
;2-Gaussian fit: Grosse-Kunstleve RW, Sauter NK, Adams PD: Newsletter of the IUCr Commission on Crystallographic Computing 2004, 3, 22-31.
;
? 
S ? ? 9.55732 6.39887 ? ? 1.23737  29.19336 ? ? 0.0 
;2-Gaussian fit: Grosse-Kunstleve RW, Sauter NK, Adams PD: Newsletter of the IUCr Commission on Crystallographic Computing 2004, 3, 22-31.
;
? 
# 
loop_
_atom_site.group_PDB 
_atom_site.id 
_atom_site.type_symbol 
_atom_site.label_atom_id 
_atom_site.label_alt_id 
_atom_site.label_comp_id 
_atom_site.label_asym_id 
_atom_site.label_entity_id 
_atom_site.label_seq_id 
_atom_site.pdbx_PDB_ins_code 
_atom_site.Cartn_x 
_atom_site.Cartn_y 
_atom_site.Cartn_z 
_atom_site.occupancy 
_atom_site.B_iso_or_equiv 
_atom_site.pdbx_formal_charge 
_atom_site.auth_seq_id 
_atom_site.auth_comp_id 
_atom_site.auth_asym_id 
_atom_site.auth_atom_id 
_atom_site.pdbx_PDB_model_num 
ATOM   1    N N   . SER A 1 5   ? 15.62800  -1.21052  13.29824  1.000 32.87203 ? 5   SER A N   1 
ATOM   2    C CA  . SER A 1 5   ? 14.20172  -1.09452  13.01837  1.000 29.29437 ? 5   SER A CA  1 
ATOM   3    C C   . SER A 1 5   ? 13.41474  -2.06150  13.89612  1.000 26.87101 ? 5   SER A C   1 
ATOM   4    O O   . SER A 1 5   ? 13.57003  -3.27548  13.78790  1.000 28.37921 ? 5   SER A O   1 
ATOM   5    C CB  . SER A 1 5   ? 13.92625  -1.35875  11.53480  1.000 29.17903 ? 5   SER A CB  1 
ATOM   6    O OG  . SER A 1 5   ? 12.53916  -1.30907  11.23131  1.000 27.93739 ? 5   SER A OG  1 
ATOM   7    N N   . ILE A 1 6   ? 12.58797  -1.51300  14.78044  1.000 28.91335 ? 6   ILE A N   1 
ATOM   8    C CA  . ILE A 1 6   ? 11.76241  -2.31255  15.68205  1.000 26.78680 ? 6   ILE A CA  1 
ATOM   9    C C   . ILE A 1 6   ? 10.58315  -2.88417  14.90361  1.000 25.39547 ? 6   ILE A C   1 
ATOM   10   O O   . ILE A 1 6   ? 9.86805   -2.14603  14.21416  1.000 26.47230 ? 6   ILE A O   1 
ATOM   11   C CB  . ILE A 1 6   ? 11.27967  -1.45418  16.86286  1.000 28.44334 ? 6   ILE A CB  1 
ATOM   12   C CG1 . ILE A 1 6   ? 12.46846  -0.77722  17.55367  1.000 32.30032 ? 6   ILE A CG1 1 
ATOM   13   C CG2 . ILE A 1 6   ? 10.46800  -2.28801  17.85117  1.000 27.41622 ? 6   ILE A CG2 1 
ATOM   14   C CD1 . ILE A 1 6   ? 12.06506  0.35038   18.48612  1.000 36.19916 ? 6   ILE A CD1 1 
ATOM   15   N N   . VAL A 1 7   ? 10.36050  -4.19206  15.03258  1.000 19.94297 ? 7   VAL A N   1 
ATOM   16   C CA  . VAL A 1 7   ? 9.26520   -4.88971  14.36265  1.000 20.45361 ? 7   VAL A CA  1 
ATOM   17   C C   . VAL A 1 7   ? 8.27876   -5.36959  15.42149  1.000 21.42116 ? 7   VAL A C   1 
ATOM   18   O O   . VAL A 1 7   ? 8.67546   -6.01461  16.40061  1.000 19.82068 ? 7   VAL A O   1 
ATOM   19   C CB  . VAL A 1 7   ? 9.77787   -6.06019  13.50411  1.000 19.73859 ? 7   VAL A CB  1 
ATOM   20   C CG1 . VAL A 1 7   ? 8.61628   -6.80047  12.86416  1.000 20.69323 ? 7   VAL A CG1 1 
ATOM   21   C CG2 . VAL A 1 7   ? 10.71895  -5.54837  12.42241  1.000 19.32916 ? 7   VAL A CG2 1 
ATOM   22   N N   . SER A 1 8   ? 6.99329   -5.07037  15.21719  1.000 18.43303 ? 8   SER A N   1 
ATOM   23   C CA  . SER A 1 8   ? 5.95993   -5.31329  16.21761  1.000 16.64137 ? 8   SER A CA  1 
ATOM   24   C C   . SER A 1 8   ? 4.73337   -5.97822  15.60764  1.000 16.84813 ? 8   SER A C   1 
ATOM   25   O O   . SER A 1 8   ? 4.37447   -5.73296  14.45222  1.000 16.98416 ? 8   SER A O   1 
ATOM   26   C CB  . SER A 1 8   ? 5.51334   -4.00616  16.88255  1.000 19.88009 ? 8   SER A CB  1 
ATOM   27   O OG  . SER A 1 8   ? 6.61057   -3.29738  17.42378  1.000 21.52876 ? 8   SER A OG  1 
ATOM   28   N N   . SER A 1 9   ? 4.07141   -6.80896  16.40862  1.000 14.09373 ? 9   SER A N   1 
ATOM   29   C CA  . SER A 1 9   ? 2.75802   -7.31950  16.02523  1.000 14.26218 ? 9   SER A CA  1 
ATOM   30   C C   . SER A 1 9   ? 1.72251   -6.20108  16.00938  1.000 14.87057 ? 9   SER A C   1 
ATOM   31   O O   . SER A 1 9   ? 1.72032   -5.32447  16.87468  1.000 13.59476 ? 9   SER A O   1 
ATOM   32   C CB  . SER A 1 9   ? 2.30539   -8.40584  17.00163  1.000 13.78885 ? 9   SER A CB  1 
ATOM   33   O OG  . SER A 1 9   ? 2.96258   -9.62357  16.75979  1.000 12.93656 ? 9   SER A OG  1 
ATOM   34   N N   . VAL A 1 10  ? 0.81617   -6.24565  15.03119  1.000 13.22721 ? 10  VAL A N   1 
ATOM   35   C CA  . VAL A 1 10  ? -0.30531  -5.30969  14.94915  1.000 16.77032 ? 10  VAL A CA  1 
ATOM   36   C C   . VAL A 1 10  ? -1.58801  -6.10600  15.16271  1.000 13.65564 ? 10  VAL A C   1 
ATOM   37   O O   . VAL A 1 10  ? -1.86029  -7.05750  14.42553  1.000 14.69301 ? 10  VAL A O   1 
ATOM   38   C CB  . VAL A 1 10  ? -0.33782  -4.57592  13.60055  1.000 14.51281 ? 10  VAL A CB  1 
ATOM   39   C CG1 . VAL A 1 10  ? -1.59019  -3.70819  13.50286  1.000 15.37844 ? 10  VAL A CG1 1 
ATOM   40   C CG2 . VAL A 1 10  ? 0.91132   -3.74765  13.41242  1.000 13.84210 ? 10  VAL A CG2 1 
ATOM   41   N N   . ALA A 1 11  ? -2.37841  -5.71332  16.15836  1.000 15.62770 ? 11  ALA A N   1 
ATOM   42   C CA  . ALA A 1 11  ? -3.55888  -6.48344  16.51268  1.000 14.32373 ? 11  ALA A CA  1 
ATOM   43   C C   . ALA A 1 11  ? -4.59363  -6.39778  15.39371  1.000 15.27887 ? 11  ALA A C   1 
ATOM   44   O O   . ALA A 1 11  ? -4.64262  -5.40593  14.66415  1.000 15.51903 ? 11  ALA A O   1 
ATOM   45   C CB  . ALA A 1 11  ? -4.15527  -5.98169  17.82165  1.000 21.09925 ? 11  ALA A CB  1 
ATOM   46   N N   . PRO A 1 12  ? -5.40639  -7.43855  15.21080  1.000 15.74933 ? 12  PRO A N   1 
ATOM   47   C CA  . PRO A 1 12  ? -6.33510  -7.43643  14.07492  1.000 15.20035 ? 12  PRO A CA  1 
ATOM   48   C C   . PRO A 1 12  ? -7.22540  -6.20726  14.13882  1.000 16.89413 ? 12  PRO A C   1 
ATOM   49   O O   . PRO A 1 12  ? -7.75034  -5.84627  15.19644  1.000 17.34345 ? 12  PRO A O   1 
ATOM   50   C CB  . PRO A 1 12  ? -7.13203  -8.73298  14.26469  1.000 15.24526 ? 12  PRO A CB  1 
ATOM   51   C CG  . PRO A 1 12  ? -6.17984  -9.63111  15.02530  1.000 16.86892 ? 12  PRO A CG  1 
ATOM   52   C CD  . PRO A 1 12  ? -5.40228  -8.72641  15.92649  1.000 18.80554 ? 12  PRO A CD  1 
ATOM   53   N N   . GLY A 1 13  ? -7.36491  -5.54700  12.99650  1.000 16.02371 ? 13  GLY A N   1 
ATOM   54   C CA  . GLY A 1 13  ? -8.16771  -4.35544  12.90194  1.000 16.73512 ? 13  GLY A CA  1 
ATOM   55   C C   . GLY A 1 13  ? -7.53616  -3.07611  13.41004  1.000 16.63523 ? 13  GLY A C   1 
ATOM   56   O O   . GLY A 1 13  ? -8.20652  -2.03488  13.37940  1.000 18.33338 ? 13  GLY A O   1 
ATOM   57   N N   . LYS A 1 14  ? -6.28568  -3.10333  13.89574  1.000 14.96850 ? 14  LYS A N   1 
ATOM   58   C CA  . LYS A 1 14  ? -5.64836  -1.90777  14.43892  1.000 16.20383 ? 14  LYS A CA  1 
ATOM   59   C C   . LYS A 1 14  ? -4.62483  -1.29951  13.48650  1.000 14.57242 ? 14  LYS A C   1 
ATOM   60   O O   . LYS A 1 14  ? -3.96735  -0.31932  13.84324  1.000 18.13614 ? 14  LYS A O   1 
ATOM   61   C CB  . LYS A 1 14  ? -4.98359  -2.21611  15.79314  1.000 15.66258 ? 14  LYS A CB  1 
ATOM   62   C CG  . LYS A 1 14  ? -5.92507  -2.81162  16.84506  1.000 19.70248 ? 14  LYS A CG  1 
ATOM   63   C CD  . LYS A 1 14  ? -7.05780  -1.85601  17.18081  1.000 22.80814 ? 14  LYS A CD  1 
ATOM   64   C CE  . LYS A 1 14  ? -7.98468  -2.44489  18.23717  1.000 27.06207 ? 14  LYS A CE  1 
ATOM   65   N NZ  . LYS A 1 14  ? -9.12235  -1.53408  18.53096  1.000 35.48494 ? 14  LYS A NZ  1 
ATOM   66   N N   . GLU A 1 15  ? -4.47692  -1.86195  12.28953  1.000 12.99107 ? 15  GLU A N   1 
ATOM   67   C CA  . GLU A 1 15  ? -3.68296  -1.25625  11.22968  1.000 12.99819 ? 15  GLU A CA  1 
ATOM   68   C C   . GLU A 1 15  ? -4.41553  -0.01789  10.69062  1.000 13.82748 ? 15  GLU A C   1 
ATOM   69   O O   . GLU A 1 15  ? -5.58272  0.20502   11.01902  1.000 15.46646 ? 15  GLU A O   1 
ATOM   70   C CB  . GLU A 1 15  ? -3.41770  -2.30020  10.13985  1.000 12.57339 ? 15  GLU A CB  1 
ATOM   71   C CG  . GLU A 1 15  ? -4.51061  -2.43496  9.09849   1.000 12.32741 ? 15  GLU A CG  1 
ATOM   72   C CD  . GLU A 1 15  ? -5.59249  -3.41844  9.49623   1.000 13.30134 ? 15  GLU A CD  1 
ATOM   73   O OE1 . GLU A 1 15  ? -5.58653  -3.90065  10.65333  1.000 14.63802 ? 15  GLU A OE1 1 
ATOM   74   O OE2 . GLU A 1 15  ? -6.46065  -3.69804  8.64756   1.000 13.74229 ? 15  GLU A OE2 1 
ATOM   75   N N   . PRO A 1 16  ? -3.73499  0.85498   9.93844   1.000 13.23319 ? 16  PRO A N   1 
ATOM   76   C CA  . PRO A 1 16  ? -4.42186  2.04974   9.42538   1.000 14.39398 ? 16  PRO A CA  1 
ATOM   77   C C   . PRO A 1 16  ? -5.59465  1.65603   8.53249   1.000 14.15348 ? 16  PRO A C   1 
ATOM   78   O O   . PRO A 1 16  ? -5.56488  0.63804   7.84152   1.000 12.93561 ? 16  PRO A O   1 
ATOM   79   C CB  . PRO A 1 16  ? -3.32725  2.78661   8.63570   1.000 14.35244 ? 16  PRO A CB  1 
ATOM   80   C CG  . PRO A 1 16  ? -2.03254  2.27422   9.22168   1.000 13.99665 ? 16  PRO A CG  1 
ATOM   81   C CD  . PRO A 1 16  ? -2.31908  0.82969   9.54277   1.000 14.86191 ? 16  PRO A CD  1 
ATOM   82   N N   . GLY A 1 17  ? -6.66365  2.45812   8.58946   1.000 11.77588 ? 17  GLY A N   1 
ATOM   83   C CA  . GLY A 1 17  ? -7.86571  2.13796   7.83509   1.000 14.73851 ? 17  GLY A CA  1 
ATOM   84   C C   . GLY A 1 17  ? -7.68414  2.13402   6.32914   1.000 13.80593 ? 17  GLY A C   1 
ATOM   85   O O   . GLY A 1 17  ? -8.48935  1.51647   5.62370   1.000 10.60885 ? 17  GLY A O   1 
ATOM   86   N N   . SER A 1 18  ? -6.63738  2.79448   5.82032   1.000 12.35558 ? 18  SER A N   1 
ATOM   87   C CA  . SER A 1 18  ? -6.36812  2.82490   4.38302   1.000 11.64878 ? 18  SER A CA  1 
ATOM   88   C C   . SER A 1 18  ? -5.63344  1.58741   3.87474   1.000 11.05544 ? 18  SER A C   1 
ATOM   89   O O   . SER A 1 18  ? -5.61625  1.35069   2.66328   1.000 12.06761 ? 18  SER A O   1 
ATOM   90   C CB  . SER A 1 18  ? -5.54657  4.07317   4.02214   1.000 12.40272 ? 18  SER A CB  1 
ATOM   91   O OG  . SER A 1 18  ? -4.36914  4.17311   4.82435   1.000 10.93049 ? 18  SER A OG  1 
ATOM   92   N N   . LEU A 1 19  ? -4.99596  0.82467   4.75775   1.000 10.18920 ? 19  LEU A N   1 
ATOM   93   C CA  . LEU A 1 19  ? -4.13296  -0.27125  4.33114   1.000 7.98429  ? 19  LEU A CA  1 
ATOM   94   C C   . LEU A 1 19  ? -4.91872  -1.47701  3.80577   1.000 9.57833  ? 19  LEU A C   1 
ATOM   95   O O   . LEU A 1 19  ? -5.89697  -1.91078  4.41896   1.000 10.96771 ? 19  LEU A O   1 
ATOM   96   C CB  . LEU A 1 19  ? -3.26192  -0.69654  5.51464   1.000 10.05940 ? 19  LEU A CB  1 
ATOM   97   C CG  . LEU A 1 19  ? -2.16917  -1.72304  5.21779   1.000 9.11760  ? 19  LEU A CG  1 
ATOM   98   C CD1 . LEU A 1 19  ? -1.09946  -1.06683  4.35453   1.000 10.15477 ? 19  LEU A CD1 1 
ATOM   99   C CD2 . LEU A 1 19  ? -1.58460  -2.21161  6.54176   1.000 11.83518 ? 19  LEU A CD2 1 
ATOM   100  N N   . VAL A 1 20  ? -4.42500  -2.08538  2.71286   1.000 9.68779  ? 20  VAL A N   1 
ATOM   101  C CA  . VAL A 1 20  ? -4.97724  -3.34055  2.20242   1.000 9.57721  ? 20  VAL A CA  1 
ATOM   102  C C   . VAL A 1 20  ? -3.84042  -4.29254  1.85344   1.000 10.31844 ? 20  VAL A C   1 
ATOM   103  O O   . VAL A 1 20  ? -2.73601  -3.86682  1.49045   1.000 12.22572 ? 20  VAL A O   1 
ATOM   104  C CB  . VAL A 1 20  ? -5.88904  -3.13226  0.96626   1.000 12.33320 ? 20  VAL A CB  1 
ATOM   105  C CG1 . VAL A 1 20  ? -7.16777  -2.44783  1.38141   1.000 14.06146 ? 20  VAL A CG1 1 
ATOM   106  C CG2 . VAL A 1 20  ? -5.17309  -2.34577  -0.13568  1.000 15.49241 ? 20  VAL A CG2 1 
ATOM   107  N N   . CYS A 1 21  ? -4.11524  -5.58571  1.98744   1.000 9.70248  ? 21  CYS A N   1 
ATOM   108  C CA  . CYS A 1 21  ? -3.25004  -6.63133  1.45674   1.000 11.97976 ? 21  CYS A CA  1 
ATOM   109  C C   . CYS A 1 21  ? -3.65031  -6.98235  0.03146   1.000 11.49312 ? 21  CYS A C   1 
ATOM   110  O O   . CYS A 1 21  ? -4.80763  -6.83958  -0.36007  1.000 12.05428 ? 21  CYS A O   1 
ATOM   111  C CB  . CYS A 1 21  ? -3.31664  -7.89333  2.31080   1.000 11.47228 ? 21  CYS A CB  1 
ATOM   112  S SG  . CYS A 1 21  ? -2.94753  -7.58620  4.04608   1.000 16.09376 ? 21  CYS A SG  1 
ATOM   113  N N   . ILE A 1 22  ? -2.68940  -7.49622  -0.72883  1.000 10.77983 ? 22  ILE A N   1 
ATOM   114  C CA  . ILE A 1 22  ? -2.92707  -7.98318  -2.08447  1.000 11.17695 ? 22  ILE A CA  1 
ATOM   115  C C   . ILE A 1 22  ? -2.54950  -9.45871  -2.08202  1.000 12.83031 ? 22  ILE A C   1 
ATOM   116  O O   . ILE A 1 22  ? -1.40699  -9.81143  -1.75197  1.000 10.75706 ? 22  ILE A O   1 
ATOM   117  C CB  . ILE A 1 22  ? -2.12576  -7.17573  -3.11823  1.000 8.77801  ? 22  ILE A CB  1 
ATOM   118  C CG1 . ILE A 1 22  ? -2.49647  -5.69940  -2.97495  1.000 12.52218 ? 22  ILE A CG1 1 
ATOM   119  C CG2 . ILE A 1 22  ? -2.41498  -7.64366  -4.54780  1.000 12.67639 ? 22  ILE A CG2 1 
ATOM   120  C CD1 . ILE A 1 22  ? -1.81281  -4.78662  -3.95158  1.000 18.81533 ? 22  ILE A CD1 1 
ATOM   121  N N   . GLN A 1 23  ? -3.53504  -10.31730 -2.32421  1.000 10.04693 ? 23  GLN A N   1 
ATOM   122  C CA  . GLN A 1 23  ? -3.39024  -11.75942 -2.17719  1.000 11.40739 ? 23  GLN A CA  1 
ATOM   123  C C   . GLN A 1 23  ? -3.51540  -12.45833 -3.52006  1.000 11.68101 ? 23  GLN A C   1 
ATOM   124  O O   . GLN A 1 23  ? -4.24177  -12.00738 -4.40929  1.000 12.49598 ? 23  GLN A O   1 
ATOM   125  C CB  . GLN A 1 23  ? -4.45073  -12.31994 -1.21817  1.000 12.58206 ? 23  GLN A CB  1 
ATOM   126  C CG  . GLN A 1 23  ? -4.23770  -11.93254 0.23441   1.000 13.64604 ? 23  GLN A CG  1 
ATOM   127  C CD  . GLN A 1 23  ? -5.26682  -12.54834 1.16186   1.000 15.43817 ? 23  GLN A CD  1 
ATOM   128  O OE1 . GLN A 1 23  ? -6.16316  -13.25862 0.72481   1.000 19.04628 ? 23  GLN A OE1 1 
ATOM   129  N NE2 . GLN A 1 23  ? -5.13768  -12.26900 2.45423   1.000 18.23142 ? 23  GLN A NE2 1 
ATOM   130  N N   . ALA A 1 24  ? -2.78333  -13.56661 -3.66004  1.000 12.44055 ? 24  ALA A N   1 
ATOM   131  C CA  . ALA A 1 24  ? -3.04354  -14.52558 -4.72231  1.000 12.77764 ? 24  ALA A CA  1 
ATOM   132  C C   . ALA A 1 24  ? -4.28137  -15.35102 -4.37965  1.000 16.27486 ? 24  ALA A C   1 
ATOM   133  O O   . ALA A 1 24  ? -4.85798  -15.23367 -3.29396  1.000 15.82457 ? 24  ALA A O   1 
ATOM   134  C CB  . ALA A 1 24  ? -1.82778  -15.42738 -4.94051  1.000 13.80791 ? 24  ALA A CB  1 
ATOM   135  N N   . LYS A 1 25  ? -4.72793  -16.15949 -5.34300  1.000 14.32290 ? 25  LYS A N   1 
ATOM   136  C CA  . LYS A 1 25  ? -5.98802  -16.86709 -5.14246  1.000 16.60970 ? 25  LYS A CA  1 
ATOM   137  C C   . LYS A 1 25  ? -5.90520  -17.87042 -3.99703  1.000 16.66605 ? 25  LYS A C   1 
ATOM   138  O O   . LYS A 1 25  ? -6.91083  -18.11789 -3.32549  1.000 18.65651 ? 25  LYS A O   1 
ATOM   139  C CB  . LYS A 1 25  ? -6.42823  -17.55854 -6.43126  1.000 17.22595 ? 25  LYS A CB  1 
ATOM   140  C CG  . LYS A 1 25  ? -7.86653  -18.06910 -6.36259  1.000 21.45343 ? 25  LYS A CG  1 
ATOM   141  C CD  . LYS A 1 25  ? -8.40649  -18.41333 -7.73750  1.000 22.03506 ? 25  LYS A CD  1 
ATOM   142  C CE  . LYS A 1 25  ? -9.73205  -19.14478 -7.66199  1.000 25.90039 ? 25  LYS A CE  1 
ATOM   143  N NZ  . LYS A 1 25  ? -10.80352 -18.30366 -7.07456  1.000 27.20956 ? 25  LYS A NZ  1 
ATOM   144  N N   . ASP A 1 26  ? -4.72634  -18.42436 -3.73095  1.000 18.16724 ? 26  ASP A N   1 
ATOM   145  C CA  . ASP A 1 26  ? -4.56581  -19.34672 -2.61367  1.000 18.96730 ? 26  ASP A CA  1 
ATOM   146  C C   . ASP A 1 26  ? -4.40694  -18.63902 -1.27688  1.000 22.14729 ? 26  ASP A C   1 
ATOM   147  O O   . ASP A 1 26  ? -4.11282  -19.30685 -0.28150  1.000 21.61640 ? 26  ASP A O   1 
ATOM   148  C CB  . ASP A 1 26  ? -3.37780  -20.29126 -2.85963  1.000 22.19913 ? 26  ASP A CB  1 
ATOM   149  C CG  . ASP A 1 26  ? -2.01483  -19.59511 -2.77867  1.000 24.20721 ? 26  ASP A CG  1 
ATOM   150  O OD1 . ASP A 1 26  ? -1.93519  -18.34868 -2.63814  1.000 19.70946 ? 26  ASP A OD1 1 
ATOM   151  O OD2 . ASP A 1 26  ? -0.99582  -20.32085 -2.85221  1.000 28.29014 ? 26  ASP A OD2 1 
ATOM   152  N N   . GLY A 1 27  ? -4.56413  -17.31223 -1.24002  1.000 17.99426 ? 27  GLY A N   1 
ATOM   153  C CA  . GLY A 1 27  ? -4.48633  -16.54130 -0.01725  1.000 17.60010 ? 27  GLY A CA  1 
ATOM   154  C C   . GLY A 1 27  ? -3.11375  -16.00497 0.33342   1.000 16.75241 ? 27  GLY A C   1 
ATOM   155  O O   . GLY A 1 27  ? -2.99662  -15.23532 1.29633   1.000 16.62569 ? 27  GLY A O   1 
ATOM   156  N N   . LYS A 1 28  ? -2.07218  -16.37727 -0.40687  1.000 15.84865 ? 28  LYS A N   1 
ATOM   157  C CA  . LYS A 1 28  ? -0.73729  -15.87518 -0.11320  1.000 15.77083 ? 28  LYS A CA  1 
ATOM   158  C C   . LYS A 1 28  ? -0.68509  -14.36684 -0.33885  1.000 15.67668 ? 28  LYS A C   1 
ATOM   159  O O   . LYS A 1 28  ? -1.16519  -13.87558 -1.36032  1.000 16.67353 ? 28  LYS A O   1 
ATOM   160  C CB  . LYS A 1 28  ? 0.28904   -16.58195 -0.99730  1.000 15.71543 ? 28  LYS A CB  1 
ATOM   161  C CG  . LYS A 1 28  ? 1.71789   -16.16326 -0.74914  1.000 20.71693 ? 28  LYS A CG  1 
ATOM   162  C CD  . LYS A 1 28  ? 2.65377   -16.84124 -1.72811  1.000 20.09744 ? 28  LYS A CD  1 
ATOM   163  C CE  . LYS A 1 28  ? 4.05450   -16.26443 -1.62594  1.000 28.41515 ? 28  LYS A CE  1 
ATOM   164  N NZ  . LYS A 1 28  ? 4.65140   -16.56774 -0.29711  1.000 31.59014 ? 28  LYS A NZ  1 
ATOM   165  N N   . VAL A 1 29  ? -0.08057  -13.63746 0.59688   1.000 15.62826 ? 29  VAL A N   1 
ATOM   166  C CA  . VAL A 1 29  ? 0.02345   -12.18423 0.49522   1.000 12.76848 ? 29  VAL A CA  1 
ATOM   167  C C   . VAL A 1 29  ? 1.27137   -11.87727 -0.32236  1.000 14.84758 ? 29  VAL A C   1 
ATOM   168  O O   . VAL A 1 29  ? 2.38637   -12.17116 0.10561   1.000 15.40307 ? 29  VAL A O   1 
ATOM   169  C CB  . VAL A 1 29  ? 0.07836   -11.51034 1.87260   1.000 13.31556 ? 29  VAL A CB  1 
ATOM   170  C CG1 . VAL A 1 29  ? 0.30182   -9.98074  1.73253   1.000 14.26206 ? 29  VAL A CG1 1 
ATOM   171  C CG2 . VAL A 1 29  ? -1.18530  -11.79715 2.67821   1.000 14.02616 ? 29  VAL A CG2 1 
ATOM   172  N N   . ILE A 1 30  ? 1.08173   -11.32881 -1.52076  1.000 10.22688 ? 30  ILE A N   1 
ATOM   173  C CA  . ILE A 1 30  ? 2.20107   -11.02705 -2.40845  1.000 14.06267 ? 30  ILE A CA  1 
ATOM   174  C C   . ILE A 1 30  ? 2.51959   -9.54532  -2.46674  1.000 14.96816 ? 30  ILE A C   1 
ATOM   175  O O   . ILE A 1 30  ? 3.49329   -9.15996  -3.12297  1.000 16.16908 ? 30  ILE A O   1 
ATOM   176  C CB  . ILE A 1 30  ? 1.95289   -11.57618 -3.82200  1.000 13.01454 ? 30  ILE A CB  1 
ATOM   177  C CG1 . ILE A 1 30  ? 0.74460   -10.87938 -4.44134  1.000 18.82949 ? 30  ILE A CG1 1 
ATOM   178  C CG2 . ILE A 1 30  ? 1.75180   -13.09378 -3.76228  1.000 18.17359 ? 30  ILE A CG2 1 
ATOM   179  C CD1 . ILE A 1 30  ? 0.93237   -10.56029 -5.90171  1.000 21.50812 ? 30  ILE A CD1 1 
ATOM   180  N N   . GLY A 1 31  ? 1.73987   -8.70106  -1.80906  1.000 12.92309 ? 31  GLY A N   1 
ATOM   181  C CA  . GLY A 1 31  ? 2.05167   -7.28310  -1.79152  1.000 9.92294  ? 31  GLY A CA  1 
ATOM   182  C C   . GLY A 1 31  ? 1.07403   -6.56091  -0.89265  1.000 10.01477 ? 31  GLY A C   1 
ATOM   183  O O   . GLY A 1 31  ? 0.18100   -7.17115  -0.29101  1.000 10.27223 ? 31  GLY A O   1 
ATOM   184  N N   . MET A 1 32  ? 1.24803   -5.24426  -0.82052  1.000 11.02156 ? 32  MET A N   1 
ATOM   185  C CA  . MET A 1 32  ? 0.37971   -4.38467  -0.02105  1.000 10.72510 ? 32  MET A CA  1 
ATOM   186  C C   . MET A 1 32  ? 0.00577   -3.15384  -0.83517  1.000 9.67909  ? 32  MET A C   1 
ATOM   187  O O   . MET A 1 32  ? 0.54040   -2.90911  -1.92526  1.000 12.89594 ? 32  MET A O   1 
ATOM   188  C CB  . MET A 1 32  ? 1.01443   -3.93846  1.30678   1.000 11.36156 ? 32  MET A CB  1 
ATOM   189  C CG  . MET A 1 32  ? 1.52340   -5.04038  2.24158   1.000 12.14444 ? 32  MET A CG  1 
ATOM   190  S SD  . MET A 1 32  ? 0.23518   -6.06171  2.97233   1.000 12.59483 ? 32  MET A SD  1 
ATOM   191  C CE  . MET A 1 32  ? -0.45291  -4.89144  4.13683   1.000 13.67310 ? 32  MET A CE  1 
ATOM   192  N N   . GLY A 1 33  ? -0.92472  -2.37302  -0.29312  1.000 10.02352 ? 33  GLY A N   1 
ATOM   193  C CA  . GLY A 1 33  ? -1.32287  -1.13647  -0.94697  1.000 13.47683 ? 33  GLY A CA  1 
ATOM   194  C C   . GLY A 1 33  ? -2.15976  -0.29748  -0.00348  1.000 12.61373 ? 33  GLY A C   1 
ATOM   195  O O   . GLY A 1 33  ? -2.34708  -0.64270  1.16826   1.000 11.90660 ? 33  GLY A O   1 
ATOM   196  N N   . ALA A 1 34  ? -2.64612  0.83496   -0.51704  1.000 10.54268 ? 34  ALA A N   1 
ATOM   197  C CA  . ALA A 1 34  ? -3.49587  1.69944   0.30599   1.000 8.79675  ? 34  ALA A CA  1 
ATOM   198  C C   . ALA A 1 34  ? -4.49151  2.45349   -0.55897  1.000 9.89430  ? 34  ALA A C   1 
ATOM   199  O O   . ALA A 1 34  ? -4.25476  2.69080   -1.74395  1.000 11.17976 ? 34  ALA A O   1 
ATOM   200  C CB  . ALA A 1 34  ? -2.67467  2.69782   1.13462   1.000 12.30613 ? 34  ALA A CB  1 
ATOM   201  N N   . ARG A 1 35  ? -5.62335  2.81379   0.04726   1.000 9.23113  ? 35  ARG A N   1 
ATOM   202  C CA  . ARG A 1 35  ? -6.56615  3.74736   -0.56426  1.000 9.16932  ? 35  ARG A CA  1 
ATOM   203  C C   . ARG A 1 35  ? -6.16343  5.16532   -0.18295  1.000 10.71731 ? 35  ARG A C   1 
ATOM   204  O O   . ARG A 1 35  ? -6.02254  5.46009   1.00801   1.000 11.28943 ? 35  ARG A O   1 
ATOM   205  C CB  . ARG A 1 35  ? -7.99055  3.47106   -0.09019  1.000 12.54572 ? 35  ARG A CB  1 
ATOM   206  C CG  . ARG A 1 35  ? -9.00535  4.40787   -0.70765  1.000 10.00866 ? 35  ARG A CG  1 
ATOM   207  C CD  . ARG A 1 35  ? -10.34769 4.24540   -0.05627  1.000 12.31900 ? 35  ARG A CD  1 
ATOM   208  N NE  . ARG A 1 35  ? -11.39558 4.83700   -0.87645  1.000 10.94167 ? 35  ARG A NE  1 
ATOM   209  C CZ  . ARG A 1 35  ? -12.66668 4.91553   -0.50301  1.000 14.47867 ? 35  ARG A CZ  1 
ATOM   210  N NH1 . ARG A 1 35  ? -13.03034 4.43594   0.67317   1.000 14.88997 ? 35  ARG A NH1 1 
ATOM   211  N NH2 . ARG A 1 35  ? -13.57450 5.46554   -1.30498  1.000 12.32594 ? 35  ARG A NH2 1 
ATOM   212  N N   . VAL A 1 36  ? -5.97866  6.03985   -1.18315  1.000 11.69532 ? 36  VAL A N   1 
ATOM   213  C CA  . VAL A 1 36  ? -5.64045  7.43974   -0.91996  1.000 8.98452  ? 36  VAL A CA  1 
ATOM   214  C C   . VAL A 1 36  ? -6.56488  8.38149   -1.68251  1.000 10.08456 ? 36  VAL A C   1 
ATOM   215  O O   . VAL A 1 36  ? -7.02774  8.08749   -2.78763  1.000 11.57304 ? 36  VAL A O   1 
ATOM   216  C CB  . VAL A 1 36  ? -4.16806  7.80073   -1.26859  1.000 9.48740  ? 36  VAL A CB  1 
ATOM   217  C CG1 . VAL A 1 36  ? -3.19586  7.02413   -0.38329  1.000 11.47515 ? 36  VAL A CG1 1 
ATOM   218  C CG2 . VAL A 1 36  ? -3.88243  7.56307   -2.72200  1.000 9.93961  ? 36  VAL A CG2 1 
ATOM   219  N N   . HIS A 1 37  ? -6.76520  9.57127   -1.10771  1.000 13.05321 ? 37  HIS A N   1 
ATOM   220  C CA  . HIS A 1 37  ? -7.48708  10.62445  -1.80479  1.000 12.49480 ? 37  HIS A CA  1 
ATOM   221  C C   . HIS A 1 37  ? -6.73528  11.03350  -3.06027  1.000 13.37872 ? 37  HIS A C   1 
ATOM   222  O O   . HIS A 1 37  ? -5.51004  11.14149  -3.05573  1.000 15.47857 ? 37  HIS A O   1 
ATOM   223  C CB  . HIS A 1 37  ? -7.66568  11.83459  -0.88799  1.000 15.06348 ? 37  HIS A CB  1 
ATOM   224  C CG  . HIS A 1 37  ? -8.72164  11.64333  0.15540   1.000 16.46894 ? 37  HIS A CG  1 
ATOM   225  N ND1 . HIS A 1 37  ? -10.06622 11.78839  -0.11291  1.000 19.01757 ? 37  HIS A ND1 1 
ATOM   226  C CD2 . HIS A 1 37  ? -8.63094  11.30630  1.46327   1.000 16.98357 ? 37  HIS A CD2 1 
ATOM   227  C CE1 . HIS A 1 37  ? -10.75888 11.54180  0.98461   1.000 20.06507 ? 37  HIS A CE1 1 
ATOM   228  N NE2 . HIS A 1 37  ? -9.91221  11.25050  1.95647   1.000 19.19763 ? 37  HIS A NE2 1 
ATOM   229  N N   . CYS A 1 38  ? -7.47561  11.27008  -4.14440  1.000 13.45133 ? 38  CYS A N   1 
ATOM   230  C CA  . CYS A 1 38  ? -6.85138  11.68345  -5.39764  1.000 13.78472 ? 38  CYS A CA  1 
ATOM   231  C C   . CYS A 1 38  ? -7.83420  12.62902  -6.07778  1.000 16.77936 ? 38  CYS A C   1 
ATOM   232  O O   . CYS A 1 38  ? -8.80313  12.18293  -6.69203  1.000 17.48028 ? 38  CYS A O   1 
ATOM   233  C CB  . CYS A 1 38  ? -6.52048  10.47700  -6.26300  1.000 15.73257 ? 38  CYS A CB  1 
ATOM   234  S SG  . CYS A 1 38  ? -5.77406  10.86480  -7.88239  1.000 22.32889 ? 38  CYS A SG  1 
ATOM   235  N N   . GLY A 1 39  ? -7.59859  13.92832  -5.92405  1.000 18.31419 ? 39  GLY A N   1 
ATOM   236  C CA  . GLY A 1 39  ? -8.56970  14.90951  -6.34121  1.000 20.61767 ? 39  GLY A CA  1 
ATOM   237  C C   . GLY A 1 39  ? -9.91298  14.66407  -5.67255  1.000 18.04454 ? 39  GLY A C   1 
ATOM   238  O O   . GLY A 1 39  ? -9.99776  14.37838  -4.47586  1.000 19.51305 ? 39  GLY A O   1 
ATOM   239  N N   . PRO A 1 40  ? -10.99479 14.74141  -6.45332  1.000 20.23742 ? 40  PRO A N   1 
ATOM   240  C CA  . PRO A 1 40  ? -12.33717 14.50937  -5.90195  1.000 22.75103 ? 40  PRO A CA  1 
ATOM   241  C C   . PRO A 1 40  ? -12.65219 13.05223  -5.61501  1.000 20.17936 ? 40  PRO A C   1 
ATOM   242  O O   . PRO A 1 40  ? -13.73180 12.76951  -5.07230  1.000 21.49251 ? 40  PRO A O   1 
ATOM   243  C CB  . PRO A 1 40  ? -13.25496 15.05588  -7.00129  1.000 23.23576 ? 40  PRO A CB  1 
ATOM   244  C CG  . PRO A 1 40  ? -12.48739 14.83491  -8.25156  1.000 24.38993 ? 40  PRO A CG  1 
ATOM   245  C CD  . PRO A 1 40  ? -11.03306 15.01815  -7.89947  1.000 23.57293 ? 40  PRO A CD  1 
ATOM   246  N N   . ALA A 1 41  ? -11.77236 12.12414  -6.00315  1.000 16.33768 ? 41  ALA A N   1 
ATOM   247  C CA  . ALA A 1 41  ? -12.01237 10.69829  -5.82445  1.000 18.24027 ? 41  ALA A CA  1 
ATOM   248  C C   . ALA A 1 41  ? -10.91887 10.06130  -4.97470  1.000 14.72457 ? 41  ALA A C   1 
ATOM   249  O O   . ALA A 1 41  ? -10.22046 10.75656  -4.23089  1.000 15.58187 ? 41  ALA A O   1 
ATOM   250  C CB  . ALA A 1 41  ? -12.11612 10.00205  -7.18392  1.000 19.86999 ? 41  ALA A CB  1 
ATOM   251  N N   . THR A 1 42  ? -10.80857 8.73349   -5.04018  1.000 13.46980 ? 42  THR A N   1 
ATOM   252  C CA  . THR A 1 42  ? -9.76073  7.99724   -4.34741  1.000 10.59475 ? 42  THR A CA  1 
ATOM   253  C C   . THR A 1 42  ? -9.20501  6.93616   -5.29496  1.000 12.55054 ? 42  THR A C   1 
ATOM   254  O O   . THR A 1 42  ? -9.85806  6.53794   -6.26202  1.000 12.30970 ? 42  THR A O   1 
ATOM   255  C CB  . THR A 1 42  ? -10.25900 7.32904   -3.05002  1.000 12.46231 ? 42  THR A CB  1 
ATOM   256  O OG1 . THR A 1 42  ? -11.08954 6.19927   -3.36633  1.000 11.91860 ? 42  THR A OG1 1 
ATOM   257  C CG2 . THR A 1 42  ? -11.03654 8.31337   -2.14063  1.000 12.55017 ? 42  THR A CG2 1 
ATOM   258  N N   . VAL A 1 43  ? -7.99367  6.45816   -4.99896  1.000 10.32683 ? 43  VAL A N   1 
ATOM   259  C CA  . VAL A 1 43  ? -7.36847  5.40549   -5.80241  1.000 9.33138  ? 43  VAL A CA  1 
ATOM   260  C C   . VAL A 1 43  ? -6.65134  4.41972   -4.89060  1.000 11.32075 ? 43  VAL A C   1 
ATOM   261  O O   . VAL A 1 43  ? -6.25744  4.75414   -3.76992  1.000 11.33775 ? 43  VAL A O   1 
ATOM   262  C CB  . VAL A 1 43  ? -6.36114  5.96397   -6.83168  1.000 11.42381 ? 43  VAL A CB  1 
ATOM   263  C CG1 . VAL A 1 43  ? -7.09003  6.65619   -8.00265  1.000 11.08154 ? 43  VAL A CG1 1 
ATOM   264  C CG2 . VAL A 1 43  ? -5.33776  6.86650   -6.14804  1.000 12.50350 ? 43  VAL A CG2 1 
ATOM   265  N N   . LEU A 1 44  ? -6.50420  3.18803   -5.37474  1.000 11.14932 ? 44  LEU A N   1 
ATOM   266  C CA  . LEU A 1 44  ? -5.50481  2.27864   -4.82507  1.000 11.75940 ? 44  LEU A CA  1 
ATOM   267  C C   . LEU A 1 44  ? -4.11734  2.71769   -5.26110  1.000 9.69782  ? 44  LEU A C   1 
ATOM   268  O O   . LEU A 1 44  ? -3.90476  3.02673   -6.42930  1.000 12.29433 ? 44  LEU A O   1 
ATOM   269  C CB  . LEU A 1 44  ? -5.75465  0.85413   -5.31943  1.000 11.56637 ? 44  LEU A CB  1 
ATOM   270  C CG  . LEU A 1 44  ? -4.66155  -0.18408  -5.07297  1.000 10.64274 ? 44  LEU A CG  1 
ATOM   271  C CD1 . LEU A 1 44  ? -4.58265  -0.52835  -3.58531  1.000 9.46744  ? 44  LEU A CD1 1 
ATOM   272  C CD2 . LEU A 1 44  ? -4.89111  -1.43305  -5.91622  1.000 14.74332 ? 44  LEU A CD2 1 
ATOM   273  N N   . VAL A 1 45  ? -3.15166  2.67306   -4.34836  1.000 9.52825  ? 45  VAL A N   1 
ATOM   274  C CA  . VAL A 1 45  ? -1.75364  2.85846   -4.72168  1.000 10.62560 ? 45  VAL A CA  1 
ATOM   275  C C   . VAL A 1 45  ? -0.96854  1.64160   -4.25366  1.000 13.22931 ? 45  VAL A C   1 
ATOM   276  O O   . VAL A 1 45  ? -1.13199  1.18662   -3.11771  1.000 12.16355 ? 45  VAL A O   1 
ATOM   277  C CB  . VAL A 1 45  ? -1.15858  4.16020   -4.14322  1.000 15.37130 ? 45  VAL A CB  1 
ATOM   278  C CG1 . VAL A 1 45  ? -1.28620  4.19376   -2.62780  1.000 12.31658 ? 45  VAL A CG1 1 
ATOM   279  C CG2 . VAL A 1 45  ? 0.28810   4.30478   -4.56691  1.000 20.84118 ? 45  VAL A CG2 1 
ATOM   280  N N   . THR A 1 46  ? -0.10166  1.12744   -5.12114  1.000 12.60225 ? 46  THR A N   1 
ATOM   281  C CA  . THR A 1 46  ? 0.68831   -0.06067  -4.80542  1.000 12.10654 ? 46  THR A CA  1 
ATOM   282  C C   . THR A 1 46  ? 1.91115   -0.06726  -5.71834  1.000 14.56801 ? 46  THR A C   1 
ATOM   283  O O   . THR A 1 46  ? 2.18831   0.91631   -6.41704  1.000 12.20932 ? 46  THR A O   1 
ATOM   284  C CB  . THR A 1 46  ? -0.16620  -1.34039  -4.91006  1.000 13.67897 ? 46  THR A CB  1 
ATOM   285  O OG1 . THR A 1 46  ? 0.58443   -2.46408  -4.42248  1.000 14.61461 ? 46  THR A OG1 1 
ATOM   286  C CG2 . THR A 1 46  ? -0.61736  -1.62276  -6.35041  1.000 11.92303 ? 46  THR A CG2 1 
ATOM   287  N N   . ALA A 1 47  ? 2.68474   -1.15128  -5.65354  1.000 11.86047 ? 47  ALA A N   1 
ATOM   288  C CA  . ALA A 1 47  ? 3.85989   -1.28712  -6.50170  1.000 13.64824 ? 47  ALA A CA  1 
ATOM   289  C C   . ALA A 1 47  ? 3.45530   -1.80455  -7.87101  1.000 12.99293 ? 47  ALA A C   1 
ATOM   290  O O   . ALA A 1 47  ? 2.59303   -2.68531  -7.98951  1.000 11.93889 ? 47  ALA A O   1 
ATOM   291  C CB  . ALA A 1 47  ? 4.87965   -2.23361  -5.87184  1.000 14.79517 ? 47  ALA A CB  1 
ATOM   292  N N   . GLY A 1 48  ? 4.11709   -1.28467  -8.90616  1.000 13.32067 ? 48  GLY A N   1 
ATOM   293  C CA  . GLY A 1 48  ? 3.76684   -1.68651  -10.25818 1.000 14.38059 ? 48  GLY A CA  1 
ATOM   294  C C   . GLY A 1 48  ? 4.00329   -3.16424  -10.51042 1.000 15.55654 ? 48  GLY A C   1 
ATOM   295  O O   . GLY A 1 48  ? 3.17979   -3.82826  -11.14296 1.000 18.85491 ? 48  GLY A O   1 
ATOM   296  N N   . HIS A 1 49  ? 5.09922   -3.71929  -9.97260  1.000 15.33680 ? 49  HIS A N   1 
ATOM   297  C CA  . HIS A 1 49  ? 5.35839   -5.13218  -10.24853 1.000 17.76858 ? 49  HIS A CA  1 
ATOM   298  C C   . HIS A 1 49  ? 4.39021   -6.04227  -9.51538  1.000 17.45904 ? 49  HIS A C   1 
ATOM   299  O O   . HIS A 1 49  ? 4.25758   -7.20779  -9.89522  1.000 18.93957 ? 49  HIS A O   1 
ATOM   300  C CB  . HIS A 1 49  ? 6.80234   -5.53141  -9.91657  1.000 18.74335 ? 49  HIS A CB  1 
ATOM   301  C CG  . HIS A 1 49  ? 7.08283   -5.72731  -8.45635  1.000 20.01540 ? 49  HIS A CG  1 
ATOM   302  N ND1 . HIS A 1 49  ? 7.48719   -4.69838  -7.63332  1.000 18.87235 ? 49  HIS A ND1 1 
ATOM   303  C CD2 . HIS A 1 49  ? 7.06658   -6.83965  -7.68267  1.000 17.16975 ? 49  HIS A CD2 1 
ATOM   304  C CE1 . HIS A 1 49  ? 7.69464   -5.16394  -6.41476  1.000 18.98871 ? 49  HIS A CE1 1 
ATOM   305  N NE2 . HIS A 1 49  ? 7.43278   -6.45882  -6.41385  1.000 20.27211 ? 49  HIS A NE2 1 
ATOM   306  N N   . VAL A 1 50  ? 3.73712   -5.54460  -8.46333  1.000 14.42177 ? 50  VAL A N   1 
ATOM   307  C CA  . VAL A 1 50  ? 2.69040   -6.31965  -7.80438  1.000 14.36254 ? 50  VAL A CA  1 
ATOM   308  C C   . VAL A 1 50  ? 1.43970   -6.34277  -8.66836  1.000 15.09601 ? 50  VAL A C   1 
ATOM   309  O O   . VAL A 1 50  ? 0.87795   -7.40741  -8.96077  1.000 13.92604 ? 50  VAL A O   1 
ATOM   310  C CB  . VAL A 1 50  ? 2.40324   -5.73159  -6.41065  1.000 12.83937 ? 50  VAL A CB  1 
ATOM   311  C CG1 . VAL A 1 50  ? 1.09756   -6.28002  -5.80841  1.000 14.43406 ? 50  VAL A CG1 1 
ATOM   312  C CG2 . VAL A 1 50  ? 3.58771   -5.97255  -5.47543  1.000 16.73641 ? 50  VAL A CG2 1 
ATOM   313  N N   . LEU A 1 51  ? 0.99093   -5.16693  -9.10347  1.000 14.30427 ? 51  LEU A N   1 
ATOM   314  C CA  . LEU A 1 51  ? -0.21129  -5.11750  -9.92800  1.000 14.89629 ? 51  LEU A CA  1 
ATOM   315  C C   . LEU A 1 51  ? -0.00968  -5.86006  -11.24332 1.000 16.76469 ? 51  LEU A C   1 
ATOM   316  O O   . LEU A 1 51  ? -0.96775  -6.40224  -11.80452 1.000 13.80266 ? 51  LEU A O   1 
ATOM   317  C CB  . LEU A 1 51  ? -0.61691  -3.66319  -10.18225 1.000 15.55519 ? 51  LEU A CB  1 
ATOM   318  C CG  . LEU A 1 51  ? -1.97284  -3.45858  -10.86783 1.000 17.88924 ? 51  LEU A CG  1 
ATOM   319  C CD1 . LEU A 1 51  ? -3.14516  -3.79294  -9.93562  1.000 15.58570 ? 51  LEU A CD1 1 
ATOM   320  C CD2 . LEU A 1 51  ? -2.08906  -2.03656  -11.39884 1.000 19.86768 ? 51  LEU A CD2 1 
ATOM   321  N N   . LYS A 1 52  ? 1.22585   -5.91957  -11.74748 1.000 15.13342 ? 52  LYS A N   1 
ATOM   322  C CA  . LYS A 1 52  ? 1.43016   -6.60384  -13.01947 1.000 17.47188 ? 52  LYS A CA  1 
ATOM   323  C C   . LYS A 1 52  ? 1.03471   -8.07417  -12.94508 1.000 15.98472 ? 52  LYS A C   1 
ATOM   324  O O   . LYS A 1 52  ? 0.58187   -8.64383  -13.94464 1.000 15.03176 ? 52  LYS A O   1 
ATOM   325  C CB  . LYS A 1 52  ? 2.88492   -6.47480  -13.47084 1.000 18.43821 ? 52  LYS A CB  1 
ATOM   326  C CG  . LYS A 1 52  ? 3.10418   -7.01775  -14.87522 1.000 22.06388 ? 52  LYS A CG  1 
ATOM   327  C CD  . LYS A 1 52  ? 4.49799   -6.72760  -15.40953 1.000 22.73900 ? 52  LYS A CD  1 
ATOM   328  C CE  . LYS A 1 52  ? 4.64068   -7.26023  -16.83298 1.000 29.61295 ? 52  LYS A CE  1 
ATOM   329  N NZ  . LYS A 1 52  ? 5.98618   -6.96876  -17.41705 1.000 39.05113 ? 52  LYS A NZ  1 
ATOM   330  N N   . LYS A 1 53  ? 1.18161   -8.70101  -11.77814 1.000 16.39236 ? 53  LYS A N   1 
ATOM   331  C CA  . LYS A 1 53  ? 0.82790   -10.11136 -11.63972 1.000 15.00160 ? 53  LYS A CA  1 
ATOM   332  C C   . LYS A 1 53  ? -0.65589  -10.35890 -11.87252 1.000 14.95795 ? 53  LYS A C   1 
ATOM   333  O O   . LYS A 1 53  ? -1.04440  -11.46335 -12.28079 1.000 14.52534 ? 53  LYS A O   1 
ATOM   334  C CB  . LYS A 1 53  ? 1.24300   -10.60720 -10.25537 1.000 15.17746 ? 53  LYS A CB  1 
ATOM   335  C CG  . LYS A 1 53  ? 2.69210   -10.28870 -9.94910  1.000 20.47466 ? 53  LYS A CG  1 
ATOM   336  C CD  . LYS A 1 53  ? 3.18904   -10.94544 -8.67721  1.000 25.84797 ? 53  LYS A CD  1 
ATOM   337  C CE  . LYS A 1 53  ? 4.68749   -10.73766 -8.52220  1.000 26.27128 ? 53  LYS A CE  1 
ATOM   338  N NZ  . LYS A 1 53  ? 5.24265   -11.49957 -7.37620  1.000 32.04841 ? 53  LYS A NZ  1 
ATOM   339  N N   . GLY A 1 54  ? -1.48808  -9.34950  -11.65492 1.000 14.84809 ? 54  GLY A N   1 
ATOM   340  C CA  . GLY A 1 54  ? -2.91188  -9.51854  -11.82027 1.000 13.86376 ? 54  GLY A CA  1 
ATOM   341  C C   . GLY A 1 54  ? -3.38224  -9.42509  -13.24398 1.000 14.76357 ? 54  GLY A C   1 
ATOM   342  O O   . GLY A 1 54  ? -4.58486  -9.51655  -13.48299 1.000 12.73504 ? 54  GLY A O   1 
ATOM   343  N N   . MET A 1 55  ? -2.46224  -9.21354  -14.19416 1.000 12.75299 ? 55  MET A N   1 
ATOM   344  C CA  . MET A 1 55  ? -2.81214  -9.27710  -15.60699 1.000 11.76045 ? 55  MET A CA  1 
ATOM   345  C C   . MET A 1 55  ? -2.98740  -10.71026 -16.09467 1.000 14.30739 ? 55  MET A C   1 
ATOM   346  O O   . MET A 1 55  ? -3.71511  -10.93980 -17.06902 1.000 15.81088 ? 55  MET A O   1 
ATOM   347  C CB  . MET A 1 55  ? -1.74326  -8.57315  -16.44073 1.000 14.80722 ? 55  MET A CB  1 
ATOM   348  C CG  . MET A 1 55  ? -1.67727  -7.08097  -16.20130 1.000 16.17475 ? 55  MET A CG  1 
ATOM   349  S SD  . MET A 1 55  ? -3.07094  -6.24346  -16.96912 1.000 22.86916 ? 55  MET A SD  1 
ATOM   350  C CE  . MET A 1 55  ? -2.54224  -6.21049  -18.68074 1.000 22.01405 ? 55  MET A CE  1 
ATOM   351  N N   . ILE A 1 56  ? -2.32250  -11.67209 -15.45477 1.000 13.90770 ? 56  ILE A N   1 
ATOM   352  C CA  . ILE A 1 56  ? -2.34631  -13.05865 -15.91024 1.000 13.83883 ? 56  ILE A CA  1 
ATOM   353  C C   . ILE A 1 56  ? -2.82456  -14.02595 -14.83864 1.000 13.84746 ? 56  ILE A C   1 
ATOM   354  O O   . ILE A 1 56  ? -2.93875  -15.22235 -15.10974 1.000 14.87026 ? 56  ILE A O   1 
ATOM   355  C CB  . ILE A 1 56  ? -0.96738  -13.49082 -16.44787 1.000 17.13920 ? 56  ILE A CB  1 
ATOM   356  C CG1 . ILE A 1 56  ? 0.07527   -13.48179 -15.32939 1.000 19.18638 ? 56  ILE A CG1 1 
ATOM   357  C CG2 . ILE A 1 56  ? -0.51088  -12.55948 -17.55808 1.000 19.22951 ? 56  ILE A CG2 1 
ATOM   358  C CD1 . ILE A 1 56  ? 1.43097   -14.03763 -15.76264 1.000 22.40232 ? 56  ILE A CD1 1 
ATOM   359  N N   . ALA A 1 57  ? -3.11735  -13.54987 -13.63254 1.000 12.55272 ? 57  ALA A N   1 
ATOM   360  C CA  . ALA A 1 57  ? -3.61606  -14.38836 -12.55248 1.000 13.17447 ? 57  ALA A CA  1 
ATOM   361  C C   . ALA A 1 57  ? -4.53943  -13.53025 -11.70471 1.000 10.66558 ? 57  ALA A C   1 
ATOM   362  O O   . ALA A 1 57  ? -4.50181  -12.30384 -11.77380 1.000 11.55168 ? 57  ALA A O   1 
ATOM   363  C CB  . ALA A 1 57  ? -2.47468  -14.94982 -11.69686 1.000 12.57596 ? 57  ALA A CB  1 
ATOM   364  N N   . ASP A 1 58  ? -5.38071  -14.17144 -10.91320 1.000 11.07257 ? 58  ASP A N   1 
ATOM   365  C CA  . ASP A 1 58  ? -6.30618  -13.39456 -10.10198 1.000 11.78083 ? 58  ASP A CA  1 
ATOM   366  C C   . ASP A 1 58  ? -5.63944  -12.89709 -8.82376  1.000 12.01565 ? 58  ASP A C   1 
ATOM   367  O O   . ASP A 1 58  ? -5.01763  -13.66962 -8.08521  1.000 15.53767 ? 58  ASP A O   1 
ATOM   368  C CB  . ASP A 1 58  ? -7.53752  -14.22906 -9.77375  1.000 8.62304  ? 58  ASP A CB  1 
ATOM   369  C CG  . ASP A 1 58  ? -8.43805  -14.44542 -10.99694 1.000 12.17309 ? 58  ASP A CG  1 
ATOM   370  O OD1 . ASP A 1 58  ? -8.51503  -13.52469 -11.82182 1.000 11.83491 ? 58  ASP A OD1 1 
ATOM   371  O OD2 . ASP A 1 58  ? -9.07062  -15.52225 -11.13476 1.000 12.65230 ? 58  ASP A OD2 1 
ATOM   372  N N   . LEU A 1 59  ? -5.75479  -11.59210 -8.57645  1.000 9.84928  ? 59  LEU A N   1 
ATOM   373  C CA  . LEU A 1 59  ? -5.33634  -11.00319 -7.31537  1.000 7.79701  ? 59  LEU A CA  1 
ATOM   374  C C   . LEU A 1 59  ? -6.56856  -10.53878 -6.55272  1.000 10.10036 ? 59  LEU A C   1 
ATOM   375  O O   . LEU A 1 59  ? -7.58903  -10.18773 -7.15265  1.000 10.24265 ? 59  LEU A O   1 
ATOM   376  C CB  . LEU A 1 59  ? -4.39853  -9.81421  -7.54350  1.000 10.19376 ? 59  LEU A CB  1 
ATOM   377  C CG  . LEU A 1 59  ? -3.05373  -10.11159 -8.19768  1.000 12.96601 ? 59  LEU A CG  1 
ATOM   378  C CD1 . LEU A 1 59  ? -2.34036  -8.79540  -8.37783  1.000 13.80219 ? 59  LEU A CD1 1 
ATOM   379  C CD2 . LEU A 1 59  ? -2.22824  -11.05615 -7.35009  1.000 15.18028 ? 59  LEU A CD2 1 
ATOM   380  N N   . TYR A 1 60  ? -6.44206  -10.49270 -5.23324  1.000 7.91759  ? 60  TYR A N   1 
ATOM   381  C CA  . TYR A 1 60  ? -7.52547  -10.06433 -4.35736  1.000 10.58095 ? 60  TYR A CA  1 
ATOM   382  C C   . TYR A 1 60  ? -7.06676  -8.94803  -3.43017  1.000 9.71743  ? 60  TYR A C   1 
ATOM   383  O O   . TYR A 1 60  ? -5.99004  -9.02404  -2.82447  1.000 12.32189 ? 60  TYR A O   1 
ATOM   384  C CB  . TYR A 1 60  ? -8.05164  -11.24585 -3.52068  1.000 10.65177 ? 60  TYR A CB  1 
ATOM   385  C CG  . TYR A 1 60  ? -8.66568  -12.33777 -4.36325  1.000 11.16522 ? 60  TYR A CG  1 
ATOM   386  C CD1 . TYR A 1 60  ? -7.86557  -13.20074 -5.11336  1.000 11.22046 ? 60  TYR A CD1 1 
ATOM   387  C CD2 . TYR A 1 60  ? -10.03713 -12.48782 -4.44292  1.000 13.56027 ? 60  TYR A CD2 1 
ATOM   388  C CE1 . TYR A 1 60  ? -8.42838  -14.19602 -5.90843  1.000 13.82064 ? 60  TYR A CE1 1 
ATOM   389  C CE2 . TYR A 1 60  ? -10.60709 -13.48224 -5.23228  1.000 12.72831 ? 60  TYR A CE2 1 
ATOM   390  C CZ  . TYR A 1 60  ? -9.79766  -14.32431 -5.96336  1.000 15.58978 ? 60  TYR A CZ  1 
ATOM   391  O OH  . TYR A 1 60  ? -10.37550 -15.30693 -6.74853  1.000 19.45516 ? 60  TYR A OH  1 
ATOM   392  N N   . LEU A 1 61  ? -7.90721  -7.92186  -3.29272  1.000 8.81601  ? 61  LEU A N   1 
ATOM   393  C CA  . LEU A 1 61  ? -7.74119  -6.93991  -2.22538  1.000 11.50793 ? 61  LEU A CA  1 
ATOM   394  C C   . LEU A 1 61  ? -8.30980  -7.52073  -0.93446  1.000 10.28232 ? 61  LEU A C   1 
ATOM   395  O O   . LEU A 1 61  ? -9.42153  -8.05635  -0.92908  1.000 9.54795  ? 61  LEU A O   1 
ATOM   396  C CB  . LEU A 1 61  ? -8.45745  -5.63837  -2.58998  1.000 11.69778 ? 61  LEU A CB  1 
ATOM   397  C CG  . LEU A 1 61  ? -7.85421  -4.81789  -3.73283  1.000 8.79326  ? 61  LEU A CG  1 
ATOM   398  C CD1 . LEU A 1 61  ? -8.87419  -3.84679  -4.31657  1.000 11.52278 ? 61  LEU A CD1 1 
ATOM   399  C CD2 . LEU A 1 61  ? -6.59313  -4.11013  -3.26600  1.000 16.74926 ? 61  LEU A CD2 1 
ATOM   400  N N   . ALA A 1 62  ? -7.54823  -7.43745  0.15953   1.000 8.81557  ? 62  ALA A N   1 
ATOM   401  C CA  . ALA A 1 62  ? -7.92016  -8.13623  1.38928   1.000 13.02634 ? 62  ALA A CA  1 
ATOM   402  C C   . ALA A 1 62  ? -7.70718  -7.25045  2.61588   1.000 10.46825 ? 62  ALA A C   1 
ATOM   403  O O   . ALA A 1 62  ? -6.73696  -6.49757  2.68911   1.000 11.41869 ? 62  ALA A O   1 
ATOM   404  C CB  . ALA A 1 62  ? -7.11753  -9.44591  1.52961   1.000 13.41512 ? 62  ALA A CB  1 
ATOM   405  N N   . LYS A 1 63  ? -8.61606  -7.35178  3.58829   1.000 11.09462 ? 63  LYS A N   1 
ATOM   406  C CA  . LYS A 1 63  ? -8.47900  -6.59883  4.83012   1.000 11.31648 ? 63  LYS A CA  1 
ATOM   407  C C   . LYS A 1 63  ? -9.30317  -7.27221  5.91833   1.000 11.27511 ? 63  LYS A C   1 
ATOM   408  O O   . LYS A 1 63  ? -10.37276 -7.82107  5.65351   1.000 11.82502 ? 63  LYS A O   1 
ATOM   409  C CB  . LYS A 1 63  ? -8.91696  -5.13344  4.66817   1.000 11.31117 ? 63  LYS A CB  1 
ATOM   410  C CG  . LYS A 1 63  ? -8.59634  -4.24234  5.85714   1.000 12.53090 ? 63  LYS A CG  1 
ATOM   411  C CD  . LYS A 1 63  ? -8.93718  -2.79880  5.51425   1.000 11.38910 ? 63  LYS A CD  1 
ATOM   412  C CE  . LYS A 1 63  ? -8.65943  -1.83393  6.66401   1.000 12.55413 ? 63  LYS A CE  1 
ATOM   413  N NZ  . LYS A 1 63  ? -7.21529  -1.65969  6.85400   1.000 11.14079 ? 63  LYS A NZ  1 
ATOM   414  N N   . TYR A 1 64  ? -8.78282  -7.24894  7.14013   1.000 10.63155 ? 64  TYR A N   1 
ATOM   415  C CA  . TYR A 1 64  ? -9.52079  -7.81516  8.25664   1.000 13.94385 ? 64  TYR A CA  1 
ATOM   416  C C   . TYR A 1 64  ? -10.79535 -7.01256  8.52515   1.000 11.68786 ? 64  TYR A C   1 
ATOM   417  O O   . TYR A 1 64  ? -10.78146 -5.77793  8.52971   1.000 13.79074 ? 64  TYR A O   1 
ATOM   418  C CB  . TYR A 1 64  ? -8.61947  -7.83877  9.48972   1.000 13.45005 ? 64  TYR A CB  1 
ATOM   419  C CG  . TYR A 1 64  ? -9.28057  -8.38868  10.73443  1.000 12.98446 ? 64  TYR A CG  1 
ATOM   420  C CD1 . TYR A 1 64  ? -9.31976  -9.74623  10.97069  1.000 15.47624 ? 64  TYR A CD1 1 
ATOM   421  C CD2 . TYR A 1 64  ? -9.83845  -7.53614  11.67810  1.000 16.97186 ? 64  TYR A CD2 1 
ATOM   422  C CE1 . TYR A 1 64  ? -9.92722  -10.25476 12.10697  1.000 18.83651 ? 64  TYR A CE1 1 
ATOM   423  C CE2 . TYR A 1 64  ? -10.44885 -8.03342  12.81369  1.000 17.88890 ? 64  TYR A CE2 1 
ATOM   424  C CZ  . TYR A 1 64  ? -10.48055 -9.39283  13.02135  1.000 18.61427 ? 64  TYR A CZ  1 
ATOM   425  O OH  . TYR A 1 64  ? -11.06955 -9.89208  14.15517  1.000 26.36933 ? 64  TYR A OH  1 
ATOM   426  N N   . SER A 1 65  ? -11.90189 -7.72608  8.74890   1.000 12.90649 ? 65  SER A N   1 
ATOM   427  C CA  . SER A 1 65  ? -13.19162 -7.11352  9.06749   1.000 17.49233 ? 65  SER A CA  1 
ATOM   428  C C   . SER A 1 65  ? -13.42185 -7.15701  10.56934  1.000 16.45413 ? 65  SER A C   1 
ATOM   429  O O   . SER A 1 65  ? -13.54721 -8.24292  11.14450  1.000 19.12195 ? 65  SER A O   1 
ATOM   430  C CB  . SER A 1 65  ? -14.34649 -7.82396  8.36713   1.000 19.54105 ? 65  SER A CB  1 
ATOM   431  O OG  . SER A 1 65  ? -15.59957 -7.33220  8.83868   1.000 18.35794 ? 65  SER A OG  1 
ATOM   432  N N   . VAL A 1 66  ? -13.52078 -5.97910  11.18693  1.000 19.08476 ? 66  VAL A N   1 
ATOM   433  C CA  . VAL A 1 66  ? -13.75975 -5.92065  12.62562  1.000 19.75570 ? 66  VAL A CA  1 
ATOM   434  C C   . VAL A 1 66  ? -15.11009 -6.53974  12.96624  1.000 23.45188 ? 66  VAL A C   1 
ATOM   435  O O   . VAL A 1 66  ? -15.22938 -7.32416  13.91665  1.000 22.42637 ? 66  VAL A O   1 
ATOM   436  C CB  . VAL A 1 66  ? -13.66040 -4.46432  13.11520  1.000 23.07731 ? 66  VAL A CB  1 
ATOM   437  C CG1 . VAL A 1 66  ? -14.06616 -4.35944  14.58526  1.000 21.20329 ? 66  VAL A CG1 1 
ATOM   438  C CG2 . VAL A 1 66  ? -12.24605 -3.95049  12.90251  1.000 18.90438 ? 66  VAL A CG2 1 
ATOM   439  N N   . SER A 1 67  ? -16.14208 -6.22875  12.17524  1.000 21.92595 ? 67  SER A N   1 
ATOM   440  C CA  . SER A 1 67  ? -17.48412 -6.69684  12.51312  1.000 22.46139 ? 67  SER A CA  1 
ATOM   441  C C   . SER A 1 67  ? -17.63343 -8.19504  12.27416  1.000 22.85610 ? 67  SER A C   1 
ATOM   442  O O   . SER A 1 67  ? -18.30309 -8.88623  13.05242  1.000 25.86788 ? 67  SER A O   1 
ATOM   443  C CB  . SER A 1 67  ? -18.52959 -5.91059  11.72430  1.000 23.61593 ? 67  SER A CB  1 
ATOM   444  O OG  . SER A 1 67  ? -18.37958 -6.10596  10.33284  1.000 28.43257 ? 67  SER A OG  1 
ATOM   445  N N   . SER A 1 68  ? -17.03217 -8.71687  11.20055  1.000 21.44433 ? 68  SER A N   1 
ATOM   446  C CA  . SER A 1 68  ? -17.06686 -10.15010 10.93497  1.000 21.54426 ? 68  SER A CA  1 
ATOM   447  C C   . SER A 1 68  ? -16.03406 -10.92522 11.73395  1.000 21.45197 ? 68  SER A C   1 
ATOM   448  O O   . SER A 1 68  ? -16.14430 -12.15028 11.82916  1.000 23.93616 ? 68  SER A O   1 
ATOM   449  C CB  . SER A 1 68  ? -16.85606 -10.41453 9.44192   1.000 23.40375 ? 68  SER A CB  1 
ATOM   450  O OG  . SER A 1 68  ? -17.88105 -9.80490  8.68197   1.000 29.78834 ? 68  SER A OG  1 
ATOM   451  N N   . LYS A 1 69  ? -15.05303 -10.24367 12.31803  1.000 20.86617 ? 69  LYS A N   1 
ATOM   452  C CA  . LYS A 1 69  ? -13.98803 -10.89270 13.07884  1.000 21.77627 ? 69  LYS A CA  1 
ATOM   453  C C   . LYS A 1 69  ? -13.23111 -11.91874 12.23134  1.000 22.08086 ? 69  LYS A C   1 
ATOM   454  O O   . LYS A 1 69  ? -12.83890 -12.98295 12.71400  1.000 24.63479 ? 69  LYS A O   1 
ATOM   455  C CB  . LYS A 1 69  ? -14.54332 -11.53113 14.35674  1.000 23.77570 ? 69  LYS A CB  1 
ATOM   456  C CG  . LYS A 1 69  ? -14.68011 -10.55720 15.51633  1.000 29.41535 ? 69  LYS A CG  1 
ATOM   457  C CD  . LYS A 1 69  ? -15.61121 -11.09205 16.59499  1.000 33.89278 ? 69  LYS A CD  1 
ATOM   458  C CE  . LYS A 1 69  ? -16.99443 -10.46962 16.49282  1.000 38.36560 ? 69  LYS A CE  1 
ATOM   459  N NZ  . LYS A 1 69  ? -17.24317 -9.50840  17.60438  1.000 44.62872 ? 69  LYS A NZ  1 
ATOM   460  N N   . GLU A 1 70  ? -13.01409 -11.59238 10.95689  1.000 18.40933 ? 70  GLU A N   1 
ATOM   461  C CA  . GLU A 1 70  ? -12.20973 -12.42539 10.07262  1.000 19.08272 ? 70  GLU A CA  1 
ATOM   462  C C   . GLU A 1 70  ? -11.80209 -11.60195 8.85622   1.000 16.03620 ? 70  GLU A C   1 
ATOM   463  O O   . GLU A 1 70  ? -12.30661 -10.49963 8.62494   1.000 16.27228 ? 70  GLU A O   1 
ATOM   464  C CB  . GLU A 1 70  ? -12.96256 -13.68816 9.64245   1.000 23.17765 ? 70  GLU A CB  1 
ATOM   465  C CG  . GLU A 1 70  ? -14.24068 -13.39611 8.89427   1.000 22.70909 ? 70  GLU A CG  1 
ATOM   466  C CD  . GLU A 1 70  ? -15.02151 -14.64847 8.56062   1.000 29.80308 ? 70  GLU A CD  1 
ATOM   467  O OE1 . GLU A 1 70  ? -14.56284 -15.75695 8.91204   1.000 36.69788 ? 70  GLU A OE1 1 
ATOM   468  O OE2 . GLU A 1 70  ? -16.10120 -14.52083 7.94858   1.000 34.25637 ? 70  GLU A OE2 1 
ATOM   469  N N   . GLY A 1 71  ? -10.87693 -12.15387 8.08041   1.000 15.28935 ? 71  GLY A N   1 
ATOM   470  C CA  . GLY A 1 71  ? -10.49240 -11.50971 6.84052   1.000 13.04978 ? 71  GLY A CA  1 
ATOM   471  C C   . GLY A 1 71  ? -11.57428 -11.58418 5.77900   1.000 12.88794 ? 71  GLY A C   1 
ATOM   472  O O   . GLY A 1 71  ? -12.32630 -12.55508 5.67275   1.000 16.01429 ? 71  GLY A O   1 
ATOM   473  N N   . LYS A 1 72  ? -11.63189 -10.53845 4.96158   1.000 12.67526 ? 72  LYS A N   1 
ATOM   474  C CA  . LYS A 1 72  ? -12.48546 -10.48820 3.78193   1.000 11.57026 ? 72  LYS A CA  1 
ATOM   475  C C   . LYS A 1 72  ? -11.62171 -10.13509 2.58628   1.000 11.54826 ? 72  LYS A C   1 
ATOM   476  O O   . LYS A 1 72  ? -10.54368 -9.55582  2.72876   1.000 12.77576 ? 72  LYS A O   1 
ATOM   477  C CB  . LYS A 1 72  ? -13.60166 -9.44306  3.90855   1.000 12.71566 ? 72  LYS A CB  1 
ATOM   478  C CG  . LYS A 1 72  ? -14.64541 -9.74213  4.96038   1.000 15.89777 ? 72  LYS A CG  1 
ATOM   479  C CD  . LYS A 1 72  ? -15.83777 -8.80432  4.81246   1.000 22.98476 ? 72  LYS A CD  1 
ATOM   480  C CE  . LYS A 1 72  ? -16.92922 -9.17002  5.78913   1.000 25.14421 ? 72  LYS A CE  1 
ATOM   481  N NZ  . LYS A 1 72  ? -18.21498 -8.49286  5.48709   1.000 30.14553 ? 72  LYS A NZ  1 
ATOM   482  N N   . ARG A 1 73  ? -12.11153 -10.45373 1.39100   1.000 11.06155 ? 73  ARG A N   1 
ATOM   483  C CA  . ARG A 1 73  ? -11.34728 -10.06365 0.21278   1.000 10.05271 ? 73  ARG A CA  1 
ATOM   484  C C   . ARG A 1 73  ? -12.27699 -9.93738  -0.97669  1.000 12.03460 ? 73  ARG A C   1 
ATOM   485  O O   . ARG A 1 73  ? -13.39522 -10.46044 -0.97872  1.000 12.34630 ? 73  ARG A O   1 
ATOM   486  C CB  . ARG A 1 73  ? -10.23027 -11.06080 -0.08353  1.000 12.93070 ? 73  ARG A CB  1 
ATOM   487  C CG  . ARG A 1 73  ? -10.66573 -12.39186 -0.60314  1.000 14.16136 ? 73  ARG A CG  1 
ATOM   488  C CD  . ARG A 1 73  ? -9.42538  -13.26503 -0.67753  1.000 18.82506 ? 73  ARG A CD  1 
ATOM   489  N NE  . ARG A 1 73  ? -9.62446  -14.43427 -1.50989  1.000 20.07197 ? 73  ARG A NE  1 
ATOM   490  C CZ  . ARG A 1 73  ? -8.63467  -15.16583 -2.00699  1.000 16.42742 ? 73  ARG A CZ  1 
ATOM   491  N NH1 . ARG A 1 73  ? -7.36438  -14.82596 -1.76542  1.000 16.69879 ? 73  ARG A NH1 1 
ATOM   492  N NH2 . ARG A 1 73  ? -8.92082  -16.21167 -2.76382  1.000 18.93308 ? 73  ARG A NH2 1 
ATOM   493  N N   . VAL A 1 74  ? -11.80101 -9.21234  -1.97807  1.000 7.60930  ? 74  VAL A N   1 
ATOM   494  C CA  . VAL A 1 74  ? -12.55817 -8.96701  -3.20333  1.000 7.50696  ? 74  VAL A CA  1 
ATOM   495  C C   . VAL A 1 74  ? -11.62118 -9.14128  -4.38769  1.000 10.09823 ? 74  VAL A C   1 
ATOM   496  O O   . VAL A 1 74  ? -10.51836 -8.57951  -4.39574  1.000 8.97054  ? 74  VAL A O   1 
ATOM   497  C CB  . VAL A 1 74  ? -13.16308 -7.55321  -3.22090  1.000 10.75917 ? 74  VAL A CB  1 
ATOM   498  C CG1 . VAL A 1 74  ? -13.86495 -7.29103  -4.54640  1.000 13.06074 ? 74  VAL A CG1 1 
ATOM   499  C CG2 . VAL A 1 74  ? -14.13302 -7.36901  -2.04005  1.000 11.84762 ? 74  VAL A CG2 1 
ATOM   500  N N   . LEU A 1 75  ? -12.08833 -9.86821  -5.40643  1.000 10.77483 ? 75  LEU A N   1 
ATOM   501  C CA  . LEU A 1 75  ? -11.32328 -10.06597 -6.63407  1.000 11.33334 ? 75  LEU A CA  1 
ATOM   502  C C   . LEU A 1 75  ? -11.01511 -8.74177  -7.34007  1.000 11.37031 ? 75  LEU A C   1 
ATOM   503  O O   . LEU A 1 75  ? -11.88055 -7.86777  -7.49088  1.000 12.87402 ? 75  LEU A O   1 
ATOM   504  C CB  . LEU A 1 75  ? -12.10788 -10.98311 -7.56606  1.000 11.79010 ? 75  LEU A CB  1 
ATOM   505  C CG  . LEU A 1 75  ? -11.53348 -11.28011 -8.95222  1.000 12.82550 ? 75  LEU A CG  1 
ATOM   506  C CD1 . LEU A 1 75  ? -10.23135 -12.09605 -8.86214  1.000 13.46550 ? 75  LEU A CD1 1 
ATOM   507  C CD2 . LEU A 1 75  ? -12.55344 -11.98601 -9.83323  1.000 13.77660 ? 75  LEU A CD2 1 
ATOM   508  N N   . MET A 1 76  ? -9.77724  -8.61400  -7.80861  1.000 10.74198 ? 76  MET A N   1 
ATOM   509  C CA  . MET A 1 76  ? -9.35380  -7.43990  -8.56416  1.000 9.21544  ? 76  MET A CA  1 
ATOM   510  C C   . MET A 1 76  ? -9.63073  -7.65066  -10.04216 1.000 10.08389 ? 76  MET A C   1 
ATOM   511  O O   . MET A 1 76  ? -9.38173  -8.73191  -10.58320 1.000 15.66216 ? 76  MET A O   1 
ATOM   512  C CB  . MET A 1 76  ? -7.86952  -7.14182  -8.35978  1.000 13.32662 ? 76  MET A CB  1 
ATOM   513  C CG  . MET A 1 76  ? -7.52470  -6.77708  -6.93219  1.000 11.12957 ? 76  MET A CG  1 
ATOM   514  S SD  . MET A 1 76  ? -5.80026  -6.30659  -6.67502  1.000 17.81401 ? 76  MET A SD  1 
ATOM   515  C CE  . MET A 1 76  ? -5.77063  -4.68532  -7.42719  1.000 18.79492 ? 76  MET A CE  1 
ATOM   516  N N   . ASP A 1 77  ? -10.16498 -6.62402  -10.68197 1.000 10.16781 ? 77  ASP A N   1 
ATOM   517  C CA  . ASP A 1 77  ? -10.36366 -6.60049  -12.12081 1.000 8.78818  ? 77  ASP A CA  1 
ATOM   518  C C   . ASP A 1 77  ? -9.19688  -5.86941  -12.76539 1.000 11.65576 ? 77  ASP A C   1 
ATOM   519  O O   . ASP A 1 77  ? -9.01127  -4.67574  -12.49445 1.000 12.15248 ? 77  ASP A O   1 
ATOM   520  C CB  . ASP A 1 77  ? -11.68084 -5.89891  -12.42585 1.000 9.31261  ? 77  ASP A CB  1 
ATOM   521  C CG  . ASP A 1 77  ? -12.03517 -5.87935  -13.89577 1.000 10.48473 ? 77  ASP A CG  1 
ATOM   522  O OD1 . ASP A 1 77  ? -11.16109 -6.07407  -14.74034 1.000 12.26971 ? 77  ASP A OD1 1 
ATOM   523  O OD2 . ASP A 1 77  ? -13.23081 -5.68370  -14.21348 1.000 14.81843 ? 77  ASP A OD2 1 
ATOM   524  N N   . PRO A 1 78  ? -8.39802  -6.51861  -13.62415 1.000 10.17049 ? 78  PRO A N   1 
ATOM   525  C CA  . PRO A 1 78  ? -7.24095  -5.83682  -14.22334 1.000 11.38976 ? 78  PRO A CA  1 
ATOM   526  C C   . PRO A 1 78  ? -7.60267  -4.73794  -15.19578 1.000 10.79137 ? 78  PRO A C   1 
ATOM   527  O O   . PRO A 1 78  ? -6.69357  -4.00393  -15.63528 1.000 12.45199 ? 78  PRO A O   1 
ATOM   528  C CB  . PRO A 1 78  ? -6.49780  -6.97432  -14.93835 1.000 10.69821 ? 78  PRO A CB  1 
ATOM   529  C CG  . PRO A 1 78  ? -7.57093  -7.95283  -15.26092 1.000 13.05249 ? 78  PRO A CG  1 
ATOM   530  C CD  . PRO A 1 78  ? -8.50165  -7.92029  -14.07009 1.000 11.08426 ? 78  PRO A CD  1 
ATOM   531  N N   . THR A 1 79  ? -8.86713  -4.62937  -15.59697 1.000 12.43527 ? 79  THR A N   1 
ATOM   532  C CA  . THR A 1 79  ? -9.30483  -3.55161  -16.47384 1.000 13.10171 ? 79  THR A CA  1 
ATOM   533  C C   . THR A 1 79  ? -9.73430  -2.29625  -15.72075 1.000 12.17279 ? 79  THR A C   1 
ATOM   534  O O   . THR A 1 79  ? -10.16194 -1.33826  -16.36728 1.000 14.05000 ? 79  THR A O   1 
ATOM   535  C CB  . THR A 1 79  ? -10.45159 -4.01321  -17.38861 1.000 13.46139 ? 79  THR A CB  1 
ATOM   536  O OG1 . THR A 1 79  ? -11.66174 -4.16506  -16.63476 1.000 14.60754 ? 79  THR A OG1 1 
ATOM   537  C CG2 . THR A 1 79  ? -10.10292 -5.33932  -18.06293 1.000 15.51619 ? 79  THR A CG2 1 
ATOM   538  N N   . TRP A 1 80  ? -9.66939  -2.28608  -14.38622 1.000 12.33754 ? 80  TRP A N   1 
ATOM   539  C CA  . TRP A 1 80  ? -9.87789  -1.04148  -13.65653 1.000 10.54124 ? 80  TRP A CA  1 
ATOM   540  C C   . TRP A 1 80  ? -8.82803  -0.03490  -14.11741 1.000 11.93357 ? 80  TRP A C   1 
ATOM   541  O O   . TRP A 1 80  ? -7.66253  -0.38466  -14.29865 1.000 12.50373 ? 80  TRP A O   1 
ATOM   542  C CB  . TRP A 1 80  ? -9.77011  -1.28191  -12.14401 1.000 10.52338 ? 80  TRP A CB  1 
ATOM   543  C CG  . TRP A 1 80  ? -10.92066 -2.06125  -11.52514 1.000 10.64750 ? 80  TRP A CG  1 
ATOM   544  C CD1 . TRP A 1 80  ? -12.18264 -2.18388  -12.00733 1.000 9.30363  ? 80  TRP A CD1 1 
ATOM   545  C CD2 . TRP A 1 80  ? -10.88842 -2.77540  -10.28645 1.000 7.54985  ? 80  TRP A CD2 1 
ATOM   546  N NE1 . TRP A 1 80  ? -12.95745 -2.95343  -11.14607 1.000 8.03663  ? 80  TRP A NE1 1 
ATOM   547  C CE2 . TRP A 1 80  ? -12.17314 -3.33824  -10.08726 1.000 9.09828  ? 80  TRP A CE2 1 
ATOM   548  C CE3 . TRP A 1 80  ? -9.88752  -3.01709  -9.33168  1.000 8.10586  ? 80  TRP A CE3 1 
ATOM   549  C CZ2 . TRP A 1 80  ? -12.48258 -4.10321  -8.97127  1.000 9.78154  ? 80  TRP A CZ2 1 
ATOM   550  C CZ3 . TRP A 1 80  ? -10.19314 -3.78439  -8.23177  1.000 9.24204  ? 80  TRP A CZ3 1 
ATOM   551  C CH2 . TRP A 1 80  ? -11.48491 -4.32012  -8.05059  1.000 7.43679  ? 80  TRP A CH2 1 
ATOM   552  N N   . LYS A 1 81  ? -9.25478  1.20616   -14.32186 1.000 10.67351 ? 81  LYS A N   1 
ATOM   553  C CA  . LYS A 1 81  ? -8.42188  2.18326   -15.01454 1.000 11.59859 ? 81  LYS A CA  1 
ATOM   554  C C   . LYS A 1 81  ? -7.22023  2.59210   -14.17134 1.000 14.62473 ? 81  LYS A C   1 
ATOM   555  O O   . LYS A 1 81  ? -7.32391  2.75824   -12.95061 1.000 12.96654 ? 81  LYS A O   1 
ATOM   556  C CB  . LYS A 1 81  ? -9.26531  3.40445   -15.38866 1.000 15.21565 ? 81  LYS A CB  1 
ATOM   557  C CG  . LYS A 1 81  ? -8.52042  4.42594   -16.22352 1.000 21.38055 ? 81  LYS A CG  1 
ATOM   558  C CD  . LYS A 1 81  ? -9.32977  5.68601   -16.46030 1.000 20.13713 ? 81  LYS A CD  1 
ATOM   559  C CE  . LYS A 1 81  ? -8.48617  6.68776   -17.24621 1.000 26.07728 ? 81  LYS A CE  1 
ATOM   560  N NZ  . LYS A 1 81  ? -9.24928  7.89745   -17.66203 1.000 33.56506 ? 81  LYS A NZ  1 
ATOM   561  N N   . ILE A 1 82  ? -6.07053  2.74835   -14.83749 1.000 13.34220 ? 82  ILE A N   1 
ATOM   562  C CA  . ILE A 1 82  ? -4.86687  3.26792   -14.19943 1.000 13.43138 ? 82  ILE A CA  1 
ATOM   563  C C   . ILE A 1 82  ? -4.98342  4.77859   -14.10544 1.000 12.85208 ? 82  ILE A C   1 
ATOM   564  O O   . ILE A 1 82  ? -5.24346  5.45676   -15.10703 1.000 16.43160 ? 82  ILE A O   1 
ATOM   565  C CB  . ILE A 1 82  ? -3.60535  2.86954   -14.98423 1.000 12.60859 ? 82  ILE A CB  1 
ATOM   566  C CG1 . ILE A 1 82  ? -3.46344  1.34534   -15.06946 1.000 14.29587 ? 82  ILE A CG1 1 
ATOM   567  C CG2 . ILE A 1 82  ? -2.36305  3.54870   -14.38497 1.000 14.25018 ? 82  ILE A CG2 1 
ATOM   568  C CD1 . ILE A 1 82  ? -3.57000  0.63851   -13.73373 1.000 16.22768 ? 82  ILE A CD1 1 
ATOM   569  N N   . GLU A 1 83  ? -4.78057  5.31340   -12.90408 1.000 13.14187 ? 83  GLU A N   1 
ATOM   570  C CA  . GLU A 1 83  ? -4.82126  6.75966   -12.72558 1.000 12.33255 ? 83  GLU A CA  1 
ATOM   571  C C   . GLU A 1 83  ? -3.46503  7.38815   -13.03153 1.000 14.83121 ? 83  GLU A C   1 
ATOM   572  O O   . GLU A 1 83  ? -3.38058  8.34231   -13.80944 1.000 16.06622 ? 83  GLU A O   1 
ATOM   573  C CB  . GLU A 1 83  ? -5.28000  7.09214   -11.30680 1.000 14.86210 ? 83  GLU A CB  1 
ATOM   574  C CG  . GLU A 1 83  ? -5.09768  8.55279   -10.89990 1.000 15.98203 ? 83  GLU A CG  1 
ATOM   575  C CD  . GLU A 1 83  ? -6.07626  9.47819   -11.57785 1.000 21.47307 ? 83  GLU A CD  1 
ATOM   576  O OE1 . GLU A 1 83  ? -7.14768  9.00031   -11.99850 1.000 21.56489 ? 83  GLU A OE1 1 
ATOM   577  O OE2 . GLU A 1 83  ? -5.78042  10.69058  -11.68312 1.000 21.46546 ? 83  GLU A OE2 1 
ATOM   578  N N   . TYR A 1 84  ? -2.39179  6.85014   -12.45300 1.000 13.44788 ? 84  TYR A N   1 
ATOM   579  C CA  . TYR A 1 84  ? -1.03698  7.32112   -12.73157 1.000 14.66090 ? 84  TYR A CA  1 
ATOM   580  C C   . TYR A 1 84  ? -0.04205  6.19066   -12.47376 1.000 17.24473 ? 84  TYR A C   1 
ATOM   581  O O   . TYR A 1 84  ? -0.38114  5.14702   -11.90837 1.000 13.41313 ? 84  TYR A O   1 
ATOM   582  C CB  . TYR A 1 84  ? -0.71496  8.59931   -11.92280 1.000 13.49674 ? 84  TYR A CB  1 
ATOM   583  C CG  . TYR A 1 84  ? -0.66493  8.48037   -10.40564 1.000 10.83861 ? 84  TYR A CG  1 
ATOM   584  C CD1 . TYR A 1 84  ? 0.29888   7.70700   -9.76673  1.000 13.00361 ? 84  TYR A CD1 1 
ATOM   585  C CD2 . TYR A 1 84  ? -1.58910  9.16175   -9.61084  1.000 12.22062 ? 84  TYR A CD2 1 
ATOM   586  C CE1 . TYR A 1 84  ? 0.35316   7.62320   -8.38622  1.000 13.14577 ? 84  TYR A CE1 1 
ATOM   587  C CE2 . TYR A 1 84  ? -1.54677  9.07693   -8.22444  1.000 12.36215 ? 84  TYR A CE2 1 
ATOM   588  C CZ  . TYR A 1 84  ? -0.58577  8.30758   -7.62164  1.000 14.24974 ? 84  TYR A CZ  1 
ATOM   589  O OH  . TYR A 1 84  ? -0.53944  8.23366   -6.25208  1.000 16.11041 ? 84  TYR A OH  1 
ATOM   590  N N   . GLY A 1 85  ? 1.18354   6.39158   -12.91774 1.000 16.14070 ? 85  GLY A N   1 
ATOM   591  C CA  . GLY A 1 85  ? 2.16459   5.34033   -12.75688 1.000 19.99011 ? 85  GLY A CA  1 
ATOM   592  C C   . GLY A 1 85  ? 2.10276   4.30095   -13.85534 1.000 22.08839 ? 85  GLY A C   1 
ATOM   593  O O   . GLY A 1 85  ? 1.43701   4.45307   -14.88529 1.000 25.04396 ? 85  GLY A O   1 
ATOM   594  N N   . SER A 1 86  ? 2.84512   3.21956   -13.62872 1.000 24.29731 ? 86  SER A N   1 
ATOM   595  C CA  . SER A 1 86  ? 3.07322   2.22844   -14.66899 1.000 27.45217 ? 86  SER A CA  1 
ATOM   596  C C   . SER A 1 86  ? 3.43159   0.89436   -14.03987 1.000 27.95331 ? 86  SER A C   1 
ATOM   597  O O   . SER A 1 86  ? 3.91717   0.83356   -12.90658 1.000 25.03127 ? 86  SER A O   1 
ATOM   598  C CB  . SER A 1 86  ? 4.18735   2.66527   -15.62393 1.000 32.45628 ? 86  SER A CB  1 
ATOM   599  O OG  . SER A 1 86  ? 4.62052   1.56656   -16.40405 1.000 36.65768 ? 86  SER A OG  1 
ATOM   600  N N   . LEU A 1 87  ? 3.18207   -0.17296  -14.79861 1.000 30.37057 ? 87  LEU A N   1 
ATOM   601  C CA  . LEU A 1 87  ? 3.40887   -1.53017  -14.32261 1.000 29.37872 ? 87  LEU A CA  1 
ATOM   602  C C   . LEU A 1 87  ? 4.86759   -1.96300  -14.39348 1.000 29.70023 ? 87  LEU A C   1 
ATOM   603  O O   . LEU A 1 87  ? 5.23678   -2.95181  -13.75158 1.000 29.47824 ? 87  LEU A O   1 
ATOM   604  C CB  . LEU A 1 87  ? 2.55702   -2.51112  -15.13375 1.000 28.73417 ? 87  LEU A CB  1 
ATOM   605  C CG  . LEU A 1 87  ? 1.07327   -2.54785  -14.77186 1.000 30.94434 ? 87  LEU A CG  1 
ATOM   606  C CD1 . LEU A 1 87  ? 0.28737   -3.37642  -15.77498 1.000 30.01832 ? 87  LEU A CD1 1 
ATOM   607  C CD2 . LEU A 1 87  ? 0.90562   -3.07902  -13.37052 1.000 25.70123 ? 87  LEU A CD2 1 
ATOM   608  N N   . ASN A 1 88  ? 5.71394   -1.24997  -15.13515 1.000 34.81181 ? 88  ASN A N   1 
ATOM   609  C CA  . ASN A 1 88  ? 7.01495   -1.79560  -15.48703 1.000 36.97309 ? 88  ASN A CA  1 
ATOM   610  C C   . ASN A 1 88  ? 8.18736   -0.83894  -15.30843 1.000 40.92288 ? 88  ASN A C   1 
ATOM   611  O O   . ASN A 1 88  ? 9.30917   -1.19730  -15.68417 1.000 43.82344 ? 88  ASN A O   1 
ATOM   612  C CB  . ASN A 1 88  ? 6.98956   -2.29251  -16.94495 1.000 37.35043 ? 88  ASN A CB  1 
ATOM   613  C CG  . ASN A 1 88  ? 6.31406   -1.30641  -17.88482 1.000 39.71504 ? 88  ASN A CG  1 
ATOM   614  O OD1 . ASN A 1 88  ? 5.85519   -0.24316  -17.46079 1.000 41.08076 ? 88  ASN A OD1 1 
ATOM   615  N ND2 . ASN A 1 88  ? 6.24719   -1.65548  -19.16638 1.000 44.91443 ? 88  ASN A ND2 1 
ATOM   616  N N   . LYS A 1 89  ? 7.97910   0.34541   -14.74526 1.000 36.73454 ? 89  LYS A N   1 
ATOM   617  C CA  . LYS A 1 89  ? 9.00373   1.37792   -14.75037 1.000 35.05583 ? 89  LYS A CA  1 
ATOM   618  C C   . LYS A 1 89  ? 9.72843   1.47664   -13.40845 1.000 34.51506 ? 89  LYS A C   1 
ATOM   619  O O   . LYS A 1 89  ? 9.35580   0.84875   -12.41518 1.000 34.71505 ? 89  LYS A O   1 
ATOM   620  C CB  . LYS A 1 89  ? 8.39209   2.70803   -15.17614 1.000 39.57375 ? 89  LYS A CB  1 
ATOM   621  C CG  . LYS A 1 89  ? 7.75325   2.58420   -16.54795 1.000 39.38586 ? 89  LYS A CG  1 
ATOM   622  C CD  . LYS A 1 89  ? 8.65415   3.16915   -17.61597 1.000 44.46640 ? 89  LYS A CD  1 
ATOM   623  C CE  . LYS A 1 89  ? 8.87187   4.63320   -17.35431 1.000 47.24211 ? 89  LYS A CE  1 
ATOM   624  N NZ  . LYS A 1 89  ? 7.55400   5.27279   -17.49648 1.000 43.49763 ? 89  LYS A NZ  1 
ATOM   625  N N   . GLU A 1 90  ? 10.81036  2.26195   -13.41209 1.000 36.24405 ? 90  GLU A N   1 
ATOM   626  C CA  . GLU A 1 90  ? 11.80335  2.20068   -12.34050 1.000 35.70585 ? 90  GLU A CA  1 
ATOM   627  C C   . GLU A 1 90  ? 11.21402  2.60052   -10.99455 1.000 28.76416 ? 90  GLU A C   1 
ATOM   628  O O   . GLU A 1 90  ? 11.49796  1.96994   -9.96911  1.000 28.57042 ? 90  GLU A O   1 
ATOM   629  C CB  . GLU A 1 90  ? 12.98492  3.10889   -12.68074 1.000 37.21817 ? 90  GLU A CB  1 
ATOM   630  C CG  . GLU A 1 90  ? 13.61593  2.83374   -14.03010 1.000 40.89229 ? 90  GLU A CG  1 
ATOM   631  C CD  . GLU A 1 90  ? 12.83487  3.44912   -15.18020 1.000 41.78687 ? 90  GLU A CD  1 
ATOM   632  O OE1 . GLU A 1 90  ? 12.08221  4.41718   -14.93883 1.000 44.65381 ? 90  GLU A OE1 1 
ATOM   633  O OE2 . GLU A 1 90  ? 12.96193  2.95559   -16.32117 1.000 46.18377 ? 90  GLU A OE2 1 
ATOM   634  N N   . ALA A 1 91  ? 10.38734  3.64952   -10.97785 1.000 28.75652 ? 91  ALA A N   1 
ATOM   635  C CA  . ALA A 1 91  ? 9.76492   4.08245   -9.73315  1.000 25.44578 ? 91  ALA A CA  1 
ATOM   636  C C   . ALA A 1 91  ? 8.83636   3.02183   -9.16701  1.000 20.50830 ? 91  ALA A C   1 
ATOM   637  O O   . ALA A 1 91  ? 8.52969   3.06231   -7.96910  1.000 19.26501 ? 91  ALA A O   1 
ATOM   638  C CB  . ALA A 1 91  ? 8.98859   5.37902   -9.95037  1.000 24.32629 ? 91  ALA A CB  1 
ATOM   639  N N   . ASP A 1 92  ? 8.34136   2.12099   -10.01631 1.000 20.02780 ? 92  ASP A N   1 
ATOM   640  C CA  . ASP A 1 92  ? 7.57697   0.94608   -9.59284  1.000 21.14610 ? 92  ASP A CA  1 
ATOM   641  C C   . ASP A 1 92  ? 6.38192   1.32436   -8.71903  1.000 17.17154 ? 92  ASP A C   1 
ATOM   642  O O   . ASP A 1 92  ? 6.12195   0.70301   -7.68910  1.000 17.58725 ? 92  ASP A O   1 
ATOM   643  C CB  . ASP A 1 92  ? 8.48039   -0.05897  -8.87056  1.000 18.38393 ? 92  ASP A CB  1 
ATOM   644  C CG  . ASP A 1 92  ? 7.87073   -1.44864  -8.79997  1.000 20.82662 ? 92  ASP A CG  1 
ATOM   645  O OD1 . ASP A 1 92  ? 6.98914   -1.75028  -9.62963  1.000 19.93589 ? 92  ASP A OD1 1 
ATOM   646  O OD2 . ASP A 1 92  ? 8.27694   -2.23649  -7.92083  1.000 21.66999 ? 92  ASP A OD2 1 
ATOM   647  N N   . VAL A 1 93  ? 5.64803   2.35661   -9.13983  1.000 18.48700 ? 93  VAL A N   1 
ATOM   648  C CA  . VAL A 1 93  ? 4.43027   2.77971   -8.45282  1.000 11.08340 ? 93  VAL A CA  1 
ATOM   649  C C   . VAL A 1 93  ? 3.30559   2.90398   -9.47179  1.000 15.53085 ? 93  VAL A C   1 
ATOM   650  O O   . VAL A 1 93  ? 3.52010   3.35049   -10.60404 1.000 14.71697 ? 93  VAL A O   1 
ATOM   651  C CB  . VAL A 1 93  ? 4.63202   4.10340   -7.67477  1.000 15.23257 ? 93  VAL A CB  1 
ATOM   652  C CG1 . VAL A 1 93  ? 5.05401   5.25428   -8.60075  1.000 15.52586 ? 93  VAL A CG1 1 
ATOM   653  C CG2 . VAL A 1 93  ? 3.38405   4.47029   -6.89107  1.000 14.88535 ? 93  VAL A CG2 1 
ATOM   654  N N   . ILE A 1 94  ? 2.10188   2.49438   -9.06762  1.000 11.88552 ? 94  ILE A N   1 
ATOM   655  C CA  . ILE A 1 94  ? 0.92526   2.55416   -9.92563  1.000 14.02432 ? 94  ILE A CA  1 
ATOM   656  C C   . ILE A 1 94  ? -0.28405  2.85616   -9.04839  1.000 12.53989 ? 94  ILE A C   1 
ATOM   657  O O   . ILE A 1 94  ? -0.30948  2.52016   -7.86122  1.000 12.25684 ? 94  ILE A O   1 
ATOM   658  C CB  . ILE A 1 94  ? 0.72831   1.23876   -10.71362 1.000 16.82352 ? 94  ILE A CB  1 
ATOM   659  C CG1 . ILE A 1 94  ? -0.29597  1.42645   -11.84384 1.000 17.18326 ? 94  ILE A CG1 1 
ATOM   660  C CG2 . ILE A 1 94  ? 0.35124   0.09637   -9.77326  1.000 14.72152 ? 94  ILE A CG2 1 
ATOM   661  C CD1 . ILE A 1 94  ? -0.00700  0.59390   -13.06452 1.000 20.73390 ? 94  ILE A CD1 1 
ATOM   662  N N   . SER A 1 95  ? -1.27272  3.53409   -9.61901  1.000 10.41565 ? 95  SER A N   1 
ATOM   663  C CA  . SER A 1 95  ? -2.52399  3.75823   -8.90201  1.000 11.94210 ? 95  SER A CA  1 
ATOM   664  C C   . SER A 1 95  ? -3.69474  3.38421   -9.79393  1.000 12.46958 ? 95  SER A C   1 
ATOM   665  O O   . SER A 1 95  ? -3.62057  3.50086   -11.02194 1.000 12.22258 ? 95  SER A O   1 
ATOM   666  C CB  . SER A 1 95  ? -2.65548  5.20031   -8.41085  1.000 12.42273 ? 95  SER A CB  1 
ATOM   667  O OG  . SER A 1 95  ? -2.84709  6.07826   -9.49394  1.000 13.08757 ? 95  SER A OG  1 
ATOM   668  N N   . VAL A 1 96  ? -4.77018  2.90276   -9.16131  1.000 9.22847  ? 96  VAL A N   1 
ATOM   669  C CA  . VAL A 1 96  ? -5.87400  2.24068   -9.84921  1.000 11.53668 ? 96  VAL A CA  1 
ATOM   670  C C   . VAL A 1 96  ? -7.18555  2.83036   -9.35879  1.000 10.32553 ? 96  VAL A C   1 
ATOM   671  O O   . VAL A 1 96  ? -7.37468  3.02149   -8.15317  1.000 10.89157 ? 96  VAL A O   1 
ATOM   672  C CB  . VAL A 1 96  ? -5.87913  0.71264   -9.60065  1.000 10.54162 ? 96  VAL A CB  1 
ATOM   673  C CG1 . VAL A 1 96  ? -7.04379  0.02075   -10.34440 1.000 12.48351 ? 96  VAL A CG1 1 
ATOM   674  C CG2 . VAL A 1 96  ? -4.53594  0.09335   -9.98604  1.000 15.28558 ? 96  VAL A CG2 1 
ATOM   675  N N   . GLN A 1 97  ? -8.10693  3.07481   -10.29520 1.000 10.47660 ? 97  GLN A N   1 
ATOM   676  C CA  . GLN A 1 97  ? -9.45429  3.54898   -9.97460  1.000 11.19025 ? 97  GLN A CA  1 
ATOM   677  C C   . GLN A 1 97  ? -10.31467 2.34557   -9.58194  1.000 11.23704 ? 97  GLN A C   1 
ATOM   678  O O   . GLN A 1 97  ? -11.09233 1.80164   -10.36451 1.000 13.23287 ? 97  GLN A O   1 
ATOM   679  C CB  . GLN A 1 97  ? -10.03533 4.30931   -11.15962 1.000 13.28990 ? 97  GLN A CB  1 
ATOM   680  C CG  . GLN A 1 97  ? -9.22305  5.55760   -11.54859 1.000 12.71703 ? 97  GLN A CG  1 
ATOM   681  C CD  . GLN A 1 97  ? -9.82467  6.30874   -12.72355 1.000 15.45932 ? 97  GLN A CD  1 
ATOM   682  O OE1 . GLN A 1 97  ? -10.85872 5.91871   -13.26481 1.000 19.37240 ? 97  GLN A OE1 1 
ATOM   683  N NE2 . GLN A 1 97  ? -9.17195  7.39958   -13.12056 1.000 18.75353 ? 97  GLN A NE2 1 
ATOM   684  N N   . VAL A 1 98  ? -10.13198 1.90432   -8.34421  1.000 8.85196  ? 98  VAL A N   1 
ATOM   685  C CA  . VAL A 1 98  ? -10.95873 0.83282   -7.76169  1.000 8.34481  ? 98  VAL A CA  1 
ATOM   686  C C   . VAL A 1 98  ? -12.34808 1.38634   -7.45608  1.000 12.18134 ? 98  VAL A C   1 
ATOM   687  O O   . VAL A 1 98  ? -12.45165 2.49961   -6.91373  1.000 11.21279 ? 98  VAL A O   1 
ATOM   688  C CB  . VAL A 1 98  ? -10.28726 0.30314   -6.48939  1.000 10.24620 ? 98  VAL A CB  1 
ATOM   689  C CG1 . VAL A 1 98  ? -11.20007 -0.64467  -5.71852  1.000 11.38748 ? 98  VAL A CG1 1 
ATOM   690  C CG2 . VAL A 1 98  ? -8.95301  -0.36365  -6.83680  1.000 11.53128 ? 98  VAL A CG2 1 
ATOM   691  N N   . PRO A 1 99  ? -13.43202 0.65710   -7.75171  1.000 9.48195  ? 99  PRO A N   1 
ATOM   692  C CA  . PRO A 1 99  ? -14.77501 1.16097   -7.41413  1.000 10.37516 ? 99  PRO A CA  1 
ATOM   693  C C   . PRO A 1 99  ? -14.92915 1.35787   -5.91496  1.000 9.74110  ? 99  PRO A C   1 
ATOM   694  O O   . PRO A 1 99  ? -14.40405 0.58362   -5.10816  1.000 10.94661 ? 99  PRO A O   1 
ATOM   695  C CB  . PRO A 1 99  ? -15.71324 0.04765   -7.92134  1.000 10.14941 ? 99  PRO A CB  1 
ATOM   696  C CG  . PRO A 1 99  ? -14.92103 -0.67523  -8.97970  1.000 12.24149 ? 99  PRO A CG  1 
ATOM   697  C CD  . PRO A 1 99  ? -13.47752 -0.59728  -8.52327  1.000 11.33441 ? 99  PRO A CD  1 
ATOM   698  N N   . ALA A 1 100 ? -15.65591 2.41640   -5.54051  1.000 9.21697  ? 100 ALA A N   1 
ATOM   699  C CA  . ALA A 1 100 ? -15.93269 2.64866   -4.12821  1.000 9.67201  ? 100 ALA A CA  1 
ATOM   700  C C   . ALA A 1 100 ? -16.63806 1.45409   -3.49281  1.000 9.04934  ? 100 ALA A C   1 
ATOM   701  O O   . ALA A 1 100 ? -16.37936 1.12437   -2.32625  1.000 9.95537  ? 100 ALA A O   1 
ATOM   702  C CB  . ALA A 1 100 ? -16.78526 3.90432   -3.98179  1.000 11.85693 ? 100 ALA A CB  1 
ATOM   703  N N   . ALA A 1 101 ? -17.44998 0.74392   -4.27090  1.000 10.20272 ? 101 ALA A N   1 
ATOM   704  C CA  . ALA A 1 101 ? -18.13436 -0.44452  -3.75623  1.000 7.48309  ? 101 ALA A CA  1 
ATOM   705  C C   . ALA A 1 101 ? -17.15475 -1.45076  -3.16748  1.000 9.41461  ? 101 ALA A C   1 
ATOM   706  O O   . ALA A 1 101 ? -17.44309 -2.07930  -2.14072  1.000 9.97183  ? 101 ALA A O   1 
ATOM   707  C CB  . ALA A 1 101 ? -18.95661 -1.08954  -4.87472  1.000 12.37947 ? 101 ALA A CB  1 
ATOM   708  N N   . VAL A 1 102 ? -15.99035 -1.62202  -3.80667  1.000 7.34649  ? 102 VAL A N   1 
ATOM   709  C CA  . VAL A 1 102 ? -15.01729 -2.58173  -3.30795  1.000 9.27687  ? 102 VAL A CA  1 
ATOM   710  C C   . VAL A 1 102 ? -14.43774 -2.11125  -1.98352  1.000 10.38367 ? 102 VAL A C   1 
ATOM   711  O O   . VAL A 1 102 ? -14.30860 -2.88436  -1.02626  1.000 9.90668  ? 102 VAL A O   1 
ATOM   712  C CB  . VAL A 1 102 ? -13.92151 -2.81417  -4.36887  1.000 11.63558 ? 102 VAL A CB  1 
ATOM   713  C CG1 . VAL A 1 102 ? -12.76784 -3.61231  -3.80359  1.000 13.72340 ? 102 VAL A CG1 1 
ATOM   714  C CG2 . VAL A 1 102 ? -14.51564 -3.49974  -5.58965  1.000 10.87340 ? 102 VAL A CG2 1 
ATOM   715  N N   . TRP A 1 103 ? -14.05556 -0.83204  -1.90884  1.000 9.72044  ? 103 TRP A N   1 
ATOM   716  C CA  . TRP A 1 103 ? -13.55203 -0.30517  -0.64334  1.000 9.89436  ? 103 TRP A CA  1 
ATOM   717  C C   . TRP A 1 103 ? -14.60177 -0.39327  0.45935   1.000 10.29642 ? 103 TRP A C   1 
ATOM   718  O O   . TRP A 1 103 ? -14.26947 -0.66216  1.62241   1.000 12.76165 ? 103 TRP A O   1 
ATOM   719  C CB  . TRP A 1 103 ? -13.13974 1.14614   -0.81218  1.000 9.83661  ? 103 TRP A CB  1 
ATOM   720  C CG  . TRP A 1 103 ? -12.04874 1.44853   -1.80489  1.000 11.10978 ? 103 TRP A CG  1 
ATOM   721  C CD1 . TRP A 1 103 ? -12.11655 2.37229   -2.80631  1.000 10.66709 ? 103 TRP A CD1 1 
ATOM   722  C CD2 . TRP A 1 103 ? -10.72525 0.89581   -1.85299  1.000 12.86922 ? 103 TRP A CD2 1 
ATOM   723  N NE1 . TRP A 1 103 ? -10.91589 2.43571   -3.47438  1.000 11.56333 ? 103 TRP A NE1 1 
ATOM   724  C CE2 . TRP A 1 103 ? -10.05128 1.53009   -2.91816  1.000 12.55566 ? 103 TRP A CE2 1 
ATOM   725  C CE3 . TRP A 1 103 ? -10.04931 -0.08115  -1.11199  1.000 12.64509 ? 103 TRP A CE3 1 
ATOM   726  C CZ2 . TRP A 1 103 ? -8.73892  1.21863   -3.26107  1.000 11.97993 ? 103 TRP A CZ2 1 
ATOM   727  C CZ3 . TRP A 1 103 ? -8.72355  -0.38253  -1.45240  1.000 14.44739 ? 103 TRP A CZ3 1 
ATOM   728  C CH2 . TRP A 1 103 ? -8.09170  0.27283   -2.51064  1.000 11.86629 ? 103 TRP A CH2 1 
ATOM   729  N N   . SER A 1 104 ? -15.86637 -0.17199  0.11681   1.000 11.08961 ? 104 SER A N   1 
ATOM   730  C CA  . SER A 1 104 ? -16.92062 -0.27393  1.12205   1.000 11.20124 ? 104 SER A CA  1 
ATOM   731  C C   . SER A 1 104 ? -17.02282 -1.69089  1.67692   1.000 11.26358 ? 104 SER A C   1 
ATOM   732  O O   . SER A 1 104 ? -17.14880 -1.88270  2.89573   1.000 13.66884 ? 104 SER A O   1 
ATOM   733  C CB  . SER A 1 104 ? -18.25698 0.16687   0.51850   1.000 12.29958 ? 104 SER A CB  1 
ATOM   734  O OG  . SER A 1 104 ? -18.26912 1.57302   0.33847   1.000 14.07920 ? 104 SER A OG  1 
ATOM   735  N N   . ARG A 1 105 ? -16.92094 -2.69575  0.80506   1.000 10.70736 ? 105 ARG A N   1 
ATOM   736  C CA  . ARG A 1 105 ? -17.07345 -4.08363  1.24947   1.000 9.66357  ? 105 ARG A CA  1 
ATOM   737  C C   . ARG A 1 105 ? -15.92624 -4.50531  2.16195   1.000 12.28509 ? 105 ARG A C   1 
ATOM   738  O O   . ARG A 1 105 ? -16.11487 -5.34087  3.05203   1.000 13.06776 ? 105 ARG A O   1 
ATOM   739  C CB  . ARG A 1 105 ? -17.14896 -5.01649  0.03835   1.000 12.17130 ? 105 ARG A CB  1 
ATOM   740  C CG  . ARG A 1 105 ? -18.43637 -4.88963  -0.76760  1.000 11.09775 ? 105 ARG A CG  1 
ATOM   741  C CD  . ARG A 1 105 ? -18.39655 -5.78101  -1.97889  1.000 16.36818 ? 105 ARG A CD  1 
ATOM   742  N NE  . ARG A 1 105 ? -18.16050 -7.17229  -1.60047  1.000 17.04637 ? 105 ARG A NE  1 
ATOM   743  C CZ  . ARG A 1 105 ? -17.90714 -8.14452  -2.46605  1.000 12.78797 ? 105 ARG A CZ  1 
ATOM   744  N NH1 . ARG A 1 105 ? -17.69109 -9.37313  -2.02868  1.000 18.53411 ? 105 ARG A NH1 1 
ATOM   745  N NH2 . ARG A 1 105 ? -17.87388 -7.88747  -3.76672  1.000 15.74696 ? 105 ARG A NH2 1 
ATOM   746  N N   . LEU A 1 106 ? -14.73858 -3.95399  1.93307   1.000 10.46195 ? 106 LEU A N   1 
ATOM   747  C CA  . LEU A 1 106 ? -13.54395 -4.23632  2.71897   1.000 11.78382 ? 106 LEU A CA  1 
ATOM   748  C C   . LEU A 1 106 ? -13.35411 -3.31014  3.91515   1.000 11.19976 ? 106 LEU A C   1 
ATOM   749  O O   . LEU A 1 106 ? -12.47977 -3.57685  4.75138   1.000 13.36100 ? 106 LEU A O   1 
ATOM   750  C CB  . LEU A 1 106 ? -12.30753 -4.16224  1.81539   1.000 9.91843  ? 106 LEU A CB  1 
ATOM   751  C CG  . LEU A 1 106 ? -12.23492 -5.27049  0.76351   1.000 12.13935 ? 106 LEU A CG  1 
ATOM   752  C CD1 . LEU A 1 106 ? -11.12941 -4.93914  -0.22093  1.000 12.58724 ? 106 LEU A CD1 1 
ATOM   753  C CD2 . LEU A 1 106 ? -12.04703 -6.66012  1.40600   1.000 12.88070 ? 106 LEU A CD2 1 
ATOM   754  N N   . GLY A 1 107 ? -14.14085 -2.24453  4.04114   1.000 11.93403 ? 107 GLY A N   1 
ATOM   755  C CA  . GLY A 1 107 ? -13.96257 -1.34000  5.16644   1.000 12.39768 ? 107 GLY A CA  1 
ATOM   756  C C   . GLY A 1 107 ? -12.75900 -0.41813  5.08027   1.000 10.84789 ? 107 GLY A C   1 
ATOM   757  O O   . GLY A 1 107 ? -12.17244 -0.07560  6.11630   1.000 13.07499 ? 107 GLY A O   1 
ATOM   758  N N   . VAL A 1 108 ? -12.35706 -0.02296  3.87288   1.000 11.43026 ? 108 VAL A N   1 
ATOM   759  C CA  . VAL A 1 108 ? -11.13013 0.73741   3.64780   1.000 12.62215 ? 108 VAL A CA  1 
ATOM   760  C C   . VAL A 1 108 ? -11.47156 2.21165   3.54250   1.000 11.95836 ? 108 VAL A C   1 
ATOM   761  O O   . VAL A 1 108 ? -12.23464 2.61600   2.65760   1.000 13.71582 ? 108 VAL A O   1 
ATOM   762  C CB  . VAL A 1 108 ? -10.40178 0.26799   2.37999   1.000 11.43092 ? 108 VAL A CB  1 
ATOM   763  C CG1 . VAL A 1 108 ? -9.05049  0.98057   2.24143   1.000 12.95875 ? 108 VAL A CG1 1 
ATOM   764  C CG2 . VAL A 1 108 ? -10.25396 -1.25387  2.39176   1.000 12.03972 ? 108 VAL A CG2 1 
ATOM   765  N N   . THR A 1 109 ? -10.91021 3.00679   4.44031   1.000 13.38339 ? 109 THR A N   1 
ATOM   766  C CA  . THR A 1 109 ? -10.99057 4.45646   4.40869   1.000 15.07149 ? 109 THR A CA  1 
ATOM   767  C C   . THR A 1 109 ? -9.81156  5.01704   3.61352   1.000 14.79488 ? 109 THR A C   1 
ATOM   768  O O   . THR A 1 109 ? -8.78222  4.36192   3.44641   1.000 16.57049 ? 109 THR A O   1 
ATOM   769  C CB  . THR A 1 109 ? -11.00458 5.01109   5.83285   1.000 16.30215 ? 109 THR A CB  1 
ATOM   770  O OG1 . THR A 1 109 ? -9.80074  4.62242   6.50226   1.000 18.75855 ? 109 THR A OG1 1 
ATOM   771  C CG2 . THR A 1 109 ? -12.19413 4.45229   6.61433   1.000 18.32960 ? 109 THR A CG2 1 
ATOM   772  N N   . ALA A 1 110 ? -9.98109  6.23018   3.09635   1.000 14.46670 ? 110 ALA A N   1 
ATOM   773  C CA  . ALA A 1 110 ? -8.94041  6.86943   2.29384   1.000 12.76678 ? 110 ALA A CA  1 
ATOM   774  C C   . ALA A 1 110 ? -8.00717  7.71397   3.15360   1.000 16.79095 ? 110 ALA A C   1 
ATOM   775  O O   . ALA A 1 110 ? -8.45948  8.52056   3.97522   1.000 17.30609 ? 110 ALA A O   1 
ATOM   776  C CB  . ALA A 1 110 ? -9.56674  7.72878   1.19524   1.000 12.39937 ? 110 ALA A CB  1 
ATOM   777  N N   . ALA A 1 111 ? -6.70559  7.54808   2.93596   1.000 12.65761 ? 111 ALA A N   1 
ATOM   778  C CA  . ALA A 1 111 ? -5.66697  8.33179   3.58704   1.000 13.99169 ? 111 ALA A CA  1 
ATOM   779  C C   . ALA A 1 111 ? -5.22899  9.49666   2.70490   1.000 14.74547 ? 111 ALA A C   1 
ATOM   780  O O   . ALA A 1 111 ? -5.48945  9.53064   1.49941   1.000 15.01060 ? 111 ALA A O   1 
ATOM   781  C CB  . ALA A 1 111 ? -4.45031  7.46093   3.91981   1.000 16.69234 ? 111 ALA A CB  1 
ATOM   782  N N   . ARG A 1 112 ? -4.56261  10.46325  3.33319   1.000 14.54805 ? 112 ARG A N   1 
ATOM   783  C CA  . ARG A 1 112 ? -3.99605  11.61665  2.64474   1.000 15.36791 ? 112 ARG A CA  1 
ATOM   784  C C   . ARG A 1 112 ? -2.52404  11.39329  2.33172   1.000 12.55774 ? 112 ARG A C   1 
ATOM   785  O O   . ARG A 1 112 ? -1.75980  10.89103  3.16611   1.000 14.19371 ? 112 ARG A O   1 
ATOM   786  C CB  . ARG A 1 112 ? -4.16333  12.87989  3.48771   1.000 18.26914 ? 112 ARG A CB  1 
ATOM   787  C CG  . ARG A 1 112 ? -5.61621  13.22111  3.79060   1.000 19.55279 ? 112 ARG A CG  1 
ATOM   788  C CD  . ARG A 1 112 ? -6.28653  13.85919  2.58553   1.000 23.88130 ? 112 ARG A CD  1 
ATOM   789  N NE  . ARG A 1 112 ? -7.69607  14.14112  2.84336   1.000 30.32327 ? 112 ARG A NE  1 
ATOM   790  C CZ  . ARG A 1 112 ? -8.54073  14.62835  1.93961   1.000 27.44908 ? 112 ARG A CZ  1 
ATOM   791  N NH1 . ARG A 1 112 ? -9.80619  14.84011  2.26849   1.000 30.24494 ? 112 ARG A NH1 1 
ATOM   792  N NH2 . ARG A 1 112 ? -8.12613  14.89066  0.70718   1.000 27.21088 ? 112 ARG A NH2 1 
ATOM   793  N N   . VAL A 1 113 ? -2.12515  11.79757  1.13128   1.000 14.07022 ? 113 VAL A N   1 
ATOM   794  C CA  . VAL A 1 113 ? -0.72363  11.79977  0.73034   1.000 15.75554 ? 113 VAL A CA  1 
ATOM   795  C C   . VAL A 1 113 ? -0.08568  13.10992  1.16936   1.000 14.77977 ? 113 VAL A C   1 
ATOM   796  O O   . VAL A 1 113 ? -0.65573  14.18537  0.95972   1.000 18.18712 ? 113 VAL A O   1 
ATOM   797  C CB  . VAL A 1 113 ? -0.59282  11.61252  -0.78779  1.000 14.14870 ? 113 VAL A CB  1 
ATOM   798  C CG1 . VAL A 1 113 ? 0.87707   11.59362  -1.19983  1.000 13.62904 ? 113 VAL A CG1 1 
ATOM   799  C CG2 . VAL A 1 113 ? -1.32323  10.35021  -1.21052  1.000 16.09981 ? 113 VAL A CG2 1 
ATOM   800  N N   . ARG A 1 114 ? 1.10240   13.02035  1.76694   1.000 14.44176 ? 114 ARG A N   1 
ATOM   801  C CA  . ARG A 1 114 ? 1.83004   14.18492  2.26885   1.000 16.69441 ? 114 ARG A CA  1 
ATOM   802  C C   . ARG A 1 114 ? 3.29137   14.11049  1.84686   1.000 14.54993 ? 114 ARG A C   1 
ATOM   803  O O   . ARG A 1 114 ? 3.84040   13.02426  1.64327   1.000 17.14405 ? 114 ARG A O   1 
ATOM   804  C CB  . ARG A 1 114 ? 1.74272   14.27637  3.80801   1.000 18.55024 ? 114 ARG A CB  1 
ATOM   805  C CG  . ARG A 1 114 ? 2.13538   15.62226  4.40875   1.000 26.11264 ? 114 ARG A CG  1 
ATOM   806  C CD  . ARG A 1 114 ? 2.06828   15.55720  5.93051   1.000 27.69122 ? 114 ARG A CD  1 
ATOM   807  N NE  . ARG A 1 114 ? 3.35000   15.18505  6.52988   1.000 29.81418 ? 114 ARG A NE  1 
ATOM   808  C CZ  . ARG A 1 114 ? 3.48758   14.34357  7.55089   1.000 30.09078 ? 114 ARG A CZ  1 
ATOM   809  N NH1 . ARG A 1 114 ? 4.69812   14.08044  8.03061   1.000 30.97742 ? 114 ARG A NH1 1 
ATOM   810  N NH2 . ARG A 1 114 ? 2.42145   13.75362  8.08230   1.000 29.82831 ? 114 ARG A NH2 1 
ATOM   811  N N   . LYS A 1 115 ? 3.92442   15.27840  1.70028   1.000 15.34467 ? 115 LYS A N   1 
ATOM   812  C CA  . LYS A 1 115 ? 5.32784   15.28838  1.32032   1.000 15.76973 ? 115 LYS A CA  1 
ATOM   813  C C   . LYS A 1 115 ? 6.18440   14.75298  2.46762   1.000 16.07751 ? 115 LYS A C   1 
ATOM   814  O O   . LYS A 1 115 ? 5.92738   15.06856  3.63289   1.000 19.11791 ? 115 LYS A O   1 
ATOM   815  C CB  . LYS A 1 115 ? 5.78443   16.69991  0.94151   1.000 16.60280 ? 115 LYS A CB  1 
ATOM   816  C CG  . LYS A 1 115 ? 5.07120   17.27581  -0.27631  1.000 18.40679 ? 115 LYS A CG  1 
ATOM   817  C CD  . LYS A 1 115 ? 5.54696   18.68510  -0.57845  1.000 21.80100 ? 115 LYS A CD  1 
ATOM   818  C CE  . LYS A 1 115 ? 4.82397   19.26582  -1.78801  1.000 20.47144 ? 115 LYS A CE  1 
ATOM   819  N NZ  . LYS A 1 115 ? 5.36783   20.59584  -2.14169  1.000 20.93964 ? 115 LYS A NZ  1 
ATOM   820  N N   . PRO A 1 116 ? 7.14958   13.88582  2.17937   1.000 18.27334 ? 116 PRO A N   1 
ATOM   821  C CA  . PRO A 1 116 ? 8.12043   13.50218  3.20946   1.000 18.10965 ? 116 PRO A CA  1 
ATOM   822  C C   . PRO A 1 116 ? 9.00424   14.67961  3.58149   1.000 24.28520 ? 116 PRO A C   1 
ATOM   823  O O   . PRO A 1 116 ? 9.25795   15.57192  2.77312   1.000 22.80494 ? 116 PRO A O   1 
ATOM   824  C CB  . PRO A 1 116 ? 8.92321   12.37440  2.54817   1.000 17.99846 ? 116 PRO A CB  1 
ATOM   825  C CG  . PRO A 1 116 ? 8.77646   12.61448  1.07970   1.000 20.33211 ? 116 PRO A CG  1 
ATOM   826  C CD  . PRO A 1 116 ? 7.45813   13.30525  0.86073   1.000 18.05910 ? 116 PRO A CD  1 
ATOM   827  N N   . THR A 1 117 ? 9.45453   14.68655  4.83060   1.000 24.05038 ? 117 THR A N   1 
ATOM   828  C CA  . THR A 1 117 ? 10.45353  15.63858  5.29392   1.000 25.44582 ? 117 THR A CA  1 
ATOM   829  C C   . THR A 1 117 ? 11.69098  14.86942  5.73543   1.000 24.17753 ? 117 THR A C   1 
ATOM   830  O O   . THR A 1 117 ? 11.70955  13.63770  5.73144   1.000 23.52697 ? 117 THR A O   1 
ATOM   831  C CB  . THR A 1 117 ? 9.90385   16.51703  6.42556   1.000 27.09000 ? 117 THR A CB  1 
ATOM   832  O OG1 . THR A 1 117 ? 10.96874  17.28597  6.99787   1.000 37.82897 ? 117 THR A OG1 1 
ATOM   833  C CG2 . THR A 1 117 ? 9.23749   15.66851  7.49938   1.000 24.20110 ? 117 THR A CG2 1 
ATOM   834  N N   . VAL A 1 118 ? 12.75917  15.59847  6.06515   1.000 26.05581 ? 118 VAL A N   1 
ATOM   835  C CA  . VAL A 1 118 ? 14.02172  14.93663  6.38129   1.000 24.96574 ? 118 VAL A CA  1 
ATOM   836  C C   . VAL A 1 118 ? 13.87554  14.10896  7.65361   1.000 24.55085 ? 118 VAL A C   1 
ATOM   837  O O   . VAL A 1 118 ? 13.37789  14.59385  8.67801   1.000 26.30898 ? 118 VAL A O   1 
ATOM   838  C CB  . VAL A 1 118 ? 15.15158  15.96885  6.50617   1.000 26.56027 ? 118 VAL A CB  1 
ATOM   839  C CG1 . VAL A 1 118 ? 16.41045  15.31299  7.06458   1.000 25.39388 ? 118 VAL A CG1 1 
ATOM   840  C CG2 . VAL A 1 118 ? 15.43518  16.59131  5.14730   1.000 26.53998 ? 118 VAL A CG2 1 
ATOM   841  N N   . LYS A 1 119 ? 14.34611  12.86173  7.59643   1.000 25.98279 ? 119 LYS A N   1 
ATOM   842  C CA  . LYS A 1 119 ? 14.32460  11.92458  8.72681   1.000 23.30246 ? 119 LYS A CA  1 
ATOM   843  C C   . LYS A 1 119 ? 12.96166  11.88438  9.42131   1.000 25.24363 ? 119 LYS A C   1 
ATOM   844  O O   . LYS A 1 119 ? 12.86720  11.85059  10.64936  1.000 23.69375 ? 119 LYS A O   1 
ATOM   845  C CB  . LYS A 1 119 ? 15.44161  12.24267  9.72691   1.000 26.33978 ? 119 LYS A CB  1 
ATOM   846  C CG  . LYS A 1 119 ? 16.83901  12.18567  9.11708   1.000 30.57852 ? 119 LYS A CG  1 
ATOM   847  C CD  . LYS A 1 119 ? 17.87279  11.65869  10.10950  1.000 38.84540 ? 119 LYS A CD  1 
ATOM   848  C CE  . LYS A 1 119 ? 19.00296  10.92124  9.39307   1.000 40.88696 ? 119 LYS A CE  1 
ATOM   849  N NZ  . LYS A 1 119 ? 20.11607  10.55251  10.31907  1.000 44.97291 ? 119 LYS A NZ  1 
ATOM   850  N N   . VAL A 1 120 ? 11.89169  11.88635  8.63429   1.000 22.71401 ? 120 VAL A N   1 
ATOM   851  C CA  . VAL A 1 120 ? 10.55615  11.80560  9.23744   1.000 23.20945 ? 120 VAL A CA  1 
ATOM   852  C C   . VAL A 1 120 ? 10.33669  10.39521  9.77968   1.000 20.65720 ? 120 VAL A C   1 
ATOM   853  O O   . VAL A 1 120 ? 10.67922  9.41126   9.09622   1.000 20.10274 ? 120 VAL A O   1 
ATOM   854  C CB  . VAL A 1 120 ? 9.48077   12.19463  8.21290   1.000 22.59957 ? 120 VAL A CB  1 
ATOM   855  C CG1 . VAL A 1 120 ? 9.52510   11.29882  6.97887   1.000 21.89150 ? 120 VAL A CG1 1 
ATOM   856  C CG2 . VAL A 1 120 ? 8.10621   12.17991  8.85105   1.000 24.96428 ? 120 VAL A CG2 1 
ATOM   857  N N   . PRO A 1 121 ? 9.86029   10.23964  11.01744  1.000 21.52431 ? 121 PRO A N   1 
ATOM   858  C CA  . PRO A 1 121 ? 9.53929   8.89505   11.51489  1.000 21.08407 ? 121 PRO A CA  1 
ATOM   859  C C   . PRO A 1 121 ? 8.43009   8.27413   10.68469  1.000 18.62443 ? 121 PRO A C   1 
ATOM   860  O O   . PRO A 1 121 ? 7.46254   8.94557   10.32446  1.000 18.44079 ? 121 PRO A O   1 
ATOM   861  C CB  . PRO A 1 121 ? 9.08624   9.14364   12.95753  1.000 24.50229 ? 121 PRO A CB  1 
ATOM   862  C CG  . PRO A 1 121 ? 9.60395   10.50877  13.30055  1.000 23.12721 ? 121 PRO A CG  1 
ATOM   863  C CD  . PRO A 1 121 ? 9.54689   11.27621  12.01285  1.000 23.79965 ? 121 PRO A CD  1 
ATOM   864  N N   . VAL A 1 122 ? 8.53728   6.96925   10.44195  1.000 18.62183 ? 122 VAL A N   1 
ATOM   865  C CA  . VAL A 1 122 ? 7.58669   6.26533   9.58735   1.000 19.33420 ? 122 VAL A CA  1 
ATOM   866  C C   . VAL A 1 122 ? 7.33602   4.85887   10.12217  1.000 18.71974 ? 122 VAL A C   1 
ATOM   867  O O   . VAL A 1 122 ? 8.16396   4.27219   10.82751  1.000 18.45031 ? 122 VAL A O   1 
ATOM   868  C CB  . VAL A 1 122 ? 8.05762   6.17953   8.11736   1.000 18.70802 ? 122 VAL A CB  1 
ATOM   869  C CG1 . VAL A 1 122 ? 7.91398   7.54296   7.40705   1.000 17.52060 ? 122 VAL A CG1 1 
ATOM   870  C CG2 . VAL A 1 122 ? 9.49128   5.67036   8.03697   1.000 19.45392 ? 122 VAL A CG2 1 
ATOM   871  N N   . LEU A 1 123 ? 6.16653   4.32767   9.76669   1.000 16.56393 ? 123 LEU A N   1 
ATOM   872  C CA  . LEU A 1 123 ? 5.78126   2.94388   10.01607  1.000 16.58135 ? 123 LEU A CA  1 
ATOM   873  C C   . LEU A 1 123 ? 5.42002   2.28266   8.69443   1.000 15.48109 ? 123 LEU A C   1 
ATOM   874  O O   . LEU A 1 123 ? 4.70854   2.86877   7.87382   1.000 15.77901 ? 123 LEU A O   1 
ATOM   875  C CB  . LEU A 1 123 ? 4.57473   2.84360   10.96816  1.000 16.50910 ? 123 LEU A CB  1 
ATOM   876  C CG  . LEU A 1 123 ? 4.81205   3.07725   12.46155  1.000 20.19970 ? 123 LEU A CG  1 
ATOM   877  C CD1 . LEU A 1 123 ? 3.50649   3.44773   13.16075  1.000 18.92126 ? 123 LEU A CD1 1 
ATOM   878  C CD2 . LEU A 1 123 ? 5.38989   1.83086   13.07578  1.000 19.21831 ? 123 LEU A CD2 1 
ATOM   879  N N   . ALA A 1 124 ? 5.88583   1.05321   8.50591   1.000 14.56143 ? 124 ALA A N   1 
ATOM   880  C CA  . ALA A 1 124 ? 5.53325   0.23200   7.36022   1.000 11.80427 ? 124 ALA A CA  1 
ATOM   881  C C   . ALA A 1 124 ? 4.86006   -1.03395  7.87147   1.000 13.70759 ? 124 ALA A C   1 
ATOM   882  O O   . ALA A 1 124 ? 5.26731   -1.58124  8.89971   1.000 14.71530 ? 124 ALA A O   1 
ATOM   883  C CB  . ALA A 1 124 ? 6.76638   -0.13765  6.53030   1.000 14.61851 ? 124 ALA A CB  1 
ATOM   884  N N   . TYR A 1 125 ? 3.84617   -1.50070  7.15167   1.000 12.43012 ? 125 TYR A N   1 
ATOM   885  C CA  . TYR A 1 125 ? 3.06653   -2.65554  7.58492   1.000 12.41453 ? 125 TYR A CA  1 
ATOM   886  C C   . TYR A 1 125 ? 3.13058   -3.78032  6.56097   1.000 13.32230 ? 125 TYR A C   1 
ATOM   887  O O   . TYR A 1 125 ? 3.16210   -3.54304  5.35191   1.000 12.92052 ? 125 TYR A O   1 
ATOM   888  C CB  . TYR A 1 125 ? 1.60133   -2.30068  7.81379   1.000 11.21976 ? 125 TYR A CB  1 
ATOM   889  C CG  . TYR A 1 125 ? 1.35995   -1.29434  8.90384   1.000 12.80753 ? 125 TYR A CG  1 
ATOM   890  C CD1 . TYR A 1 125 ? 1.56562   0.05929   8.68016   1.000 12.43616 ? 125 TYR A CD1 1 
ATOM   891  C CD2 . TYR A 1 125 ? 0.92739   -1.69686  10.16394  1.000 12.81315 ? 125 TYR A CD2 1 
ATOM   892  C CE1 . TYR A 1 125 ? 1.33371   0.99657   9.67880   1.000 15.74364 ? 125 TYR A CE1 1 
ATOM   893  C CE2 . TYR A 1 125 ? 0.69865   -0.76715  11.17427  1.000 14.44530 ? 125 TYR A CE2 1 
ATOM   894  C CZ  . TYR A 1 125 ? 0.91104   0.57900   10.92514  1.000 13.63396 ? 125 TYR A CZ  1 
ATOM   895  O OH  . TYR A 1 125 ? 0.67936   1.52226   11.91045  1.000 17.76688 ? 125 TYR A OH  1 
ATOM   896  N N   . GLY A 1 126 ? 3.08492   -5.01365  7.05890   1.000 14.74151 ? 126 GLY A N   1 
ATOM   897  C CA  . GLY A 1 126 ? 2.97475   -6.17602  6.19525   1.000 11.92572 ? 126 GLY A CA  1 
ATOM   898  C C   . GLY A 1 126 ? 2.69529   -7.40124  7.03745   1.000 14.29156 ? 126 GLY A C   1 
ATOM   899  O O   . GLY A 1 126 ? 2.70256   -7.34624  8.27058   1.000 16.19947 ? 126 GLY A O   1 
ATOM   900  N N   . GLY A 1 127 ? 2.46560   -8.51647  6.36119   1.000 15.02433 ? 127 GLY A N   1 
ATOM   901  C CA  . GLY A 1 127 ? 2.18728   -9.74198  7.08764   1.000 15.76429 ? 127 GLY A CA  1 
ATOM   902  C C   . GLY A 1 127 ? 1.66805   -10.83219 6.17969   1.000 17.06544 ? 127 GLY A C   1 
ATOM   903  O O   . GLY A 1 127 ? 1.36635   -10.61632 5.00072   1.000 14.91769 ? 127 GLY A O   1 
ATOM   904  N N   . GLU A 1 128 ? 1.55979   -12.02634 6.75919   1.000 17.69300 ? 128 GLU A N   1 
ATOM   905  C CA  . GLU A 1 128 ? 1.17764   -13.21829 6.00652   1.000 16.55848 ? 128 GLU A CA  1 
ATOM   906  C C   . GLU A 1 128 ? -0.33225  -13.41852 5.88482   1.000 14.88302 ? 128 GLU A C   1 
ATOM   907  O O   . GLU A 1 128 ? -0.77503  -14.23281 5.06287   1.000 14.18758 ? 128 GLU A O   1 
ATOM   908  C CB  . GLU A 1 128 ? 1.83995   -14.44636 6.64389   1.000 19.86477 ? 128 GLU A CB  1 
ATOM   909  C CG  . GLU A 1 128 ? 3.36060   -14.34972 6.59347   1.000 23.80178 ? 128 GLU A CG  1 
ATOM   910  C CD  . GLU A 1 128 ? 4.06867   -15.66679 6.85962   1.000 32.99754 ? 128 GLU A CD  1 
ATOM   911  O OE1 . GLU A 1 128 ? 3.38788   -16.67382 7.15491   1.000 37.87225 ? 128 GLU A OE1 1 
ATOM   912  O OE2 . GLU A 1 128 ? 5.31483   -15.68812 6.76429   1.000 40.95765 ? 128 GLU A OE2 1 
ATOM   913  N N   . ALA A 1 129 ? -1.12820  -12.68140 6.65378   1.000 13.09554 ? 129 ALA A N   1 
ATOM   914  C CA  . ALA A 1 129 ? -2.58037  -12.76505 6.61280   1.000 16.83503 ? 129 ALA A CA  1 
ATOM   915  C C   . ALA A 1 129 ? -3.11874  -11.45369 7.15908   1.000 12.85381 ? 129 ALA A C   1 
ATOM   916  O O   . ALA A 1 129 ? -2.39688  -10.69391 7.80713   1.000 13.86556 ? 129 ALA A O   1 
ATOM   917  C CB  . ALA A 1 129 ? -3.11678  -13.95655 7.41956   1.000 11.83075 ? 129 ALA A CB  1 
ATOM   918  N N   . SER A 1 130 ? -4.39583  -11.18045 6.88427   1.000 14.05461 ? 130 SER A N   1 
ATOM   919  C CA  . SER A 1 130 ? -4.89179  -9.83947  7.19194   1.000 14.27082 ? 130 SER A CA  1 
ATOM   920  C C   . SER A 1 130 ? -5.07122  -9.60528  8.68765   1.000 12.23802 ? 130 SER A C   1 
ATOM   921  O O   . SER A 1 130 ? -5.13712  -8.44308  9.10832   1.000 14.33040 ? 130 SER A O   1 
ATOM   922  C CB  . SER A 1 130 ? -6.19498  -9.56380  6.43028   1.000 18.05002 ? 130 SER A CB  1 
ATOM   923  O OG  . SER A 1 130 ? -7.21186  -10.45689 6.81143   1.000 20.03263 ? 130 SER A OG  1 
ATOM   924  N N   . GLY A 1 131 ? -5.13426  -10.66727 9.49057   1.000 14.52707 ? 131 GLY A N   1 
ATOM   925  C CA  . GLY A 1 131 ? -5.10439  -10.54970 10.94160  1.000 12.87045 ? 131 GLY A CA  1 
ATOM   926  C C   . GLY A 1 131 ? -3.78090  -10.94655 11.55549  1.000 14.36766 ? 131 GLY A C   1 
ATOM   927  O O   . GLY A 1 131 ? -3.69490  -11.19361 12.76469  1.000 13.74304 ? 131 GLY A O   1 
ATOM   928  N N   . LEU A 1 132 ? -2.74732  -11.03050 10.72163  1.000 13.56373 ? 132 LEU A N   1 
ATOM   929  C CA  . LEU A 1 132 ? -1.39239  -11.37475 11.14434  1.000 15.44055 ? 132 LEU A CA  1 
ATOM   930  C C   . LEU A 1 132 ? -0.41229  -10.28230 10.72497  1.000 14.54864 ? 132 LEU A C   1 
ATOM   931  O O   . LEU A 1 132 ? 0.73961   -10.55153 10.35763  1.000 13.70543 ? 132 LEU A O   1 
ATOM   932  C CB  . LEU A 1 132 ? -0.98005  -12.73512 10.57974  1.000 17.03599 ? 132 LEU A CB  1 
ATOM   933  C CG  . LEU A 1 132 ? -1.39257  -13.97923 11.37007  1.000 18.82843 ? 132 LEU A CG  1 
ATOM   934  C CD1 . LEU A 1 132 ? -1.06694  -15.27490 10.61621  1.000 17.46372 ? 132 LEU A CD1 1 
ATOM   935  C CD2 . LEU A 1 132 ? -0.70356  -13.95187 12.73364  1.000 17.29589 ? 132 LEU A CD2 1 
ATOM   936  N N   . LEU A 1 133 ? -0.88025  -9.04171  10.74452  1.000 13.68285 ? 133 LEU A N   1 
ATOM   937  C CA  . LEU A 1 133 ? -0.03760  -7.93350  10.33754  1.000 12.39888 ? 133 LEU A CA  1 
ATOM   938  C C   . LEU A 1 133 ? 0.99987   -7.61418  11.39824  1.000 14.15436 ? 133 LEU A C   1 
ATOM   939  O O   . LEU A 1 133 ? 0.86284   -7.93568  12.58569  1.000 12.52956 ? 133 LEU A O   1 
ATOM   940  C CB  . LEU A 1 133 ? -0.85880  -6.68123  10.04182  1.000 11.04067 ? 133 LEU A CB  1 
ATOM   941  C CG  . LEU A 1 133 ? -1.82586  -6.82012  8.86956   1.000 14.56368 ? 133 LEU A CG  1 
ATOM   942  C CD1 . LEU A 1 133 ? -2.61885  -5.54538  8.66597   1.000 14.15077 ? 133 LEU A CD1 1 
ATOM   943  C CD2 . LEU A 1 133 ? -1.06245  -7.19622  7.60820   1.000 14.75321 ? 133 LEU A CD2 1 
ATOM   944  N N   . GLN A 1 134 ? 2.06477   -6.98068  10.92122  1.000 13.01452 ? 134 GLN A N   1 
ATOM   945  C CA  . GLN A 1 134 ? 3.17917   -6.51231  11.71689  1.000 13.44201 ? 134 GLN A CA  1 
ATOM   946  C C   . GLN A 1 134 ? 3.55850   -5.14192  11.18708  1.000 14.50676 ? 134 GLN A C   1 
ATOM   947  O O   . GLN A 1 134 ? 3.19088   -4.76905  10.06891  1.000 15.41568 ? 134 GLN A O   1 
ATOM   948  C CB  . GLN A 1 134 ? 4.36341   -7.47648  11.63254  1.000 14.79476 ? 134 GLN A CB  1 
ATOM   949  C CG  . GLN A 1 134 ? 4.05127   -8.82159  12.24035  1.000 13.56898 ? 134 GLN A CG  1 
ATOM   950  C CD  . GLN A 1 134 ? 5.09295   -9.86461  11.93553  1.000 18.33993 ? 134 GLN A CD  1 
ATOM   951  O OE1 . GLN A 1 134 ? 5.94586   -9.66932  11.08149  1.000 20.05339 ? 134 GLN A OE1 1 
ATOM   952  N NE2 . GLN A 1 134 ? 5.04342   -10.97270 12.65614  1.000 19.30117 ? 134 GLN A NE2 1 
ATOM   953  N N   . SER A 1 135 ? 4.27301   -4.38363  12.00834  1.000 12.76113 ? 135 SER A N   1 
ATOM   954  C CA  . SER A 1 135 ? 4.74780   -3.06403  11.62202  1.000 14.30764 ? 135 SER A CA  1 
ATOM   955  C C   . SER A 1 135 ? 6.23734   -2.97547  11.90174  1.000 18.31840 ? 135 SER A C   1 
ATOM   956  O O   . SER A 1 135 ? 6.75482   -3.67611  12.77681  1.000 18.89192 ? 135 SER A O   1 
ATOM   957  C CB  . SER A 1 135 ? 4.01273   -1.95397  12.38551  1.000 16.45398 ? 135 SER A CB  1 
ATOM   958  O OG  . SER A 1 135 ? 4.43408   -1.93986  13.74057  1.000 16.06009 ? 135 SER A OG  1 
ATOM   959  N N   . SER A 1 136 ? 6.92590   -2.10002  11.16559  1.000 17.51040 ? 136 SER A N   1 
ATOM   960  C CA  . SER A 1 136 ? 8.34116   -1.84628  11.40744  1.000 16.47386 ? 136 SER A CA  1 
ATOM   961  C C   . SER A 1 136 ? 8.57544   -0.34505  11.43579  1.000 19.54214 ? 136 SER A C   1 
ATOM   962  O O   . SER A 1 136 ? 8.04757   0.38289   10.58966  1.000 16.28811 ? 136 SER A O   1 
ATOM   963  C CB  . SER A 1 136 ? 9.23564   -2.51630  10.34928  1.000 20.09473 ? 136 SER A CB  1 
ATOM   964  O OG  . SER A 1 136 ? 9.05566   -1.95716  9.05802   1.000 24.42516 ? 136 SER A OG  1 
ATOM   965  N N   . GLN A 1 137 ? 9.33616   0.11239   12.42681  1.000 19.58904 ? 137 GLN A N   1 
ATOM   966  C CA  . GLN A 1 137 ? 9.62673   1.52861   12.60602  1.000 20.57803 ? 137 GLN A CA  1 
ATOM   967  C C   . GLN A 1 137 ? 10.90006  1.91914   11.86963  1.000 22.37476 ? 137 GLN A C   1 
ATOM   968  O O   . GLN A 1 137 ? 11.77798  1.08644   11.61891  1.000 23.74182 ? 137 GLN A O   1 
ATOM   969  C CB  . GLN A 1 137 ? 9.75868   1.87514   14.08931  1.000 24.38988 ? 137 GLN A CB  1 
ATOM   970  C CG  . GLN A 1 137 ? 8.42718   2.04064   14.79997  1.000 26.86375 ? 137 GLN A CG  1 
ATOM   971  C CD  . GLN A 1 137 ? 8.44630   1.49589   16.21502  1.000 35.42326 ? 137 GLN A CD  1 
ATOM   972  O OE1 . GLN A 1 137 ? 9.41998   1.67850   16.94571  1.000 40.92975 ? 137 GLN A OE1 1 
ATOM   973  N NE2 . GLN A 1 137 ? 7.36810   0.81213   16.60683  1.000 35.09760 ? 137 GLN A NE2 1 
ATOM   974  N N   . GLY A 1 138 ? 10.99281  3.19995   11.52851  1.000 20.12430 ? 138 GLY A N   1 
ATOM   975  C CA  . GLY A 1 138 ? 12.14686  3.68971   10.80403  1.000 22.14355 ? 138 GLY A CA  1 
ATOM   976  C C   . GLY A 1 138 ? 12.06406  5.18618   10.59485  1.000 20.42309 ? 138 GLY A C   1 
ATOM   977  O O   . GLY A 1 138 ? 11.25476  5.88220   11.21145  1.000 20.04663 ? 138 GLY A O   1 
ATOM   978  N N   . PHE A 1 139 ? 12.93423  5.67164   9.71690   1.000 22.95774 ? 139 PHE A N   1 
ATOM   979  C CA  . PHE A 1 139 ? 12.97394  7.07651   9.33806   1.000 22.55436 ? 139 PHE A CA  1 
ATOM   980  C C   . PHE A 1 139 ? 13.09767  7.15516   7.82849   1.000 16.53675 ? 139 PHE A C   1 
ATOM   981  O O   . PHE A 1 139 ? 13.63065  6.24451   7.19744   1.000 20.81771 ? 139 PHE A O   1 
ATOM   982  C CB  . PHE A 1 139 ? 14.14511  7.81425   9.99663   1.000 22.27613 ? 139 PHE A CB  1 
ATOM   983  C CG  . PHE A 1 139 ? 14.09397  7.80765   11.48944  1.000 21.95295 ? 139 PHE A CG  1 
ATOM   984  C CD1 . PHE A 1 139 ? 13.39635  8.78297   12.17421  1.000 19.40270 ? 139 PHE A CD1 1 
ATOM   985  C CD2 . PHE A 1 139 ? 14.73135  6.81011   12.20917  1.000 23.42937 ? 139 PHE A CD2 1 
ATOM   986  C CE1 . PHE A 1 139 ? 13.34522  8.77072   13.55873  1.000 26.01189 ? 139 PHE A CE1 1 
ATOM   987  C CE2 . PHE A 1 139 ? 14.67715  6.79027   13.59000  1.000 23.03699 ? 139 PHE A CE2 1 
ATOM   988  C CZ  . PHE A 1 139 ? 13.98798  7.77189   14.26382  1.000 22.76141 ? 139 PHE A CZ  1 
ATOM   989  N N   . ALA A 1 140 ? 12.60591  8.25275   7.25268   1.000 20.09420 ? 140 ALA A N   1 
ATOM   990  C CA  . ALA A 1 140 ? 12.56328  8.42873   5.80695   1.000 20.32629 ? 140 ALA A CA  1 
ATOM   991  C C   . ALA A 1 140 ? 13.14213  9.78607   5.41684   1.000 19.92144 ? 140 ALA A C   1 
ATOM   992  O O   . ALA A 1 140 ? 12.90061  10.78616  6.09791   1.000 20.50608 ? 140 ALA A O   1 
ATOM   993  C CB  . ALA A 1 140 ? 11.11991  8.30357   5.29549   1.000 18.59817 ? 140 ALA A CB  1 
ATOM   994  N N   . THR A 1 141 ? 13.89054  9.82019   4.30060   1.000 20.77154 ? 141 THR A N   1 
ATOM   995  C CA  . THR A 1 141 ? 14.47553  11.05758  3.77593   1.000 22.01990 ? 141 THR A CA  1 
ATOM   996  C C   . THR A 1 141 ? 14.35666  11.11471  2.25162   1.000 20.20291 ? 141 THR A C   1 
ATOM   997  O O   . THR A 1 141 ? 14.87280  10.22753  1.56221   1.000 21.70587 ? 141 THR A O   1 
ATOM   998  C CB  . THR A 1 141 ? 15.94565  11.17573  4.19270   1.000 23.85697 ? 141 THR A CB  1 
ATOM   999  O OG1 . THR A 1 141 ? 16.03812  11.27738  5.62040   1.000 25.44147 ? 141 THR A OG1 1 
ATOM   1000 C CG2 . THR A 1 141 ? 16.58202  12.40835  3.56532   1.000 21.41268 ? 141 THR A CG2 1 
ATOM   1001 N N   . PRO A 1 142 ? 13.65331  12.10624  1.69635   1.000 19.57032 ? 142 PRO A N   1 
ATOM   1002 C CA  . PRO A 1 142 ? 13.54516  12.22579  0.23196   1.000 20.06880 ? 142 PRO A CA  1 
ATOM   1003 C C   . PRO A 1 142 ? 14.84664  12.66023  -0.43471  1.000 22.19733 ? 142 PRO A C   1 
ATOM   1004 O O   . PRO A 1 142 ? 15.68839  13.32868  0.16996   1.000 21.86242 ? 142 PRO A O   1 
ATOM   1005 C CB  . PRO A 1 142 ? 12.44544  13.27544  0.04427   1.000 21.23454 ? 142 PRO A CB  1 
ATOM   1006 C CG  . PRO A 1 142 ? 12.49600  14.10653  1.28989   1.000 22.69637 ? 142 PRO A CG  1 
ATOM   1007 C CD  . PRO A 1 142 ? 12.96236  13.20090  2.40500   1.000 20.39229 ? 142 PRO A CD  1 
ATOM   1008 N N   . ASP A 1 143 ? 14.99760  12.28439  -1.71084  1.000 20.98042 ? 143 ASP A N   1 
ATOM   1009 C CA  . ASP A 1 143 ? 16.24910  12.48527  -2.44212  1.000 20.56068 ? 143 ASP A CA  1 
ATOM   1010 C C   . ASP A 1 143 ? 16.21041  13.61455  -3.47059  1.000 24.28022 ? 143 ASP A C   1 
ATOM   1011 O O   . ASP A 1 143 ? 17.17233  13.76756  -4.22963  1.000 26.46388 ? 143 ASP A O   1 
ATOM   1012 C CB  . ASP A 1 143 ? 16.69619  11.18525  -3.12416  1.000 22.54320 ? 143 ASP A CB  1 
ATOM   1013 C CG  . ASP A 1 143 ? 15.85377  10.81121  -4.35007  1.000 22.57157 ? 143 ASP A CG  1 
ATOM   1014 O OD1 . ASP A 1 143 ? 14.75220  11.36451  -4.55591  1.000 22.49439 ? 143 ASP A OD1 1 
ATOM   1015 O OD2 . ASP A 1 143 ? 16.30546  9.93704   -5.12370  1.000 26.10118 ? 143 ASP A OD2 1 
ATOM   1016 N N   . GLY A 1 144 ? 15.13490  14.39431  -3.54345  1.000 23.88869 ? 144 GLY A N   1 
ATOM   1017 C CA  . GLY A 1 144 ? 15.11302  15.47214  -4.52061  1.000 20.76314 ? 144 GLY A CA  1 
ATOM   1018 C C   . GLY A 1 144 ? 14.80405  15.03244  -5.93345  1.000 20.12452 ? 144 GLY A C   1 
ATOM   1019 O O   . GLY A 1 144 ? 14.87894  15.85117  -6.85966  1.000 20.18502 ? 144 GLY A O   1 
ATOM   1020 N N   . ASN A 1 145 ? 14.45110  13.76301  -6.12537  1.000 21.03934 ? 145 ASN A N   1 
ATOM   1021 C CA  . ASN A 1 145 ? 14.09402  13.23444  -7.43249  1.000 20.45168 ? 145 ASN A CA  1 
ATOM   1022 C C   . ASN A 1 145 ? 12.71779  12.58469  -7.33979  1.000 19.70297 ? 145 ASN A C   1 
ATOM   1023 O O   . ASN A 1 145 ? 11.69476  13.27360  -7.42069  1.000 20.52049 ? 145 ASN A O   1 
ATOM   1024 C CB  . ASN A 1 145 ? 15.15551  12.23661  -7.89402  1.000 24.83603 ? 145 ASN A CB  1 
ATOM   1025 C CG  . ASN A 1 145 ? 14.91461  11.72615  -9.29401  1.000 28.05032 ? 145 ASN A CG  1 
ATOM   1026 O OD1 . ASN A 1 145 ? 13.88926  12.01074  -9.91422  1.000 31.49948 ? 145 ASN A OD1 1 
ATOM   1027 N ND2 . ASN A 1 145 ? 15.87202  10.97791  -9.80866  1.000 32.76687 ? 145 ASN A ND2 1 
ATOM   1028 N N   . MET A 1 146 ? 12.67103  11.26144  -7.16317  1.000 21.39269 ? 146 MET A N   1 
ATOM   1029 C CA  . MET A 1 146 ? 11.37184  10.62365  -6.98499  1.000 20.78824 ? 146 MET A CA  1 
ATOM   1030 C C   . MET A 1 146 ? 11.39244  9.53844   -5.91754  1.000 19.27939 ? 146 MET A C   1 
ATOM   1031 O O   . MET A 1 146 ? 10.47129  8.71260   -5.87395  1.000 19.04396 ? 146 MET A O   1 
ATOM   1032 C CB  . MET A 1 146 ? 10.87011  10.02351  -8.29570  1.000 23.11984 ? 146 MET A CB  1 
ATOM   1033 C CG  . MET A 1 146 ? 11.75815  8.93153   -8.84446  1.000 21.93703 ? 146 MET A CG  1 
ATOM   1034 S SD  . MET A 1 146 ? 11.19719  8.42942   -10.47602 1.000 33.82613 ? 146 MET A SD  1 
ATOM   1035 C CE  . MET A 1 146 ? 11.50047  9.92949   -11.39959 1.000 30.18532 ? 146 MET A CE  1 
ATOM   1036 N N   . SER A 1 147 ? 12.38023  9.53950   -5.02796  1.000 19.59223 ? 147 SER A N   1 
ATOM   1037 C CA  . SER A 1 147 ? 12.54306  8.44131   -4.09236  1.000 21.22134 ? 147 SER A CA  1 
ATOM   1038 C C   . SER A 1 147 ? 12.76881  8.95235   -2.67860  1.000 20.83385 ? 147 SER A C   1 
ATOM   1039 O O   . SER A 1 147 ? 13.01799  10.14068  -2.43770  1.000 21.35797 ? 147 SER A O   1 
ATOM   1040 C CB  . SER A 1 147 ? 13.69645  7.51946   -4.50963  1.000 21.35972 ? 147 SER A CB  1 
ATOM   1041 O OG  . SER A 1 147 ? 13.49221  7.05298   -5.83000  1.000 23.64425 ? 147 SER A OG  1 
ATOM   1042 N N   . VAL A 1 148 ? 12.62773  8.01998   -1.73950  1.000 19.77618 ? 148 VAL A N   1 
ATOM   1043 C CA  . VAL A 1 148 ? 12.89874  8.24416   -0.32861  1.000 19.96581 ? 148 VAL A CA  1 
ATOM   1044 C C   . VAL A 1 148 ? 13.77416  7.09914   0.16302   1.000 21.96975 ? 148 VAL A C   1 
ATOM   1045 O O   . VAL A 1 148 ? 13.46177  5.92767   -0.07936  1.000 24.10129 ? 148 VAL A O   1 
ATOM   1046 C CB  . VAL A 1 148 ? 11.59582  8.30930   0.49017   1.000 20.69182 ? 148 VAL A CB  1 
ATOM   1047 C CG1 . VAL A 1 148 ? 11.91148  8.39428   1.95237   1.000 23.47978 ? 148 VAL A CG1 1 
ATOM   1048 C CG2 . VAL A 1 148 ? 10.72811  9.47992   0.04594   1.000 20.10977 ? 148 VAL A CG2 1 
ATOM   1049 N N   . ALA A 1 149 ? 14.86552  7.42855   0.84610   1.000 23.37223 ? 149 ALA A N   1 
ATOM   1050 C CA  . ALA A 1 149 ? 15.62861  6.42160   1.57103   1.000 22.67539 ? 149 ALA A CA  1 
ATOM   1051 C C   . ALA A 1 149 ? 15.00181  6.21913   2.94205   1.000 21.97331 ? 149 ALA A C   1 
ATOM   1052 O O   . ALA A 1 149 ? 14.56472  7.17957   3.57841   1.000 22.59428 ? 149 ALA A O   1 
ATOM   1053 C CB  . ALA A 1 149 ? 17.09583  6.83568   1.70794   1.000 22.44616 ? 149 ALA A CB  1 
ATOM   1054 N N   . HIS A 1 150 ? 14.96340  4.96874   3.40281   1.000 22.50448 ? 150 HIS A N   1 
ATOM   1055 C CA  . HIS A 1 150 ? 14.28745  4.68684   4.66388   1.000 21.88290 ? 150 HIS A CA  1 
ATOM   1056 C C   . HIS A 1 150 ? 14.88575  3.45201   5.32171   1.000 24.70981 ? 150 HIS A C   1 
ATOM   1057 O O   . HIS A 1 150 ? 15.57122  2.64688   4.68532   1.000 23.64863 ? 150 HIS A O   1 
ATOM   1058 C CB  . HIS A 1 150 ? 12.77221  4.50964   4.47483   1.000 21.92179 ? 150 HIS A CB  1 
ATOM   1059 C CG  . HIS A 1 150 ? 12.38627  3.20546   3.85440   1.000 22.06496 ? 150 HIS A CG  1 
ATOM   1060 N ND1 . HIS A 1 150 ? 12.22954  2.04762   4.58693   1.000 21.75705 ? 150 HIS A ND1 1 
ATOM   1061 C CD2 . HIS A 1 150 ? 12.10091  2.88060   2.57154   1.000 24.90402 ? 150 HIS A CD2 1 
ATOM   1062 C CE1 . HIS A 1 150 ? 11.88543  1.06203   3.77722   1.000 26.61276 ? 150 HIS A CE1 1 
ATOM   1063 N NE2 . HIS A 1 150 ? 11.79913  1.54177   2.54896   1.000 24.44043 ? 150 HIS A NE2 1 
ATOM   1064 N N   . SER A 1 151 ? 14.61282  3.31918   6.62241   1.000 20.98103 ? 151 SER A N   1 
ATOM   1065 C CA  . SER A 1 151 ? 15.25328  2.30704   7.45502   1.000 23.00012 ? 151 SER A CA  1 
ATOM   1066 C C   . SER A 1 151 ? 14.27975  1.27129   8.02072   1.000 25.31416 ? 151 SER A C   1 
ATOM   1067 O O   . SER A 1 151 ? 14.63689  0.54079   8.95195   1.000 25.93892 ? 151 SER A O   1 
ATOM   1068 C CB  . SER A 1 151 ? 16.02175  2.98390   8.58629   1.000 22.06241 ? 151 SER A CB  1 
ATOM   1069 O OG  . SER A 1 151 ? 15.19664  3.87669   9.30842   1.000 26.40409 ? 151 SER A OG  1 
ATOM   1070 N N   . CYS A 1 152 ? 13.05846  1.19115   7.49613   1.000 24.33304 ? 152 CYS A N   1 
ATOM   1071 C CA  . CYS A 1 152 ? 12.11664  0.16640   7.93830   1.000 23.22069 ? 152 CYS A CA  1 
ATOM   1072 C C   . CYS A 1 152 ? 12.52191  -1.21557  7.43545   1.000 25.67478 ? 152 CYS A C   1 
ATOM   1073 O O   . CYS A 1 152 ? 12.73917  -1.40632  6.23602   1.000 25.53856 ? 152 CYS A O   1 
ATOM   1074 C CB  . CYS A 1 152 ? 10.70986  0.49723   7.44538   1.000 20.99718 ? 152 CYS A CB  1 
ATOM   1075 S SG  . CYS A 1 152 ? 10.06233  2.04443   8.09397   1.000 21.29394 ? 152 CYS A SG  1 
ATOM   1076 N N   . SER A 1 153 ? 12.57984  -2.19404  8.33879   1.000 25.09362 ? 153 SER A N   1 
ATOM   1077 C CA  . SER A 1 153 ? 12.72256  -3.57307  7.89134   1.000 25.45932 ? 153 SER A CA  1 
ATOM   1078 C C   . SER A 1 153 ? 11.44157  -4.04438  7.21630   1.000 24.76419 ? 153 SER A C   1 
ATOM   1079 O O   . SER A 1 153 ? 10.33162  -3.69361  7.62944   1.000 25.27802 ? 153 SER A O   1 
ATOM   1080 C CB  . SER A 1 153 ? 13.07480  -4.50694  9.05283   1.000 27.94488 ? 153 SER A CB  1 
ATOM   1081 O OG  . SER A 1 153 ? 14.07551  -3.95883  9.89353   1.000 34.47369 ? 153 SER A OG  1 
ATOM   1082 N N   . THR A 1 154 ? 11.60516  -4.84906  6.17209   1.000 22.25490 ? 154 THR A N   1 
ATOM   1083 C CA  . THR A 1 154 ? 10.49546  -5.42201  5.43168   1.000 22.88525 ? 154 THR A CA  1 
ATOM   1084 C C   . THR A 1 154 ? 10.86939  -6.84352  5.05468   1.000 26.02433 ? 154 THR A C   1 
ATOM   1085 O O   . THR A 1 154 ? 12.03168  -7.24558  5.13472   1.000 29.16332 ? 154 THR A O   1 
ATOM   1086 C CB  . THR A 1 154 ? 10.14513  -4.62826  4.15752   1.000 22.20908 ? 154 THR A CB  1 
ATOM   1087 O OG1 . THR A 1 154 ? 11.19215  -4.78357  3.19304   1.000 26.18850 ? 154 THR A OG1 1 
ATOM   1088 C CG2 . THR A 1 154 ? 9.92507   -3.13745  4.44557   1.000 22.43856 ? 154 THR A CG2 1 
ATOM   1089 N N   . ARG A 1 155 ? 9.86626   -7.59145  4.62781   1.000 23.45857 ? 155 ARG A N   1 
ATOM   1090 C CA  . ARG A 1 155 ? 9.95489   -8.97804  4.20699   1.000 22.92956 ? 155 ARG A CA  1 
ATOM   1091 C C   . ARG A 1 155 ? 9.38016   -9.07162  2.80568   1.000 24.89529 ? 155 ARG A C   1 
ATOM   1092 O O   . ARG A 1 155 ? 8.68664   -8.15385  2.35097   1.000 20.92364 ? 155 ARG A O   1 
ATOM   1093 C CB  . ARG A 1 155 ? 9.18644   -9.91289  5.15607   1.000 23.88385 ? 155 ARG A CB  1 
ATOM   1094 C CG  . ARG A 1 155 ? 9.76372   -10.01502 6.57316   1.000 27.74947 ? 155 ARG A CG  1 
ATOM   1095 C CD  . ARG A 1 155 ? 11.27969  -9.86145  6.60906   1.000 31.87265 ? 155 ARG A CD  1 
ATOM   1096 N NE  . ARG A 1 155 ? 11.81442  -9.83822  7.97318   1.000 38.81213 ? 155 ARG A NE  1 
ATOM   1097 C CZ  . ARG A 1 155 ? 12.62475  -8.88903  8.44040   1.000 39.40879 ? 155 ARG A CZ  1 
ATOM   1098 N NH1 . ARG A 1 155 ? 13.06998  -8.94039  9.68992   1.000 38.75828 ? 155 ARG A NH1 1 
ATOM   1099 N NH2 . ARG A 1 155 ? 12.99237  -7.88473  7.65529   1.000 36.53526 ? 155 ARG A NH2 1 
ATOM   1100 N N   . PRO A 1 156 ? 9.69444   -10.13334 2.06803   1.000 24.45543 ? 156 PRO A N   1 
ATOM   1101 C CA  . PRO A 1 156 ? 9.01718   -10.33422 0.78662   1.000 24.70844 ? 156 PRO A CA  1 
ATOM   1102 C C   . PRO A 1 156 ? 7.51789   -10.44616 1.00494   1.000 22.98465 ? 156 PRO A C   1 
ATOM   1103 O O   . PRO A 1 156 ? 7.05592   -10.99333 2.00741   1.000 26.51013 ? 156 PRO A O   1 
ATOM   1104 C CB  . PRO A 1 156 ? 9.61914   -11.64198 0.26382   1.000 24.78006 ? 156 PRO A CB  1 
ATOM   1105 C CG  . PRO A 1 156 ? 10.96085  -11.71017 0.90767   1.000 26.77952 ? 156 PRO A CG  1 
ATOM   1106 C CD  . PRO A 1 156 ? 10.76965  -11.11687 2.28101   1.000 26.82119 ? 156 PRO A CD  1 
ATOM   1107 N N   . GLY A 1 157 ? 6.76100   -9.88599  0.06317   1.000 22.13521 ? 157 GLY A N   1 
ATOM   1108 C CA  . GLY A 1 157 ? 5.33440   -9.70894  0.21124   1.000 20.46996 ? 157 GLY A CA  1 
ATOM   1109 C C   . GLY A 1 157 ? 4.90568   -8.38513  0.81361   1.000 19.63822 ? 157 GLY A C   1 
ATOM   1110 O O   . GLY A 1 157 ? 3.69271   -8.13045  0.89066   1.000 17.05473 ? 157 GLY A O   1 
ATOM   1111 N N   . TRP A 1 158 ? 5.85225   -7.54378  1.25281   1.000 18.61367 ? 158 TRP A N   1 
ATOM   1112 C CA  . TRP A 1 158 ? 5.58141   -6.17142  1.68715   1.000 17.56888 ? 158 TRP A CA  1 
ATOM   1113 C C   . TRP A 1 158 ? 5.64695   -5.16782  0.54495   1.000 15.28350 ? 158 TRP A C   1 
ATOM   1114 O O   . TRP A 1 158 ? 5.43564   -3.97362  0.78499   1.000 16.18532 ? 158 TRP A O   1 
ATOM   1115 C CB  . TRP A 1 158 ? 6.56159   -5.71741  2.78453   1.000 18.15860 ? 158 TRP A CB  1 
ATOM   1116 C CG  . TRP A 1 158 ? 6.40369   -6.40247  4.11872   1.000 19.25375 ? 158 TRP A CG  1 
ATOM   1117 C CD1 . TRP A 1 158 ? 6.09432   -7.71865  4.33922   1.000 18.46140 ? 158 TRP A CD1 1 
ATOM   1118 C CD2 . TRP A 1 158 ? 6.51439   -5.79859  5.41439   1.000 18.18457 ? 158 TRP A CD2 1 
ATOM   1119 N NE1 . TRP A 1 158 ? 6.03735   -7.97343  5.69024   1.000 17.25508 ? 158 TRP A NE1 1 
ATOM   1120 C CE2 . TRP A 1 158 ? 6.27807   -6.80880  6.37046   1.000 17.88677 ? 158 TRP A CE2 1 
ATOM   1121 C CE3 . TRP A 1 158 ? 6.78762   -4.50015  5.85914   1.000 17.96092 ? 158 TRP A CE3 1 
ATOM   1122 C CZ2 . TRP A 1 158 ? 6.31921   -6.56348  7.74508   1.000 19.20388 ? 158 TRP A CZ2 1 
ATOM   1123 C CZ3 . TRP A 1 158 ? 6.82481   -4.25939  7.22354   1.000 19.50308 ? 158 TRP A CZ3 1 
ATOM   1124 C CH2 . TRP A 1 158 ? 6.58925   -5.28360  8.14932   1.000 16.03934 ? 158 TRP A CH2 1 
ATOM   1125 N N   . ALA A 1 159 ? 5.95052   -5.61421  -0.67397  1.000 17.84399 ? 159 ALA A N   1 
ATOM   1126 C CA  . ALA A 1 159 ? 6.08180   -4.69627  -1.79509  1.000 17.07255 ? 159 ALA A CA  1 
ATOM   1127 C C   . ALA A 1 159 ? 4.79553   -3.89519  -1.97166  1.000 14.07959 ? 159 ALA A C   1 
ATOM   1128 O O   . ALA A 1 159 ? 3.69905   -4.44576  -1.94740  1.000 13.36112 ? 159 ALA A O   1 
ATOM   1129 C CB  . ALA A 1 159 ? 6.38580   -5.47821  -3.07020  1.000 19.59254 ? 159 ALA A CB  1 
ATOM   1130 N N   . GLY A 1 160 ? 4.94170   -2.59302  -2.17270  1.000 13.12792 ? 160 GLY A N   1 
ATOM   1131 C CA  . GLY A 1 160 ? 3.81088   -1.71234  -2.34398  1.000 14.71840 ? 160 GLY A CA  1 
ATOM   1132 C C   . GLY A 1 160 ? 3.24612   -1.12730  -1.07146  1.000 13.54069 ? 160 GLY A C   1 
ATOM   1133 O O   . GLY A 1 160 ? 2.35587   -0.27295  -1.15192  1.000 12.43310 ? 160 GLY A O   1 
ATOM   1134 N N   . THR A 1 161 ? 3.74088   -1.53410  0.10005   1.000 11.01266 ? 161 THR A N   1 
ATOM   1135 C CA  . THR A 1 161 ? 3.15240   -1.03761  1.33374   1.000 12.13742 ? 161 THR A CA  1 
ATOM   1136 C C   . THR A 1 161 ? 3.55928   0.41754   1.57675   1.000 14.09572 ? 161 THR A C   1 
ATOM   1137 O O   . THR A 1 161 ? 4.68997   0.80823   1.28015   1.000 14.28211 ? 161 THR A O   1 
ATOM   1138 C CB  . THR A 1 161 ? 3.53323   -1.93360  2.52436   1.000 13.75699 ? 161 THR A CB  1 
ATOM   1139 O OG1 . THR A 1 161 ? 2.53015   -1.80856  3.54529   1.000 13.47619 ? 161 THR A OG1 1 
ATOM   1140 C CG2 . THR A 1 161 ? 4.89854   -1.59537  3.11332   1.000 13.63794 ? 161 THR A CG2 1 
ATOM   1141 N N   . PRO A 1 162 ? 2.64370   1.25449   2.05670   1.000 12.96399 ? 162 PRO A N   1 
ATOM   1142 C CA  . PRO A 1 162 ? 2.99621   2.65714   2.32986   1.000 11.13344 ? 162 PRO A CA  1 
ATOM   1143 C C   . PRO A 1 162 ? 3.95642   2.81040   3.49807   1.000 13.20224 ? 162 PRO A C   1 
ATOM   1144 O O   . PRO A 1 162 ? 4.03388   1.96652   4.39379   1.000 14.15238 ? 162 PRO A O   1 
ATOM   1145 C CB  . PRO A 1 162 ? 1.65182   3.32289   2.64587   1.000 15.40196 ? 162 PRO A CB  1 
ATOM   1146 C CG  . PRO A 1 162 ? 0.61202   2.35650   2.20624   1.000 13.28825 ? 162 PRO A CG  1 
ATOM   1147 C CD  . PRO A 1 162 ? 1.21657   0.99048   2.29330   1.000 13.21525 ? 162 PRO A CD  1 
ATOM   1148 N N   . LEU A 1 163 ? 4.70832   3.90796   3.47915   1.000 12.42572 ? 163 LEU A N   1 
ATOM   1149 C CA  . LEU A 1 163 ? 5.32023   4.41293   4.70216   1.000 12.63318 ? 163 LEU A CA  1 
ATOM   1150 C C   . LEU A 1 163 ? 4.38103   5.46399   5.28205   1.000 14.68710 ? 163 LEU A C   1 
ATOM   1151 O O   . LEU A 1 163 ? 4.07969   6.46392   4.61496   1.000 14.89037 ? 163 LEU A O   1 
ATOM   1152 C CB  . LEU A 1 163 ? 6.70248   5.00953   4.43866   1.000 14.35863 ? 163 LEU A CB  1 
ATOM   1153 C CG  . LEU A 1 163 ? 7.70765   4.10244   3.72945   1.000 17.68626 ? 163 LEU A CG  1 
ATOM   1154 C CD1 . LEU A 1 163 ? 9.06685   4.80224   3.65076   1.000 17.65571 ? 163 LEU A CD1 1 
ATOM   1155 C CD2 . LEU A 1 163 ? 7.83871   2.75806   4.42726   1.000 19.73659 ? 163 LEU A CD2 1 
ATOM   1156 N N   . TYR A 1 164 ? 3.90192   5.23452   6.50670   1.000 13.57707 ? 164 TYR A N   1 
ATOM   1157 C CA  . TYR A 1 164 ? 3.00201   6.17447   7.16165   1.000 13.27802 ? 164 TYR A CA  1 
ATOM   1158 C C   . TYR A 1 164 ? 3.80351   7.09867   8.06355   1.000 16.70463 ? 164 TYR A C   1 
ATOM   1159 O O   . TYR A 1 164 ? 4.58604   6.63342   8.89539   1.000 16.29677 ? 164 TYR A O   1 
ATOM   1160 C CB  . TYR A 1 164 ? 1.93296   5.44493   7.99053   1.000 13.36520 ? 164 TYR A CB  1 
ATOM   1161 C CG  . TYR A 1 164 ? 0.87399   4.70259   7.18352   1.000 13.46716 ? 164 TYR A CG  1 
ATOM   1162 C CD1 . TYR A 1 164 ? 1.09276   3.40744   6.73195   1.000 13.91646 ? 164 TYR A CD1 1 
ATOM   1163 C CD2 . TYR A 1 164 ? -0.35110  5.29684   6.89685   1.000 13.52187 ? 164 TYR A CD2 1 
ATOM   1164 C CE1 . TYR A 1 164 ? 0.12641   2.73158   6.00701   1.000 12.29898 ? 164 TYR A CE1 1 
ATOM   1165 C CE2 . TYR A 1 164 ? -1.32573  4.62856   6.18149   1.000 14.82496 ? 164 TYR A CE2 1 
ATOM   1166 C CZ  . TYR A 1 164 ? -1.07913  3.34078   5.73723   1.000 13.61497 ? 164 TYR A CZ  1 
ATOM   1167 O OH  . TYR A 1 164 ? -2.02721  2.66597   5.00562   1.000 14.30186 ? 164 TYR A OH  1 
ATOM   1168 N N   . ALA A 1 165 ? 3.59785   8.40090   7.90547   1.000 17.67722 ? 165 ALA A N   1 
ATOM   1169 C CA  . ALA A 1 165 ? 4.08733   9.40916   8.84107   1.000 19.00965 ? 165 ALA A CA  1 
ATOM   1170 C C   . ALA A 1 165 ? 2.87158   9.93041   9.58751   1.000 16.02472 ? 165 ALA A C   1 
ATOM   1171 O O   . ALA A 1 165 ? 2.06671   10.66524  9.01339   1.000 17.28592 ? 165 ALA A O   1 
ATOM   1172 C CB  . ALA A 1 165 ? 4.80614   10.54603  8.12076   1.000 17.18957 ? 165 ALA A CB  1 
ATOM   1173 N N   . GLY A 1 166 ? 2.71852   9.52837   10.84527  1.000 18.48945 ? 166 GLY A N   1 
ATOM   1174 C CA  . GLY A 1 166 ? 1.47337   9.82612   11.53435  1.000 19.63426 ? 166 GLY A CA  1 
ATOM   1175 C C   . GLY A 1 166 ? 0.28542   9.24472   10.78394  1.000 19.20453 ? 166 GLY A C   1 
ATOM   1176 O O   . GLY A 1 166 ? 0.23345   8.04699   10.47335  1.000 19.66289 ? 166 GLY A O   1 
ATOM   1177 N N   . SER A 1 167 ? -0.69285  10.10852  10.51182  1.000 19.08302 ? 167 SER A N   1 
ATOM   1178 C CA  . SER A 1 167 ? -1.90048  9.73126   9.78455   1.000 21.33755 ? 167 SER A CA  1 
ATOM   1179 C C   . SER A 1 167 ? -1.67229  9.55515   8.28535   1.000 21.08839 ? 167 SER A C   1 
ATOM   1180 O O   . SER A 1 167 ? -2.47023  8.88427   7.62060   1.000 19.17273 ? 167 SER A O   1 
ATOM   1181 C CB  . SER A 1 167 ? -2.97610  10.80593  10.00284  1.000 23.44910 ? 167 SER A CB  1 
ATOM   1182 O OG  . SER A 1 167 ? -3.57579  10.65570  11.27214  1.000 34.63554 ? 167 SER A OG  1 
ATOM   1183 N N   . ASP A 1 168 ? -0.61496  10.13374  7.73700   1.000 17.12759 ? 168 ASP A N   1 
ATOM   1184 C CA  . ASP A 1 168 ? -0.51108  10.33904  6.30174   1.000 14.06080 ? 168 ASP A CA  1 
ATOM   1185 C C   . ASP A 1 168 ? 0.48240   9.37061   5.67968   1.000 15.50265 ? 168 ASP A C   1 
ATOM   1186 O O   . ASP A 1 168 ? 1.35210   8.81554   6.35661   1.000 15.44093 ? 168 ASP A O   1 
ATOM   1187 C CB  . ASP A 1 168 ? -0.07449  11.77712  5.99830   1.000 15.95892 ? 168 ASP A CB  1 
ATOM   1188 C CG  . ASP A 1 168 ? -0.99027  12.81259  6.63108   1.000 22.71898 ? 168 ASP A CG  1 
ATOM   1189 O OD1 . ASP A 1 168 ? -2.23040  12.64483  6.58380   1.000 22.73985 ? 168 ASP A OD1 1 
ATOM   1190 O OD2 . ASP A 1 168 ? -0.45645  13.79467  7.19309   1.000 26.59449 ? 168 ASP A OD2 1 
ATOM   1191 N N   . ILE A 1 169 ? 0.35080   9.18374   4.36617   1.000 13.81317 ? 169 ILE A N   1 
ATOM   1192 C CA  . ILE A 1 169 ? 1.28383   8.36759   3.58909   1.000 13.66684 ? 169 ILE A CA  1 
ATOM   1193 C C   . ILE A 1 169 ? 2.28341   9.28221   2.88845   1.000 13.28949 ? 169 ILE A C   1 
ATOM   1194 O O   . ILE A 1 169 ? 1.88713   10.23360  2.20470   1.000 14.55946 ? 169 ILE A O   1 
ATOM   1195 C CB  . ILE A 1 169 ? 0.53866   7.49188   2.57028   1.000 13.59465 ? 169 ILE A CB  1 
ATOM   1196 C CG1 . ILE A 1 169 ? -0.31960  6.46363   3.32060   1.000 12.58560 ? 169 ILE A CG1 1 
ATOM   1197 C CG2 . ILE A 1 169 ? 1.53158   6.83595   1.60598   1.000 12.80622 ? 169 ILE A CG2 1 
ATOM   1198 C CD1 . ILE A 1 169 ? -1.35601  5.74396   2.46836   1.000 12.41723 ? 169 ILE A CD1 1 
ATOM   1199 N N   . VAL A 1 170 ? 3.57311   8.96301   3.00902   1.000 14.05996 ? 170 VAL A N   1 
ATOM   1200 C CA  . VAL A 1 170 ? 4.62357   9.76561   2.38843   1.000 13.81557 ? 170 VAL A CA  1 
ATOM   1201 C C   . VAL A 1 170 ? 5.44493   8.99320   1.36398   1.000 17.26754 ? 170 VAL A C   1 
ATOM   1202 O O   . VAL A 1 170 ? 6.20069   9.62594   0.60428   1.000 17.34999 ? 170 VAL A O   1 
ATOM   1203 C CB  . VAL A 1 170 ? 5.55826   10.40314  3.44506   1.000 13.53692 ? 170 VAL A CB  1 
ATOM   1204 C CG1 . VAL A 1 170 ? 4.75660   11.21031  4.45524   1.000 15.80199 ? 170 VAL A CG1 1 
ATOM   1205 C CG2 . VAL A 1 170 ? 6.41866   9.34344   4.14239   1.000 15.13577 ? 170 VAL A CG2 1 
ATOM   1206 N N   . ALA A 1 171 ? 5.31832   7.66404   1.28960   1.000 14.87515 ? 171 ALA A N   1 
ATOM   1207 C CA  . ALA A 1 171 ? 6.10070   6.87642   0.34152   1.000 12.92725 ? 171 ALA A CA  1 
ATOM   1208 C C   . ALA A 1 171 ? 5.44118   5.52334   0.10986   1.000 12.12762 ? 171 ALA A C   1 
ATOM   1209 O O   . ALA A 1 171 ? 4.56217   5.09866   0.86392   1.000 13.35251 ? 171 ALA A O   1 
ATOM   1210 C CB  . ALA A 1 171 ? 7.53174   6.67088   0.82521   1.000 16.28868 ? 171 ALA A CB  1 
ATOM   1211 N N   . ILE A 1 172 ? 5.89595   4.84644   -0.94818  1.000 11.60101 ? 172 ILE A N   1 
ATOM   1212 C CA  . ILE A 1 172 ? 5.48241   3.47738   -1.26327  1.000 13.03602 ? 172 ILE A CA  1 
ATOM   1213 C C   . ILE A 1 172 ? 6.73049   2.60907   -1.32521  1.000 16.38412 ? 172 ILE A C   1 
ATOM   1214 O O   . ILE A 1 172 ? 7.62649   2.86100   -2.14344  1.000 16.99519 ? 172 ILE A O   1 
ATOM   1215 C CB  . ILE A 1 172 ? 4.71257   3.40395   -2.59062  1.000 14.79190 ? 172 ILE A CB  1 
ATOM   1216 C CG1 . ILE A 1 172 ? 3.43968   4.26300   -2.52057  1.000 13.42863 ? 172 ILE A CG1 1 
ATOM   1217 C CG2 . ILE A 1 172 ? 4.42791   1.93989   -2.95534  1.000 15.78974 ? 172 ILE A CG2 1 
ATOM   1218 C CD1 . ILE A 1 172 ? 2.37722   3.74071   -1.55599  1.000 13.57008 ? 172 ILE A CD1 1 
ATOM   1219 N N   . HIS A 1 173 ? 6.79718   1.59817   -0.45958  1.000 14.43253 ? 173 HIS A N   1 
ATOM   1220 C CA  . HIS A 1 173 ? 7.90747   0.64922   -0.49116  1.000 17.27355 ? 173 HIS A CA  1 
ATOM   1221 C C   . HIS A 1 173 ? 7.90993   -0.13853  -1.80098  1.000 18.87811 ? 173 HIS A C   1 
ATOM   1222 O O   . HIS A 1 173 ? 6.86377   -0.57848  -2.28060  1.000 18.66930 ? 173 HIS A O   1 
ATOM   1223 C CB  . HIS A 1 173 ? 7.79794   -0.28910  0.71635   1.000 15.75089 ? 173 HIS A CB  1 
ATOM   1224 C CG  . HIS A 1 173 ? 8.71980   -1.46584  0.67062   1.000 21.45104 ? 173 HIS A CG  1 
ATOM   1225 N ND1 . HIS A 1 173 ? 10.08439  -1.34631  0.82085   1.000 24.74445 ? 173 HIS A ND1 1 
ATOM   1226 C CD2 . HIS A 1 173 ? 8.46802   -2.79008  0.53942   1.000 18.57384 ? 173 HIS A CD2 1 
ATOM   1227 C CE1 . HIS A 1 173 ? 10.63691  -2.54423  0.75246   1.000 25.73144 ? 173 HIS A CE1 1 
ATOM   1228 N NE2 . HIS A 1 173 ? 9.67789   -3.43803  0.58416   1.000 24.42126 ? 173 HIS A NE2 1 
ATOM   1229 N N   . ARG A 1 174 ? 9.09717   -0.32183  -2.38881  1.000 19.52861 ? 174 ARG A N   1 
ATOM   1230 C CA  . ARG A 1 174 ? 9.20826   -0.97273  -3.69531  1.000 21.60210 ? 174 ARG A CA  1 
ATOM   1231 C C   . ARG A 1 174 ? 9.50745   -2.46659  -3.58819  1.000 24.44637 ? 174 ARG A C   1 
ATOM   1232 O O   . ARG A 1 174 ? 8.71378   -3.29734  -4.04189  1.000 25.95256 ? 174 ARG A O   1 
ATOM   1233 C CB  . ARG A 1 174 ? 10.28302  -0.28150  -4.54733  1.000 22.80782 ? 174 ARG A CB  1 
ATOM   1234 C CG  . ARG A 1 174 ? 9.94414   1.16107   -4.88351  1.000 21.08486 ? 174 ARG A CG  1 
ATOM   1235 C CD  . ARG A 1 174 ? 10.57198  1.60191   -6.18633  1.000 27.86927 ? 174 ARG A CD  1 
ATOM   1236 N NE  . ARG A 1 174 ? 11.97050  1.97682   -6.04696  1.000 31.62116 ? 174 ARG A NE  1 
ATOM   1237 C CZ  . ARG A 1 174 ? 12.40483  3.23511   -6.02504  1.000 31.40527 ? 174 ARG A CZ  1 
ATOM   1238 N NH1 . ARG A 1 174 ? 13.70064  3.49402   -5.90874  1.000 32.26590 ? 174 ARG A NH1 1 
ATOM   1239 N NH2 . ARG A 1 174 ? 11.54325  4.23706   -6.11995  1.000 33.87857 ? 174 ARG A NH2 1 
ATOM   1240 N N   . ARG A 1 175 ? 10.64218  -2.82827  -2.99564  1.000 22.13458 ? 175 ARG A N   1 
ATOM   1241 C CA  . ARG A 1 175 ? 11.06991  -4.22162  -3.00325  1.000 28.57330 ? 175 ARG A CA  1 
ATOM   1242 C C   . ARG A 1 175 ? 11.96768  -4.47745  -1.80359  1.000 30.67172 ? 175 ARG A C   1 
ATOM   1243 O O   . ARG A 1 175 ? 12.61018  -3.56440  -1.27911  1.000 32.05139 ? 175 ARG A O   1 
ATOM   1244 C CB  . ARG A 1 175 ? 11.80105  -4.57073  -4.30754  1.000 32.29786 ? 175 ARG A CB  1 
ATOM   1245 C CG  . ARG A 1 175 ? 11.78792  -6.05271  -4.67692  1.000 33.76591 ? 175 ARG A CG  1 
ATOM   1246 C CD  . ARG A 1 175 ? 10.37451  -6.64413  -4.65715  1.000 31.14268 ? 175 ARG A CD  1 
ATOM   1247 N NE  . ARG A 1 175 ? 10.04656  -7.28251  -3.38125  1.000 32.40720 ? 175 ARG A NE  1 
ATOM   1248 C CZ  . ARG A 1 175 ? 8.96804   -8.03147  -3.17153  1.000 26.77862 ? 175 ARG A CZ  1 
ATOM   1249 N NH1 . ARG A 1 175 ? 8.09532   -8.24370  -4.14548  1.000 22.44885 ? 175 ARG A NH1 1 
ATOM   1250 N NH2 . ARG A 1 175 ? 8.75932   -8.56456  -1.98441  1.000 27.45811 ? 175 ARG A NH2 1 
ATOM   1251 N N   . TRP A 1 176 ? 12.00435  -5.73751  -1.37993  1.000 31.20037 ? 176 TRP A N   1 
ATOM   1252 C CA  . TRP A 1 176 ? 12.89468  -6.15522  -0.30228  1.000 33.81795 ? 176 TRP A CA  1 
ATOM   1253 C C   . TRP A 1 176 ? 14.32289  -6.32778  -0.82518  1.000 35.92344 ? 176 TRP A C   1 
ATOM   1254 O O   . TRP A 1 176 ? 15.29374  -5.99526  -0.14226  1.000 41.55250 ? 176 TRP A O   1 
ATOM   1255 C CB  . TRP A 1 176 ? 12.39755  -7.45801  0.33397   1.000 32.57027 ? 176 TRP A CB  1 
ATOM   1256 N N   . ASN A 1 183 ? 17.04780  0.45174   1.71786   1.000 40.68700 ? 183 ASN A N   1 
ATOM   1257 C CA  . ASN A 1 183 ? 15.79803  0.39763   0.96661   1.000 34.82335 ? 183 ASN A CA  1 
ATOM   1258 C C   . ASN A 1 183 ? 15.38763  1.77406   0.44879   1.000 33.20750 ? 183 ASN A C   1 
ATOM   1259 O O   . ASN A 1 183 ? 15.44130  2.76991   1.17913   1.000 30.64060 ? 183 ASN A O   1 
ATOM   1260 C CB  . ASN A 1 183 ? 14.67374  -0.18258  1.83020   1.000 33.99608 ? 183 ASN A CB  1 
ATOM   1261 C CG  . ASN A 1 183 ? 14.39088  -1.63721  1.51939   1.000 37.62723 ? 183 ASN A CG  1 
ATOM   1262 O OD1 . ASN A 1 183 ? 14.42928  -2.05489  0.36130   1.000 40.16857 ? 183 ASN A OD1 1 
ATOM   1263 N ND2 . ASN A 1 183 ? 14.09472  -2.41710  2.55295   1.000 39.85537 ? 183 ASN A ND2 1 
ATOM   1264 N N   . LEU A 1 184 ? 14.97308  1.82253   -0.81597  1.000 34.62592 ? 184 LEU A N   1 
ATOM   1265 C CA  . LEU A 1 184 ? 14.49835  3.04771   -1.45013  1.000 31.75461 ? 184 LEU A CA  1 
ATOM   1266 C C   . LEU A 1 184 ? 13.02955  2.89215   -1.81240  1.000 29.83666 ? 184 LEU A C   1 
ATOM   1267 O O   . LEU A 1 184 ? 12.68169  2.05155   -2.64681  1.000 27.93170 ? 184 LEU A O   1 
ATOM   1268 C CB  . LEU A 1 184 ? 15.31403  3.38445   -2.70191  1.000 32.50777 ? 184 LEU A CB  1 
ATOM   1269 C CG  . LEU A 1 184 ? 16.70511  3.98623   -2.49928  1.000 37.57242 ? 184 LEU A CG  1 
ATOM   1270 C CD1 . LEU A 1 184 ? 17.07385  4.89001   -3.66886  1.000 41.04959 ? 184 LEU A CD1 1 
ATOM   1271 C CD2 . LEU A 1 184 ? 16.78841  4.74319   -1.19460  1.000 35.17032 ? 184 LEU A CD2 1 
ATOM   1272 N N   . ALA A 1 185 ? 12.17984  3.70119   -1.18663  1.000 22.23339 ? 185 ALA A N   1 
ATOM   1273 C CA  . ALA A 1 185 ? 10.76643  3.79416   -1.51103  1.000 21.98447 ? 185 ALA A CA  1 
ATOM   1274 C C   . ALA A 1 185 ? 10.53000  4.93890   -2.49185  1.000 21.68170 ? 185 ALA A C   1 
ATOM   1275 O O   . ALA A 1 185 ? 11.36816  5.82833   -2.65769  1.000 23.24524 ? 185 ALA A O   1 
ATOM   1276 C CB  . ALA A 1 185 ? 9.94464   4.00433   -0.24207  1.000 17.77559 ? 185 ALA A CB  1 
ATOM   1277 N N   . THR A 1 186 ? 9.38288   4.90621   -3.15962  1.000 20.47012 ? 186 THR A N   1 
ATOM   1278 C CA  . THR A 1 186 ? 9.01963   6.02066   -4.02440  1.000 18.28658 ? 186 THR A CA  1 
ATOM   1279 C C   . THR A 1 186 ? 8.37821   7.13660   -3.21160  1.000 15.41411 ? 186 THR A C   1 
ATOM   1280 O O   . THR A 1 186 ? 7.50380   6.89405   -2.37474  1.000 15.58195 ? 186 THR A O   1 
ATOM   1281 C CB  . THR A 1 186 ? 8.07742   5.56299   -5.13509  1.000 17.87212 ? 186 THR A CB  1 
ATOM   1282 O OG1 . THR A 1 186 ? 8.79281   4.69339   -6.01875  1.000 21.39879 ? 186 THR A OG1 1 
ATOM   1283 C CG2 . THR A 1 186 ? 7.54753   6.75143   -5.93144  1.000 21.07636 ? 186 THR A CG2 1 
ATOM   1284 N N   . ASN A 1 187 ? 8.81410   8.36481   -3.47262  1.000 16.20734 ? 187 ASN A N   1 
ATOM   1285 C CA  . ASN A 1 187 ? 8.20687   9.55651   -2.88855  1.000 13.08241 ? 187 ASN A CA  1 
ATOM   1286 C C   . ASN A 1 187 ? 6.85025   9.73970   -3.55472  1.000 14.90434 ? 187 ASN A C   1 
ATOM   1287 O O   . ASN A 1 187 ? 6.75677   10.19721  -4.69557  1.000 14.82715 ? 187 ASN A O   1 
ATOM   1288 C CB  . ASN A 1 187 ? 9.12592   10.76070  -3.10548  1.000 12.04454 ? 187 ASN A CB  1 
ATOM   1289 C CG  . ASN A 1 187 ? 8.56443   12.04278  -2.55279  1.000 15.26829 ? 187 ASN A CG  1 
ATOM   1290 O OD1 . ASN A 1 187 ? 7.40120   12.11677  -2.15345  1.000 13.20388 ? 187 ASN A OD1 1 
ATOM   1291 N ND2 . ASN A 1 187 ? 9.40032   13.09028  -2.53574  1.000 13.18861 ? 187 ASN A ND2 1 
ATOM   1292 N N   . LEU A 1 188 ? 5.78600   9.34934   -2.84694  1.000 14.48181 ? 188 LEU A N   1 
ATOM   1293 C CA  . LEU A 1 188 ? 4.47384   9.25901   -3.47983  1.000 14.08428 ? 188 LEU A CA  1 
ATOM   1294 C C   . LEU A 1 188 ? 3.97174   10.61589  -3.95220  1.000 14.09121 ? 188 LEU A C   1 
ATOM   1295 O O   . LEU A 1 188 ? 3.30860   10.69931  -4.99722  1.000 15.03998 ? 188 LEU A O   1 
ATOM   1296 C CB  . LEU A 1 188 ? 3.48009   8.61339   -2.51003  1.000 13.21494 ? 188 LEU A CB  1 
ATOM   1297 C CG  . LEU A 1 188 ? 2.10184   8.34417   -3.09541  1.000 15.65630 ? 188 LEU A CG  1 
ATOM   1298 C CD1 . LEU A 1 188 ? 2.21464   7.56315   -4.40111  1.000 15.11023 ? 188 LEU A CD1 1 
ATOM   1299 C CD2 . LEU A 1 188 ? 1.21708   7.59902   -2.08779  1.000 12.72263 ? 188 LEU A CD2 1 
ATOM   1300 N N   . SER A 1 189 ? 4.32171   11.69239  -3.23998  1.000 14.99755 ? 189 SER A N   1 
ATOM   1301 C CA  . SER A 1 189 ? 3.78203   13.00320  -3.58599  1.000 14.95095 ? 189 SER A CA  1 
ATOM   1302 C C   . SER A 1 189 ? 4.21295   13.42546  -4.98425  1.000 15.11759 ? 189 SER A C   1 
ATOM   1303 O O   . SER A 1 189 ? 3.52125   14.22301  -5.63367  1.000 15.87040 ? 189 SER A O   1 
ATOM   1304 C CB  . SER A 1 189 ? 4.20664   14.03630  -2.53865  1.000 17.79860 ? 189 SER A CB  1 
ATOM   1305 O OG  . SER A 1 189 ? 5.61490   14.18284  -2.49056  1.000 15.48470 ? 189 SER A OG  1 
ATOM   1306 N N   . ILE A 1 190 ? 5.34152   12.89050  -5.46567  1.000 13.56880 ? 190 ILE A N   1 
ATOM   1307 C CA  . ILE A 1 190 ? 5.83570   13.22295  -6.79855  1.000 13.94145 ? 190 ILE A CA  1 
ATOM   1308 C C   . ILE A 1 190 ? 4.85367   12.75509  -7.86286  1.000 13.16319 ? 190 ILE A C   1 
ATOM   1309 O O   . ILE A 1 190 ? 4.38327   13.54064  -8.69483  1.000 14.34458 ? 190 ILE A O   1 
ATOM   1310 C CB  . ILE A 1 190 ? 7.23191   12.60845  -7.00466  1.000 13.71885 ? 190 ILE A CB  1 
ATOM   1311 C CG1 . ILE A 1 190 ? 8.18856   13.12102  -5.92579  1.000 17.10662 ? 190 ILE A CG1 1 
ATOM   1312 C CG2 . ILE A 1 190 ? 7.75343   12.82680  -8.42853  1.000 16.15748 ? 190 ILE A CG2 1 
ATOM   1313 C CD1 . ILE A 1 190 ? 8.15304   14.63754  -5.72721  1.000 13.56549 ? 190 ILE A CD1 1 
ATOM   1314 N N   . PHE A 1 191 ? 4.50679   11.46450  -7.83447  1.000 14.18175 ? 191 PHE A N   1 
ATOM   1315 C CA  . PHE A 1 191 ? 3.58429   10.92340  -8.82450  1.000 16.39715 ? 191 PHE A CA  1 
ATOM   1316 C C   . PHE A 1 191 ? 2.14188   11.27075  -8.50839  1.000 12.97081 ? 191 PHE A C   1 
ATOM   1317 O O   . PHE A 1 191 ? 1.32339   11.38726  -9.42864  1.000 12.87169 ? 191 PHE A O   1 
ATOM   1318 C CB  . PHE A 1 191 ? 3.77864   9.41207   -8.92507  1.000 15.43649 ? 191 PHE A CB  1 
ATOM   1319 C CG  . PHE A 1 191 ? 5.07188   9.04116   -9.56661  1.000 19.19308 ? 191 PHE A CG  1 
ATOM   1320 C CD1 . PHE A 1 191 ? 5.19127   9.04621   -10.94488 1.000 22.60572 ? 191 PHE A CD1 1 
ATOM   1321 C CD2 . PHE A 1 191 ? 6.18517   8.75015   -8.79885  1.000 17.24896 ? 191 PHE A CD2 1 
ATOM   1322 C CE1 . PHE A 1 191 ? 6.39428   8.72431   -11.55038 1.000 27.37230 ? 191 PHE A CE1 1 
ATOM   1323 C CE2 . PHE A 1 191 ? 7.39143   8.43085   -9.39801  1.000 22.73628 ? 191 PHE A CE2 1 
ATOM   1324 C CZ  . PHE A 1 191 ? 7.49514   8.41588   -10.77337 1.000 26.61790 ? 191 PHE A CZ  1 
ATOM   1325 N N   . HIS A 1 192 ? 1.83598   11.50222  -7.23171  1.000 13.65277 ? 192 HIS A N   1 
ATOM   1326 C CA  . HIS A 1 192 ? 0.49590   11.90654  -6.83068  1.000 16.03052 ? 192 HIS A CA  1 
ATOM   1327 C C   . HIS A 1 192 ? 0.11247   13.26950  -7.37765  1.000 17.09721 ? 192 HIS A C   1 
ATOM   1328 O O   . HIS A 1 192 ? -1.07799  13.60358  -7.39908  1.000 17.78508 ? 192 HIS A O   1 
ATOM   1329 C CB  . HIS A 1 192 ? 0.37488   11.91432  -5.30897  1.000 15.08874 ? 192 HIS A CB  1 
ATOM   1330 C CG  . HIS A 1 192 ? -1.01755  11.68296  -4.82757  1.000 14.45690 ? 192 HIS A CG  1 
ATOM   1331 N ND1 . HIS A 1 192 ? -1.67133  10.48360  -5.00614  1.000 15.11483 ? 192 HIS A ND1 1 
ATOM   1332 C CD2 . HIS A 1 192 ? -1.89073  12.49778  -4.19114  1.000 16.23151 ? 192 HIS A CD2 1 
ATOM   1333 C CE1 . HIS A 1 192 ? -2.88550  10.56739  -4.49539  1.000 16.07798 ? 192 HIS A CE1 1 
ATOM   1334 N NE2 . HIS A 1 192 ? -3.04485  11.77793  -3.99510  1.000 14.87276 ? 192 HIS A NE2 1 
ATOM   1335 N N   . ALA A 1 193 ? 1.09270   14.07020  -7.80292  1.000 14.14699 ? 193 ALA A N   1 
ATOM   1336 C CA  . ALA A 1 193 ? 0.80470   15.34569  -8.43848  1.000 14.38472 ? 193 ALA A CA  1 
ATOM   1337 C C   . ALA A 1 193 ? 0.06564   15.17754  -9.76065  1.000 15.23505 ? 193 ALA A C   1 
ATOM   1338 O O   . ALA A 1 193 ? -0.47442  16.15828  -10.28116 1.000 17.59400 ? 193 ALA A O   1 
ATOM   1339 C CB  . ALA A 1 193 ? 2.10519   16.12887  -8.64892  1.000 15.91523 ? 193 ALA A CB  1 
ATOM   1340 N N   . ASN A 1 194 ? 0.04899   13.96767  -10.32661 1.000 16.13341 ? 194 ASN A N   1 
ATOM   1341 C CA  . ASN A 1 194 ? -0.78451  13.68910  -11.49434 1.000 16.81445 ? 194 ASN A CA  1 
ATOM   1342 C C   . ASN A 1 194 ? -2.27352  13.83473  -11.19676 1.000 17.15713 ? 194 ASN A C   1 
ATOM   1343 O O   . ASN A 1 194 ? -3.06449  14.01441  -12.13162 1.000 19.35825 ? 194 ASN A O   1 
ATOM   1344 C CB  . ASN A 1 194 ? -0.51603  12.27909  -12.00571 1.000 16.64174 ? 194 ASN A CB  1 
ATOM   1345 C CG  . ASN A 1 194 ? 0.71645   12.19283  -12.87368 1.000 14.88258 ? 194 ASN A CG  1 
ATOM   1346 O OD1 . ASN A 1 194 ? 0.71202   12.62634  -14.01983 1.000 15.73573 ? 194 ASN A OD1 1 
ATOM   1347 N ND2 . ASN A 1 194 ? 1.77578   11.61745  -12.33137 1.000 13.91368 ? 194 ASN A ND2 1 
ATOM   1348 N N   . CYS A 1 195 ? -2.67540  13.72062  -9.93314  1.000 18.42714 ? 195 CYS A N   1 
ATOM   1349 C CA  . CYS A 1 195 ? -4.07605  13.89757  -9.54574  1.000 21.19325 ? 195 CYS A CA  1 
ATOM   1350 C C   . CYS A 1 195 ? -4.55982  15.30228  -9.90682  1.000 23.22531 ? 195 CYS A C   1 
ATOM   1351 O O   . CYS A 1 195 ? -5.73946  15.48303  -10.22793 1.000 25.63764 ? 195 CYS A O   1 
ATOM   1352 C CB  . CYS A 1 195 ? -4.28007  13.63076  -8.04431  1.000 18.18619 ? 195 CYS A CB  1 
ATOM   1353 S SG  . CYS A 1 195 ? -4.00871  11.88960  -7.53270  1.000 22.95572 ? 195 CYS A SG  1 
HETATM 1354 O O   . HOH B 2 .   ? -9.38647  -10.67455 -12.04134 1.000 15.96380 ? 201 HOH A O   1 
HETATM 1355 O O   . HOH B 2 .   ? -13.35515 6.41470   -4.30595  1.000 19.70221 ? 202 HOH A O   1 
HETATM 1356 O O   . HOH B 2 .   ? -5.21591  5.21874   6.91815   1.000 14.66383 ? 203 HOH A O   1 
HETATM 1357 O O   . HOH B 2 .   ? -3.68897  -15.85360 -8.08067  1.000 16.04089 ? 204 HOH A O   1 
HETATM 1358 O O   . HOH B 2 .   ? -2.08666  -17.57909 -14.59670 1.000 16.16126 ? 205 HOH A O   1 
HETATM 1359 O O   . HOH B 2 .   ? 4.91946   11.63641  -0.44566  1.000 18.68747 ? 206 HOH A O   1 
HETATM 1360 O O   . HOH B 2 .   ? -7.44353  12.64943  -11.20414 1.000 22.45053 ? 207 HOH A O   1 
HETATM 1361 O O   . HOH B 2 .   ? -14.35574 -6.98569  -16.18140 1.000 25.96702 ? 208 HOH A O   1 
HETATM 1362 O O   . HOH B 2 .   ? -1.24193  13.55480  -15.48897 1.000 23.35071 ? 209 HOH A O   1 
HETATM 1363 O O   . HOH B 2 .   ? 6.56568   14.11239  6.19665   1.000 23.80614 ? 210 HOH A O   1 
HETATM 1364 O O   . HOH B 2 .   ? -5.38603  -6.48767  11.07222  1.000 15.12768 ? 211 HOH A O   1 
HETATM 1365 O O   . HOH B 2 .   ? 2.37619   0.09208   5.36867   1.000 12.79683 ? 212 HOH A O   1 
HETATM 1366 O O   . HOH B 2 .   ? 3.27641   -13.09290 2.42755   1.000 24.83110 ? 213 HOH A O   1 
HETATM 1367 O O   . HOH B 2 .   ? -11.35479 12.64978  -2.27429  1.000 20.79788 ? 214 HOH A O   1 
HETATM 1368 O O   . HOH B 2 .   ? 0.67199   0.77295   14.47484  1.000 20.50110 ? 215 HOH A O   1 
HETATM 1369 O O   . HOH B 2 .   ? 9.26797   18.21027  2.28943   1.000 26.46432 ? 216 HOH A O   1 
HETATM 1370 O O   . HOH B 2 .   ? 0.66773   4.07175   11.07176  1.000 17.21930 ? 217 HOH A O   1 
HETATM 1371 O O   . HOH B 2 .   ? -14.39565 -8.17425  -8.38297  1.000 20.81579 ? 218 HOH A O   1 
HETATM 1372 O O   . HOH B 2 .   ? -11.21259 -16.59791 -9.91375  1.000 23.93877 ? 219 HOH A O   1 
HETATM 1373 O O   . HOH B 2 .   ? 14.76360  8.99795   -7.19191  1.000 21.36525 ? 220 HOH A O   1 
HETATM 1374 O O   . HOH B 2 .   ? -3.15114  -7.91447  12.21523  1.000 16.25553 ? 221 HOH A O   1 
HETATM 1375 O O   . HOH B 2 .   ? 2.74599   -0.80610  15.51778  1.000 22.32787 ? 222 HOH A O   1 
HETATM 1376 O O   . HOH B 2 .   ? -12.01873 1.71148   -12.90238 1.000 21.00011 ? 223 HOH A O   1 
HETATM 1377 O O   . HOH B 2 .   ? -3.63179  -15.13574 3.92296   1.000 23.20919 ? 224 HOH A O   1 
HETATM 1378 O O   . HOH B 2 .   ? -15.20316 -6.49139  -12.53078 1.000 19.63577 ? 225 HOH A O   1 
HETATM 1379 O O   . HOH B 2 .   ? -4.00773  -10.40908 4.08771   1.000 19.92694 ? 226 HOH A O   1 
HETATM 1380 O O   . HOH B 2 .   ? -1.95882  -0.54933  15.66832  1.000 19.48611 ? 227 HOH A O   1 
HETATM 1381 O O   . HOH B 2 .   ? -8.99517  -4.08561  9.70825   1.000 13.99412 ? 228 HOH A O   1 
HETATM 1382 O O   . HOH B 2 .   ? -19.74815 3.00207   -1.46778  1.000 17.58012 ? 229 HOH A O   1 
HETATM 1383 O O   . HOH B 2 .   ? -10.32629 3.87417   -5.83884  1.000 12.00296 ? 230 HOH A O   1 
HETATM 1384 O O   . HOH B 2 .   ? 9.25095   -6.29995  0.41220   1.000 23.70136 ? 231 HOH A O   1 
HETATM 1385 O O   . HOH B 2 .   ? 10.71630  6.00471   13.90495  1.000 23.80916 ? 232 HOH A O   1 
HETATM 1386 O O   . HOH B 2 .   ? 2.67769   -12.26218 9.41742   1.000 16.84303 ? 233 HOH A O   1 
HETATM 1387 O O   . HOH B 2 .   ? -12.85830 -6.19353  5.53481   1.000 15.32828 ? 234 HOH A O   1 
HETATM 1388 O O   . HOH B 2 .   ? -4.39714  10.25803  6.20215   1.000 21.59451 ? 235 HOH A O   1 
HETATM 1389 O O   . HOH B 2 .   ? 2.93037   -8.55645  3.50879   1.000 21.17313 ? 236 HOH A O   1 
HETATM 1390 O O   . HOH B 2 .   ? -17.63336 0.05654   4.80883   1.000 20.04558 ? 237 HOH A O   1 
HETATM 1391 O O   . HOH B 2 .   ? -6.19290  -6.34328  7.52430   1.000 12.58192 ? 238 HOH A O   1 
HETATM 1392 O O   . HOH B 2 .   ? -7.75399  -6.91920  17.75415  1.000 21.52478 ? 239 HOH A O   1 
HETATM 1393 O O   . HOH B 2 .   ? -12.00598 -3.47102  7.59377   1.000 17.86829 ? 240 HOH A O   1 
HETATM 1394 O O   . HOH B 2 .   ? -3.46253  -6.08979  -12.98536 1.000 14.74348 ? 241 HOH A O   1 
HETATM 1395 O O   . HOH B 2 .   ? -3.55672  6.54924   8.67179   1.000 18.34156 ? 242 HOH A O   1 
HETATM 1396 O O   . HOH B 2 .   ? -6.19419  -0.97983  -16.58656 1.000 22.17825 ? 243 HOH A O   1 
HETATM 1397 O O   . HOH B 2 .   ? 1.34413   -2.58758  17.23355  1.000 18.55783 ? 244 HOH A O   1 
HETATM 1398 O O   . HOH B 2 .   ? 0.91273   -15.06504 3.00463   1.000 15.91223 ? 245 HOH A O   1 
HETATM 1399 O O   . HOH B 2 .   ? 5.58543   -10.69506 6.16141   1.000 24.53187 ? 246 HOH A O   1 
HETATM 1400 O O   . HOH B 2 .   ? 1.62457   16.11211  -4.79249  1.000 20.73291 ? 247 HOH A O   1 
HETATM 1401 O O   . HOH B 2 .   ? 5.79747   10.81191  11.60560  1.000 24.37287 ? 248 HOH A O   1 
HETATM 1402 O O   . HOH B 2 .   ? 8.19528   5.12805   13.50947  1.000 25.28052 ? 249 HOH A O   1 
HETATM 1403 O O   . HOH B 2 .   ? -6.80545  -4.01460  -10.86796 1.000 15.40475 ? 250 HOH A O   1 
HETATM 1404 O O   . HOH B 2 .   ? 2.11191   13.59855  -16.26795 1.000 20.08820 ? 251 HOH A O   1 
HETATM 1405 O O   . HOH B 2 .   ? -7.54943  -17.88236 -10.74220 1.000 19.44724 ? 252 HOH A O   1 
HETATM 1406 O O   . HOH B 2 .   ? -10.70629 6.96026   -8.93446  1.000 19.59125 ? 253 HOH A O   1 
HETATM 1407 O O   . HOH B 2 .   ? -7.26471  1.38237   12.98707  1.000 23.98375 ? 254 HOH A O   1 
HETATM 1408 O O   . HOH B 2 .   ? -5.83553  -13.40865 9.19482   1.000 19.21126 ? 255 HOH A O   1 
HETATM 1409 O O   . HOH B 2 .   ? -7.98364  -0.62322  9.69951   1.000 18.68721 ? 256 HOH A O   1 
HETATM 1410 O O   . HOH B 2 .   ? -4.09173  12.43029  -0.85685  1.000 20.05292 ? 257 HOH A O   1 
HETATM 1411 O O   . HOH B 2 .   ? -14.44878 -11.43134 -4.89937  1.000 14.71671 ? 258 HOH A O   1 
HETATM 1412 O O   . HOH B 2 .   ? -13.77642 5.05463   -6.83824  1.000 22.63998 ? 259 HOH A O   1 
HETATM 1413 O O   . HOH B 2 .   ? -7.57339  6.45261   6.56821   1.000 20.28187 ? 260 HOH A O   1 
HETATM 1414 O O   . HOH B 2 .   ? 2.67198   -11.13478 14.31643  0.484 15.89024 ? 261 HOH A O   1 
HETATM 1415 O O   . HOH B 2 .   ? 0.09917   17.05217  -12.97471 1.000 17.41523 ? 262 HOH A O   1 
HETATM 1416 O O   . HOH B 2 .   ? 7.05391   -1.65608  15.06595  1.000 22.32774 ? 263 HOH A O   1 
HETATM 1417 O O   . HOH B 2 .   ? 4.26488   7.14701   11.74212  1.000 20.90095 ? 264 HOH A O   1 
HETATM 1418 O O   . HOH B 2 .   ? 17.59000  10.33427  0.48616   1.000 26.98899 ? 265 HOH A O   1 
HETATM 1419 O O   . HOH B 2 .   ? 5.18936   -11.50406 8.91791   1.000 26.20927 ? 266 HOH A O   1 
HETATM 1420 O O   . HOH B 2 .   ? -6.87308  4.78188   10.37458  1.000 22.15021 ? 267 HOH A O   1 
HETATM 1421 O O   . HOH B 2 .   ? -12.63152 7.49527   3.19274   1.000 24.97689 ? 268 HOH A O   1 
HETATM 1422 O O   . HOH B 2 .   ? -8.55770  -11.11273 4.26830   1.000 16.38690 ? 269 HOH A O   1 
HETATM 1423 O O   . HOH B 2 .   ? -16.18166 -4.13870  10.06002  1.000 24.92904 ? 270 HOH A O   1 
HETATM 1424 O O   . HOH B 2 .   ? -5.80616  2.06378   -17.71168 1.000 20.68443 ? 271 HOH A O   1 
HETATM 1425 O O   . HOH B 2 .   ? 1.92233   6.11675   11.99481  1.000 22.93747 ? 272 HOH A O   1 
HETATM 1426 O O   . HOH B 2 .   ? -4.06340  -3.64735  -14.27558 1.000 15.88371 ? 273 HOH A O   1 
HETATM 1427 O O   . HOH B 2 .   ? -9.94566  -1.87986  10.95142  1.000 19.26912 ? 274 HOH A O   1 
HETATM 1428 O O   . HOH B 2 .   ? -5.77612  -2.12125  -12.73503 1.000 15.05574 ? 275 HOH A O   1 
HETATM 1429 O O   . HOH B 2 .   ? -5.13686  -17.14815 -10.58461 1.000 14.60118 ? 276 HOH A O   1 
HETATM 1430 O O   . HOH B 2 .   ? -14.46970 -12.32493 1.58136   1.000 22.31667 ? 277 HOH A O   1 
HETATM 1431 O O   . HOH B 2 .   ? 1.00408   -13.66204 -11.97420 1.000 21.59354 ? 278 HOH A O   1 
HETATM 1432 O O   . HOH B 2 .   ? 16.02329  14.15939  -10.15382 1.000 35.19415 ? 279 HOH A O   1 
HETATM 1433 O O   . HOH B 2 .   ? -13.44147 -3.33649  9.64034   1.000 20.71330 ? 280 HOH A O   1 
HETATM 1434 O O   . HOH B 2 .   ? 7.12919   -13.13550 13.28725  1.000 24.79284 ? 281 HOH A O   1 
HETATM 1435 O O   . HOH B 2 .   ? 6.27104   3.58005   -11.95200 1.000 26.33151 ? 282 HOH A O   1 
HETATM 1436 O O   . HOH B 2 .   ? -1.66630  5.63540   10.34840  1.000 20.87037 ? 283 HOH A O   1 
HETATM 1437 O O   . HOH B 2 .   ? -1.61170  -2.95428  17.29070  1.000 21.09697 ? 284 HOH A O   1 
HETATM 1438 O O   . HOH B 2 .   ? -6.31636  -9.35915  -10.82290 1.000 16.93329 ? 285 HOH A O   1 
HETATM 1439 O O   . HOH B 2 .   ? -2.60350  -18.88012 -6.03696  1.000 22.60159 ? 286 HOH A O   1 
HETATM 1440 O O   . HOH B 2 .   ? 4.15766   -11.15691 3.58887   1.000 23.54118 ? 287 HOH A O   1 
HETATM 1441 O O   . HOH B 2 .   ? 2.26108   17.99844  2.03278   1.000 23.60973 ? 288 HOH A O   1 
HETATM 1442 O O   . HOH B 2 .   ? 15.00124  13.63843  -12.59038 1.000 33.54182 ? 289 HOH A O   1 
HETATM 1443 O O   . HOH B 2 .   ? -4.15942  -4.70195  5.67085   1.000 21.56834 ? 290 HOH A O   1 
HETATM 1444 O O   . HOH B 2 .   ? -17.34439 -4.71611  7.08038   1.000 19.92324 ? 291 HOH A O   1 
HETATM 1445 O O   . HOH B 2 .   ? -5.45746  -6.46762  -11.02031 1.000 13.69704 ? 292 HOH A O   1 
HETATM 1446 O O   . HOH B 2 .   ? 5.96125   6.89960   13.72225  1.000 27.76106 ? 293 HOH A O   1 
HETATM 1447 O O   . HOH B 2 .   ? -5.76783  7.17145   10.08372  1.000 23.82015 ? 294 HOH A O   1 
HETATM 1448 O O   . HOH B 2 .   ? -16.36892 -0.75844  -12.78512 1.000 22.45799 ? 295 HOH A O   1 
HETATM 1449 O O   . HOH B 2 .   ? -14.13093 -8.99799  -11.42509 1.000 22.18381 ? 296 HOH A O   1 
HETATM 1450 O O   . HOH B 2 .   ? 3.53938   -12.85887 -12.76116 1.000 27.34720 ? 297 HOH A O   1 
HETATM 1451 O O   . HOH B 2 .   ? -0.90757  -16.27904 -8.51730  1.000 20.89532 ? 298 HOH A O   1 
HETATM 1452 O O   . HOH B 2 .   ? -0.45744  -17.86827 -10.63172 1.000 30.21406 ? 299 HOH A O   1 
# 
